data_3K17
#
_entry.id   3K17
#
_cell.length_a   105.966
_cell.length_b   122.362
_cell.length_c   138.000
_cell.angle_alpha   90.00
_cell.angle_beta   90.00
_cell.angle_gamma   90.00
#
_symmetry.space_group_name_H-M   'P 21 21 21'
#
loop_
_entity.id
_entity.type
_entity.pdbx_description
1 polymer 'Lin0012 protein'
2 non-polymer 'TRIETHYLENE GLYCOL'
3 water water
#
_entity_poly.entity_id   1
_entity_poly.type   'polypeptide(L)'
_entity_poly.pdbx_seq_one_letter_code
;(MSE)SLKNKLQVKIPGKLYVAGEYAVVESGHTAILTAVNRYITLTLEDSERNELWIPHYENPVSWPIGGELKPDGEHWT
FTAEAINIATTFLKSEGIELTPVK(MSE)VIETELIDQSGAKYGLGSSAAATVAVINAL(MSE)TKFYPEIS(MSE)LKK
FKLAALSHLVVQGNGSCGDIASC(MSE)YGGWIAYTTFDQEWVKHRLAYKSLEWF(MSE)KEPWP(MSE)LQIETLEEPV
PTFSVGWTGTPVSTGKLVSQIHAFKQEDSKNYQHFLTRNNEI(MSE)KQIIQAFHTKDEELLYSSIKENRRILQELGTKA
GVNIETSLLKELADSAEN(MSE)GGAGKSSGSGGGDCGIAFSKTKELAEKLVNEWEKLGIKHLPFHTGRVQITEGHHHHH
H
;
_entity_poly.pdbx_strand_id   A,B,C,D
#
loop_
_chem_comp.id
_chem_comp.type
_chem_comp.name
_chem_comp.formula
PGE non-polymer 'TRIETHYLENE GLYCOL' 'C6 H14 O4'
#
# COMPACT_ATOMS: atom_id res chain seq x y z
N ASN A 5 -41.08 17.54 -18.20
CA ASN A 5 -41.55 16.13 -18.20
C ASN A 5 -40.48 15.16 -17.68
N LYS A 6 -40.75 14.57 -16.53
CA LYS A 6 -39.83 13.62 -15.92
C LYS A 6 -40.35 12.20 -16.13
N LEU A 7 -39.44 11.23 -16.09
CA LEU A 7 -39.80 9.84 -16.24
C LEU A 7 -39.77 9.21 -14.85
N GLN A 8 -40.88 8.60 -14.45
CA GLN A 8 -40.95 7.96 -13.13
C GLN A 8 -41.06 6.45 -13.27
N VAL A 9 -40.15 5.74 -12.61
CA VAL A 9 -40.15 4.27 -12.64
C VAL A 9 -40.33 3.73 -11.22
N LYS A 10 -41.34 2.89 -11.03
CA LYS A 10 -41.58 2.30 -9.74
C LYS A 10 -41.41 0.80 -9.84
N ILE A 11 -40.43 0.29 -9.09
CA ILE A 11 -40.12 -1.12 -9.06
C ILE A 11 -40.56 -1.69 -7.72
N PRO A 12 -41.38 -2.75 -7.76
CA PRO A 12 -41.88 -3.37 -6.53
C PRO A 12 -40.80 -4.22 -5.86
N GLY A 13 -40.92 -4.38 -4.55
CA GLY A 13 -40.00 -5.21 -3.80
C GLY A 13 -40.38 -6.65 -4.06
N LYS A 14 -39.64 -7.60 -3.49
CA LYS A 14 -39.92 -9.02 -3.72
C LYS A 14 -39.90 -9.85 -2.45
N LEU A 15 -40.55 -11.00 -2.53
CA LEU A 15 -40.62 -11.94 -1.42
C LEU A 15 -40.61 -13.35 -1.98
N TYR A 16 -39.62 -14.15 -1.55
CA TYR A 16 -39.58 -15.54 -1.96
C TYR A 16 -40.74 -16.20 -1.25
N VAL A 17 -41.42 -17.12 -1.93
CA VAL A 17 -42.55 -17.81 -1.33
C VAL A 17 -42.19 -19.27 -1.07
N ALA A 18 -41.36 -19.84 -1.94
CA ALA A 18 -40.93 -21.23 -1.83
C ALA A 18 -39.71 -21.49 -2.71
N GLY A 19 -38.91 -22.48 -2.34
CA GLY A 19 -37.75 -22.83 -3.13
C GLY A 19 -36.44 -22.12 -2.80
N GLU A 20 -36.43 -21.33 -1.73
CA GLU A 20 -35.22 -20.61 -1.35
C GLU A 20 -34.05 -21.55 -1.05
N TYR A 21 -32.85 -21.04 -1.33
CA TYR A 21 -31.59 -21.76 -1.15
C TYR A 21 -31.34 -22.72 -2.30
N ALA A 22 -32.29 -23.60 -2.56
CA ALA A 22 -32.14 -24.56 -3.65
C ALA A 22 -32.11 -23.80 -4.97
N VAL A 23 -32.85 -22.70 -5.02
CA VAL A 23 -32.95 -21.90 -6.22
C VAL A 23 -31.60 -21.37 -6.73
N VAL A 24 -30.58 -21.34 -5.88
CA VAL A 24 -29.28 -20.86 -6.34
C VAL A 24 -28.71 -21.86 -7.33
N GLU A 25 -29.15 -23.12 -7.24
CA GLU A 25 -28.68 -24.16 -8.16
C GLU A 25 -29.30 -23.96 -9.52
N SER A 26 -28.48 -24.11 -10.57
CA SER A 26 -28.95 -23.94 -11.94
C SER A 26 -30.16 -24.82 -12.22
N GLY A 27 -31.08 -24.32 -13.03
CA GLY A 27 -32.26 -25.09 -13.39
C GLY A 27 -33.26 -25.35 -12.28
N HIS A 28 -32.97 -24.87 -11.07
CA HIS A 28 -33.92 -25.06 -9.98
C HIS A 28 -34.95 -23.94 -9.98
N THR A 29 -36.12 -24.23 -9.42
CA THR A 29 -37.20 -23.26 -9.44
C THR A 29 -37.70 -22.75 -8.09
N ALA A 30 -38.09 -21.48 -8.07
CA ALA A 30 -38.65 -20.86 -6.88
C ALA A 30 -39.88 -20.06 -7.26
N ILE A 31 -40.74 -19.84 -6.29
CA ILE A 31 -41.96 -19.06 -6.49
C ILE A 31 -41.71 -17.72 -5.78
N LEU A 32 -42.09 -16.62 -6.41
CA LEU A 32 -41.91 -15.30 -5.78
C LEU A 32 -43.07 -14.40 -6.12
N THR A 33 -43.31 -13.43 -5.25
CA THR A 33 -44.33 -12.45 -5.51
C THR A 33 -43.72 -11.08 -5.28
N ALA A 34 -44.10 -10.11 -6.10
CA ALA A 34 -43.61 -8.76 -5.94
C ALA A 34 -44.57 -8.17 -4.89
N VAL A 35 -44.13 -7.13 -4.18
CA VAL A 35 -44.99 -6.52 -3.15
C VAL A 35 -45.32 -5.07 -3.46
N ASN A 36 -46.37 -4.60 -2.81
CA ASN A 36 -46.85 -3.23 -2.97
C ASN A 36 -46.01 -2.17 -2.25
N ARG A 37 -44.68 -2.31 -2.30
CA ARG A 37 -43.75 -1.37 -1.67
C ARG A 37 -42.69 -1.18 -2.75
N TYR A 38 -42.40 0.07 -3.07
CA TYR A 38 -41.52 0.37 -4.18
C TYR A 38 -40.26 1.20 -3.99
N ILE A 39 -39.39 1.04 -4.98
CA ILE A 39 -38.20 1.83 -5.11
C ILE A 39 -38.69 2.71 -6.25
N THR A 40 -38.47 4.02 -6.17
CA THR A 40 -38.91 4.94 -7.21
C THR A 40 -37.71 5.65 -7.81
N LEU A 41 -37.54 5.53 -9.12
CA LEU A 41 -36.43 6.21 -9.79
C LEU A 41 -37.01 7.27 -10.74
N THR A 42 -36.67 8.53 -10.47
CA THR A 42 -37.15 9.64 -11.30
C THR A 42 -35.99 10.10 -12.20
N LEU A 43 -36.21 10.10 -13.50
CA LEU A 43 -35.19 10.48 -14.47
C LEU A 43 -35.59 11.68 -15.29
N GLU A 44 -34.62 12.55 -15.58
CA GLU A 44 -34.87 13.74 -16.37
C GLU A 44 -33.59 14.15 -17.06
N ASP A 45 -33.71 14.96 -18.12
CA ASP A 45 -32.54 15.43 -18.83
C ASP A 45 -31.87 16.46 -17.95
N SER A 46 -30.56 16.58 -18.07
CA SER A 46 -29.78 17.53 -17.29
C SER A 46 -28.57 17.93 -18.11
N GLU A 47 -27.77 18.83 -17.57
CA GLU A 47 -26.56 19.30 -18.25
C GLU A 47 -25.44 18.28 -18.09
N ARG A 48 -25.44 17.61 -16.94
CA ARG A 48 -24.43 16.60 -16.64
C ARG A 48 -25.10 15.42 -15.92
N ASN A 49 -24.48 14.26 -16.01
CA ASN A 49 -25.03 13.07 -15.35
C ASN A 49 -25.12 13.27 -13.86
N GLU A 50 -26.17 12.74 -13.27
CA GLU A 50 -26.36 12.86 -11.83
C GLU A 50 -27.12 11.65 -11.29
N LEU A 51 -26.57 11.03 -10.25
CA LEU A 51 -27.24 9.89 -9.63
C LEU A 51 -27.34 10.17 -8.14
N TRP A 52 -28.54 10.01 -7.60
CA TRP A 52 -28.80 10.20 -6.19
C TRP A 52 -29.42 8.90 -5.68
N ILE A 53 -28.91 8.39 -4.56
CA ILE A 53 -29.50 7.18 -3.98
C ILE A 53 -29.75 7.46 -2.50
N PRO A 54 -30.66 6.71 -1.88
CA PRO A 54 -30.98 6.91 -0.47
C PRO A 54 -29.83 6.95 0.50
N HIS A 55 -28.85 6.07 0.31
CA HIS A 55 -27.73 6.03 1.25
C HIS A 55 -26.90 7.31 1.34
N TYR A 56 -26.74 8.03 0.22
CA TYR A 56 -25.92 9.23 0.23
C TYR A 56 -26.72 10.53 0.15
N GLU A 57 -26.22 11.56 0.81
CA GLU A 57 -26.89 12.86 0.79
C GLU A 57 -26.61 13.59 -0.53
N ASN A 58 -25.44 13.35 -1.09
CA ASN A 58 -25.08 14.01 -2.33
C ASN A 58 -24.95 13.03 -3.50
N PRO A 59 -25.20 13.52 -4.72
CA PRO A 59 -25.11 12.71 -5.94
C PRO A 59 -23.67 12.56 -6.40
N VAL A 60 -23.47 11.69 -7.39
CA VAL A 60 -22.17 11.50 -8.01
C VAL A 60 -22.43 11.78 -9.49
N SER A 61 -21.39 12.14 -10.22
CA SER A 61 -21.53 12.41 -11.64
C SER A 61 -20.49 11.60 -12.37
N TRP A 62 -20.64 11.54 -13.69
CA TRP A 62 -19.72 10.80 -14.52
C TRP A 62 -19.86 11.31 -15.95
N PRO A 63 -18.81 11.18 -16.76
CA PRO A 63 -18.85 11.66 -18.16
C PRO A 63 -19.97 11.07 -19.00
N ILE A 64 -20.48 11.88 -19.92
CA ILE A 64 -21.54 11.46 -20.82
C ILE A 64 -21.04 10.30 -21.65
N GLY A 65 -21.79 9.19 -21.64
CA GLY A 65 -21.39 8.02 -22.39
C GLY A 65 -20.20 7.32 -21.77
N GLY A 66 -19.75 7.84 -20.63
CA GLY A 66 -18.59 7.26 -19.97
C GLY A 66 -18.92 6.32 -18.82
N GLU A 67 -17.89 5.95 -18.07
CA GLU A 67 -18.03 5.05 -16.95
C GLU A 67 -18.32 5.75 -15.63
N LEU A 68 -19.15 5.12 -14.80
CA LEU A 68 -19.45 5.67 -13.49
C LEU A 68 -18.72 4.75 -12.52
N LYS A 69 -17.73 5.30 -11.81
CA LYS A 69 -16.98 4.49 -10.87
C LYS A 69 -16.67 5.26 -9.60
N PRO A 70 -17.70 5.59 -8.81
CA PRO A 70 -17.53 6.35 -7.55
C PRO A 70 -16.79 5.54 -6.49
N ASP A 71 -16.33 6.21 -5.43
CA ASP A 71 -15.60 5.54 -4.36
C ASP A 71 -16.49 4.84 -3.34
N GLY A 72 -17.63 5.42 -3.03
CA GLY A 72 -18.52 4.83 -2.04
C GLY A 72 -18.97 3.40 -2.33
N GLU A 73 -18.90 2.56 -1.30
CA GLU A 73 -19.30 1.16 -1.41
C GLU A 73 -20.77 0.95 -1.74
N HIS A 74 -21.62 1.86 -1.27
CA HIS A 74 -23.05 1.71 -1.51
C HIS A 74 -23.54 2.11 -2.88
N TRP A 75 -22.63 2.58 -3.74
CA TRP A 75 -22.97 2.98 -5.10
C TRP A 75 -22.87 1.77 -6.05
N THR A 76 -22.14 0.75 -5.62
CA THR A 76 -21.87 -0.40 -6.47
C THR A 76 -23.02 -1.00 -7.29
N PHE A 77 -24.13 -1.38 -6.65
CA PHE A 77 -25.20 -1.99 -7.44
C PHE A 77 -25.72 -1.09 -8.55
N THR A 78 -26.04 0.17 -8.22
CA THR A 78 -26.57 1.08 -9.23
C THR A 78 -25.53 1.53 -10.25
N ALA A 79 -24.28 1.69 -9.81
CA ALA A 79 -23.23 2.09 -10.74
C ALA A 79 -23.03 0.99 -11.76
N GLU A 80 -23.07 -0.26 -11.31
CA GLU A 80 -22.88 -1.38 -12.21
C GLU A 80 -24.00 -1.46 -13.24
N ALA A 81 -25.23 -1.22 -12.79
CA ALA A 81 -26.39 -1.25 -13.68
C ALA A 81 -26.25 -0.15 -14.74
N ILE A 82 -25.77 1.02 -14.32
CA ILE A 82 -25.57 2.13 -15.24
C ILE A 82 -24.47 1.81 -16.24
N ASN A 83 -23.41 1.18 -15.77
CA ASN A 83 -22.28 0.83 -16.63
C ASN A 83 -22.66 -0.23 -17.67
N ILE A 84 -23.35 -1.27 -17.24
CA ILE A 84 -23.75 -2.31 -18.18
C ILE A 84 -24.79 -1.77 -19.17
N ALA A 85 -25.69 -0.91 -18.70
CA ALA A 85 -26.71 -0.34 -19.59
C ALA A 85 -26.03 0.53 -20.63
N THR A 86 -25.03 1.28 -20.19
CA THR A 86 -24.27 2.15 -21.06
C THR A 86 -23.54 1.35 -22.14
N THR A 87 -22.91 0.26 -21.74
CA THR A 87 -22.19 -0.59 -22.68
C THR A 87 -23.17 -1.23 -23.67
N PHE A 88 -24.36 -1.57 -23.18
CA PHE A 88 -25.37 -2.16 -24.06
C PHE A 88 -25.86 -1.14 -25.09
N LEU A 89 -26.18 0.05 -24.62
CA LEU A 89 -26.67 1.10 -25.51
C LEU A 89 -25.65 1.46 -26.58
N LYS A 90 -24.37 1.47 -26.23
CA LYS A 90 -23.36 1.80 -27.23
C LYS A 90 -23.26 0.68 -28.28
N SER A 91 -23.50 -0.55 -27.86
CA SER A 91 -23.44 -1.67 -28.80
C SER A 91 -24.57 -1.55 -29.81
N GLU A 92 -25.66 -0.91 -29.41
CA GLU A 92 -26.81 -0.72 -30.30
C GLU A 92 -26.68 0.59 -31.07
N GLY A 93 -25.56 1.29 -30.88
CA GLY A 93 -25.35 2.55 -31.58
C GLY A 93 -26.18 3.69 -31.03
N ILE A 94 -26.59 3.57 -29.77
CA ILE A 94 -27.40 4.61 -29.13
C ILE A 94 -26.51 5.63 -28.44
N GLU A 95 -26.82 6.91 -28.64
CA GLU A 95 -26.02 7.97 -28.03
C GLU A 95 -26.56 8.36 -26.66
N LEU A 96 -25.71 8.26 -25.65
CA LEU A 96 -26.11 8.63 -24.32
C LEU A 96 -26.12 10.15 -24.17
N THR A 97 -27.13 10.67 -23.49
CA THR A 97 -27.22 12.09 -23.25
C THR A 97 -27.29 12.25 -21.74
N PRO A 98 -26.83 13.39 -21.21
CA PRO A 98 -26.85 13.61 -19.76
C PRO A 98 -28.21 13.53 -19.10
N VAL A 99 -28.29 12.77 -18.01
CA VAL A 99 -29.55 12.63 -17.27
C VAL A 99 -29.34 12.64 -15.76
N LYS A 100 -30.37 13.10 -15.05
CA LYS A 100 -30.36 13.14 -13.60
C LYS A 100 -31.32 12.05 -13.14
N MSE A 101 -30.84 11.20 -12.24
CA MSE A 101 -31.67 10.10 -11.72
C MSE A 101 -31.68 10.14 -10.20
O MSE A 101 -30.62 10.19 -9.57
CB MSE A 101 -31.13 8.76 -12.20
CG MSE A 101 -31.29 8.50 -13.70
SE MSE A 101 -30.62 6.74 -14.22
CE MSE A 101 -28.75 7.21 -14.48
N VAL A 102 -32.88 10.10 -9.64
CA VAL A 102 -33.06 10.13 -8.19
C VAL A 102 -33.82 8.90 -7.73
N ILE A 103 -33.19 8.11 -6.87
CA ILE A 103 -33.82 6.92 -6.34
C ILE A 103 -34.31 7.10 -4.91
N GLU A 104 -35.57 6.75 -4.68
CA GLU A 104 -36.18 6.83 -3.36
C GLU A 104 -36.62 5.41 -3.03
N THR A 105 -36.85 5.12 -1.75
CA THR A 105 -37.28 3.78 -1.36
C THR A 105 -38.37 3.70 -0.29
N GLU A 106 -39.15 2.62 -0.35
CA GLU A 106 -40.22 2.34 0.59
C GLU A 106 -39.92 0.93 1.11
N LEU A 107 -38.76 0.42 0.76
CA LEU A 107 -38.40 -0.94 1.17
C LEU A 107 -37.72 -0.97 2.54
N ILE A 108 -37.86 0.13 3.27
CA ILE A 108 -37.25 0.23 4.59
C ILE A 108 -38.29 0.61 5.65
N ASP A 109 -38.03 0.20 6.87
CA ASP A 109 -38.90 0.48 7.99
C ASP A 109 -38.72 1.95 8.45
N GLN A 110 -39.65 2.43 9.25
CA GLN A 110 -39.58 3.80 9.77
C GLN A 110 -38.24 4.02 10.49
N SER A 111 -37.74 2.96 11.13
CA SER A 111 -36.47 3.04 11.86
C SER A 111 -35.25 3.09 10.95
N GLY A 112 -35.46 2.84 9.66
CA GLY A 112 -34.35 2.88 8.73
C GLY A 112 -33.79 1.53 8.33
N ALA A 113 -34.26 0.46 8.97
CA ALA A 113 -33.80 -0.90 8.67
C ALA A 113 -34.52 -1.43 7.42
N LYS A 114 -33.78 -2.13 6.57
CA LYS A 114 -34.38 -2.72 5.37
C LYS A 114 -35.32 -3.87 5.79
N TYR A 115 -36.45 -3.99 5.12
CA TYR A 115 -37.42 -5.05 5.43
C TYR A 115 -36.95 -6.39 4.88
N GLY A 116 -36.02 -6.34 3.92
CA GLY A 116 -35.55 -7.56 3.30
C GLY A 116 -36.44 -7.86 2.11
N LEU A 117 -36.79 -6.82 1.37
CA LEU A 117 -37.65 -6.95 0.20
C LEU A 117 -36.90 -6.89 -1.13
N GLY A 118 -35.60 -7.15 -1.09
CA GLY A 118 -34.81 -7.13 -2.32
C GLY A 118 -34.32 -5.76 -2.73
N SER A 119 -33.87 -4.97 -1.77
CA SER A 119 -33.40 -3.63 -2.07
C SER A 119 -32.42 -3.54 -3.22
N SER A 120 -31.40 -4.40 -3.22
CA SER A 120 -30.38 -4.33 -4.29
C SER A 120 -30.95 -4.71 -5.66
N ALA A 121 -31.78 -5.74 -5.71
CA ALA A 121 -32.37 -6.14 -6.98
C ALA A 121 -33.30 -5.05 -7.51
N ALA A 122 -34.16 -4.53 -6.64
CA ALA A 122 -35.11 -3.50 -7.05
C ALA A 122 -34.43 -2.26 -7.60
N ALA A 123 -33.32 -1.86 -6.97
CA ALA A 123 -32.59 -0.69 -7.42
C ALA A 123 -31.99 -0.98 -8.80
N THR A 124 -31.40 -2.15 -8.93
CA THR A 124 -30.79 -2.55 -10.21
C THR A 124 -31.85 -2.51 -11.32
N VAL A 125 -33.00 -3.11 -11.06
CA VAL A 125 -34.08 -3.16 -12.04
C VAL A 125 -34.61 -1.76 -12.37
N ALA A 126 -34.64 -0.87 -11.38
CA ALA A 126 -35.11 0.49 -11.60
C ALA A 126 -34.17 1.23 -12.57
N VAL A 127 -32.87 1.06 -12.38
CA VAL A 127 -31.91 1.70 -13.26
C VAL A 127 -32.03 1.17 -14.69
N ILE A 128 -32.08 -0.15 -14.84
CA ILE A 128 -32.19 -0.73 -16.18
C ILE A 128 -33.46 -0.26 -16.87
N ASN A 129 -34.59 -0.33 -16.16
CA ASN A 129 -35.85 0.10 -16.75
C ASN A 129 -35.85 1.58 -17.11
N ALA A 130 -35.30 2.40 -16.21
CA ALA A 130 -35.25 3.85 -16.47
C ALA A 130 -34.40 4.20 -17.69
N LEU A 131 -33.24 3.57 -17.84
CA LEU A 131 -32.38 3.90 -18.97
C LEU A 131 -32.87 3.29 -20.28
N MSE A 132 -33.50 2.12 -20.22
CA MSE A 132 -34.01 1.52 -21.43
C MSE A 132 -35.24 2.29 -21.92
O MSE A 132 -35.38 2.57 -23.11
CB MSE A 132 -34.37 0.05 -21.22
CG MSE A 132 -33.17 -0.87 -21.00
SE MSE A 132 -31.80 -0.77 -22.36
CE MSE A 132 -30.62 0.53 -21.51
N THR A 133 -36.12 2.68 -20.99
CA THR A 133 -37.31 3.43 -21.36
C THR A 133 -36.89 4.75 -22.01
N LYS A 134 -35.82 5.34 -21.47
CA LYS A 134 -35.29 6.61 -21.96
C LYS A 134 -34.49 6.53 -23.26
N PHE A 135 -33.70 5.49 -23.44
CA PHE A 135 -32.85 5.38 -24.64
C PHE A 135 -33.12 4.27 -25.64
N TYR A 136 -33.84 3.22 -25.23
CA TYR A 136 -34.09 2.09 -26.12
C TYR A 136 -35.33 1.36 -25.60
N PRO A 137 -36.48 2.06 -25.55
CA PRO A 137 -37.77 1.55 -25.08
C PRO A 137 -38.34 0.29 -25.73
N GLU A 138 -37.94 0.01 -26.97
CA GLU A 138 -38.47 -1.17 -27.66
C GLU A 138 -37.89 -2.49 -27.13
N ILE A 139 -36.76 -2.41 -26.43
CA ILE A 139 -36.12 -3.62 -25.89
C ILE A 139 -37.09 -4.53 -25.15
N SER A 140 -36.88 -5.84 -25.26
CA SER A 140 -37.75 -6.81 -24.60
C SER A 140 -37.51 -6.88 -23.11
N MSE A 141 -38.52 -7.33 -22.37
CA MSE A 141 -38.38 -7.44 -20.93
C MSE A 141 -37.35 -8.50 -20.57
O MSE A 141 -36.65 -8.39 -19.56
CB MSE A 141 -39.71 -7.81 -20.27
CG MSE A 141 -39.63 -7.81 -18.75
SE MSE A 141 -41.34 -8.03 -17.90
CE MSE A 141 -42.22 -6.46 -18.65
N LEU A 142 -37.26 -9.54 -21.39
CA LEU A 142 -36.29 -10.61 -21.13
C LEU A 142 -34.85 -10.11 -21.28
N LYS A 143 -34.62 -9.24 -22.24
CA LYS A 143 -33.27 -8.71 -22.42
C LYS A 143 -32.94 -7.80 -21.23
N LYS A 144 -33.93 -7.05 -20.74
CA LYS A 144 -33.70 -6.20 -19.59
C LYS A 144 -33.40 -7.05 -18.36
N PHE A 145 -34.05 -8.20 -18.24
CA PHE A 145 -33.77 -9.08 -17.12
C PHE A 145 -32.31 -9.50 -17.19
N LYS A 146 -31.85 -9.85 -18.38
CA LYS A 146 -30.47 -10.29 -18.57
C LYS A 146 -29.47 -9.21 -18.18
N LEU A 147 -29.73 -7.97 -18.55
CA LEU A 147 -28.83 -6.88 -18.19
C LEU A 147 -28.81 -6.76 -16.65
N ALA A 148 -30.00 -6.73 -16.06
CA ALA A 148 -30.13 -6.60 -14.61
C ALA A 148 -29.52 -7.78 -13.86
N ALA A 149 -29.69 -8.98 -14.41
CA ALA A 149 -29.15 -10.19 -13.80
C ALA A 149 -27.62 -10.24 -13.84
N LEU A 150 -27.04 -9.91 -14.99
CA LEU A 150 -25.58 -9.90 -15.13
C LEU A 150 -25.01 -8.86 -14.15
N SER A 151 -25.63 -7.69 -14.12
CA SER A 151 -25.19 -6.62 -13.24
C SER A 151 -25.18 -7.07 -11.78
N HIS A 152 -26.33 -7.54 -11.32
CA HIS A 152 -26.49 -7.96 -9.95
C HIS A 152 -25.63 -9.15 -9.52
N LEU A 153 -25.46 -10.13 -10.40
CA LEU A 153 -24.67 -11.30 -10.02
C LEU A 153 -23.18 -11.00 -9.83
N VAL A 154 -22.58 -10.16 -10.69
CA VAL A 154 -21.16 -9.88 -10.47
C VAL A 154 -20.96 -8.98 -9.24
N VAL A 155 -21.95 -8.18 -8.88
CA VAL A 155 -21.78 -7.32 -7.70
C VAL A 155 -22.04 -8.14 -6.43
N GLN A 156 -23.15 -8.87 -6.40
CA GLN A 156 -23.47 -9.70 -5.25
C GLN A 156 -22.42 -10.84 -5.11
N GLY A 157 -21.95 -11.37 -6.22
CA GLY A 157 -20.98 -12.46 -6.16
C GLY A 157 -21.63 -13.82 -5.98
N ASN A 158 -22.96 -13.83 -5.92
CA ASN A 158 -23.74 -15.07 -5.76
C ASN A 158 -25.22 -14.73 -5.86
N GLY A 159 -26.08 -15.73 -5.69
CA GLY A 159 -27.51 -15.50 -5.78
C GLY A 159 -28.08 -16.05 -7.08
N SER A 160 -29.38 -16.31 -7.09
CA SER A 160 -30.06 -16.87 -8.25
C SER A 160 -30.61 -15.84 -9.23
N CYS A 161 -30.74 -14.60 -8.76
CA CYS A 161 -31.30 -13.52 -9.55
C CYS A 161 -32.82 -13.68 -9.65
N GLY A 162 -33.38 -14.55 -8.80
CA GLY A 162 -34.84 -14.73 -8.78
C GLY A 162 -35.44 -13.43 -8.28
N ASP A 163 -34.69 -12.72 -7.42
CA ASP A 163 -35.15 -11.44 -6.90
C ASP A 163 -35.21 -10.43 -8.04
N ILE A 164 -34.20 -10.46 -8.91
CA ILE A 164 -34.17 -9.58 -10.06
C ILE A 164 -35.42 -9.86 -10.92
N ALA A 165 -35.73 -11.14 -11.13
CA ALA A 165 -36.88 -11.53 -11.96
C ALA A 165 -38.20 -10.99 -11.41
N SER A 166 -38.41 -11.19 -10.11
CA SER A 166 -39.62 -10.76 -9.46
C SER A 166 -39.81 -9.24 -9.53
N CYS A 167 -38.73 -8.48 -9.27
CA CYS A 167 -38.82 -7.03 -9.32
C CYS A 167 -39.11 -6.53 -10.74
N MSE A 168 -38.52 -7.20 -11.72
CA MSE A 168 -38.69 -6.84 -13.13
C MSE A 168 -40.08 -7.18 -13.68
O MSE A 168 -40.72 -6.35 -14.34
CB MSE A 168 -37.62 -7.56 -13.96
CG MSE A 168 -37.71 -7.37 -15.47
SE MSE A 168 -37.26 -5.58 -16.01
CE MSE A 168 -35.32 -5.72 -15.84
N TYR A 169 -40.55 -8.39 -13.40
CA TYR A 169 -41.84 -8.88 -13.90
C TYR A 169 -43.07 -8.51 -13.09
N GLY A 170 -42.92 -8.27 -11.79
CA GLY A 170 -44.07 -7.95 -10.97
C GLY A 170 -44.94 -9.19 -10.79
N GLY A 171 -46.10 -9.03 -10.16
CA GLY A 171 -46.99 -10.14 -9.93
C GLY A 171 -46.36 -11.35 -9.26
N TRP A 172 -46.91 -12.53 -9.56
CA TRP A 172 -46.43 -13.79 -9.02
C TRP A 172 -45.72 -14.55 -10.13
N ILE A 173 -44.57 -15.15 -9.81
CA ILE A 173 -43.83 -15.90 -10.82
C ILE A 173 -43.19 -17.18 -10.32
N ALA A 174 -42.92 -18.08 -11.26
CA ALA A 174 -42.22 -19.31 -11.01
C ALA A 174 -40.91 -18.97 -11.72
N TYR A 175 -39.83 -18.87 -10.96
CA TYR A 175 -38.52 -18.53 -11.54
C TYR A 175 -37.60 -19.74 -11.59
N THR A 176 -37.05 -20.03 -12.76
CA THR A 176 -36.13 -21.14 -12.90
C THR A 176 -34.76 -20.59 -13.28
N THR A 177 -33.82 -20.74 -12.36
CA THR A 177 -32.46 -20.26 -12.49
C THR A 177 -31.72 -20.69 -13.75
N PHE A 178 -31.11 -19.72 -14.42
CA PHE A 178 -30.34 -19.97 -15.63
C PHE A 178 -29.08 -20.75 -15.27
N ASP A 179 -28.37 -21.24 -16.28
CA ASP A 179 -27.15 -22.00 -16.05
C ASP A 179 -26.04 -21.05 -15.60
N GLN A 180 -25.87 -20.99 -14.29
CA GLN A 180 -24.88 -20.12 -13.64
C GLN A 180 -23.46 -20.25 -14.18
N GLU A 181 -22.96 -21.48 -14.22
CA GLU A 181 -21.61 -21.75 -14.69
C GLU A 181 -21.47 -21.35 -16.16
N TRP A 182 -22.53 -21.60 -16.93
CA TRP A 182 -22.54 -21.26 -18.34
C TRP A 182 -22.32 -19.75 -18.51
N VAL A 183 -22.98 -18.96 -17.68
CA VAL A 183 -22.86 -17.51 -17.73
C VAL A 183 -21.51 -17.00 -17.28
N LYS A 184 -21.10 -17.41 -16.08
CA LYS A 184 -19.84 -16.96 -15.52
C LYS A 184 -18.63 -17.24 -16.40
N HIS A 185 -18.57 -18.44 -16.98
CA HIS A 185 -17.44 -18.80 -17.84
C HIS A 185 -17.36 -17.88 -19.05
N ARG A 186 -18.51 -17.63 -19.66
CA ARG A 186 -18.58 -16.77 -20.84
C ARG A 186 -18.36 -15.29 -20.59
N LEU A 187 -18.46 -14.88 -19.33
CA LEU A 187 -18.21 -13.48 -18.99
C LEU A 187 -16.80 -13.09 -19.41
N ALA A 188 -15.88 -14.04 -19.40
CA ALA A 188 -14.50 -13.72 -19.78
C ALA A 188 -14.24 -13.66 -21.27
N TYR A 189 -15.08 -14.30 -22.09
CA TYR A 189 -14.81 -14.29 -23.52
C TYR A 189 -15.95 -13.94 -24.47
N LYS A 190 -17.13 -13.63 -23.94
CA LYS A 190 -18.26 -13.27 -24.80
C LYS A 190 -18.64 -11.82 -24.58
N SER A 191 -19.09 -11.13 -25.63
CA SER A 191 -19.49 -9.74 -25.48
C SER A 191 -20.87 -9.68 -24.85
N LEU A 192 -21.23 -8.50 -24.36
CA LEU A 192 -22.52 -8.28 -23.76
C LEU A 192 -23.59 -8.45 -24.84
N GLU A 193 -23.27 -8.01 -26.06
CA GLU A 193 -24.22 -8.11 -27.17
C GLU A 193 -24.55 -9.57 -27.46
N TRP A 194 -23.56 -10.43 -27.32
CA TRP A 194 -23.75 -11.86 -27.55
C TRP A 194 -24.67 -12.44 -26.48
N PHE A 195 -24.51 -11.97 -25.25
CA PHE A 195 -25.32 -12.44 -24.13
C PHE A 195 -26.78 -12.08 -24.31
N MSE A 196 -27.04 -10.90 -24.88
CA MSE A 196 -28.40 -10.42 -25.09
C MSE A 196 -29.15 -11.19 -26.17
O MSE A 196 -30.37 -11.37 -26.08
CB MSE A 196 -28.39 -8.93 -25.47
CG MSE A 196 -27.90 -7.99 -24.38
SE MSE A 196 -28.92 -8.15 -22.73
CE MSE A 196 -27.71 -9.32 -21.77
N LYS A 197 -28.43 -11.62 -27.19
CA LYS A 197 -29.04 -12.36 -28.30
C LYS A 197 -29.07 -13.86 -28.09
N GLU A 198 -28.20 -14.37 -27.22
CA GLU A 198 -28.15 -15.79 -26.97
C GLU A 198 -29.14 -16.25 -25.90
N PRO A 199 -29.95 -17.27 -26.21
CA PRO A 199 -30.89 -17.74 -25.18
C PRO A 199 -30.07 -18.37 -24.05
N TRP A 200 -30.41 -18.05 -22.81
CA TRP A 200 -29.70 -18.59 -21.67
C TRP A 200 -30.25 -19.96 -21.26
N PRO A 201 -29.41 -20.99 -21.27
CA PRO A 201 -29.94 -22.31 -20.89
C PRO A 201 -30.58 -22.37 -19.50
N MSE A 202 -31.66 -23.14 -19.43
CA MSE A 202 -32.42 -23.37 -18.20
C MSE A 202 -33.28 -22.23 -17.68
O MSE A 202 -34.18 -22.45 -16.87
CB MSE A 202 -31.49 -23.82 -17.10
CG MSE A 202 -30.86 -25.17 -17.37
SE MSE A 202 -29.54 -25.59 -16.07
CE MSE A 202 -28.22 -26.38 -17.24
N LEU A 203 -33.02 -21.02 -18.16
CA LEU A 203 -33.77 -19.87 -17.70
C LEU A 203 -35.23 -19.91 -18.08
N GLN A 204 -36.10 -19.67 -17.11
CA GLN A 204 -37.53 -19.61 -17.38
C GLN A 204 -38.21 -18.74 -16.33
N ILE A 205 -39.04 -17.82 -16.80
CA ILE A 205 -39.75 -16.93 -15.92
C ILE A 205 -41.22 -17.04 -16.29
N GLU A 206 -41.99 -17.74 -15.47
CA GLU A 206 -43.41 -17.95 -15.72
C GLU A 206 -44.32 -17.10 -14.84
N THR A 207 -45.22 -16.35 -15.48
CA THR A 207 -46.18 -15.55 -14.75
C THR A 207 -47.23 -16.51 -14.19
N LEU A 208 -47.56 -16.34 -12.91
CA LEU A 208 -48.53 -17.18 -12.23
C LEU A 208 -49.77 -16.40 -11.79
N GLU A 209 -50.80 -17.15 -11.42
CA GLU A 209 -52.04 -16.57 -10.95
C GLU A 209 -51.98 -16.48 -9.43
N GLU A 210 -52.39 -15.33 -8.90
CA GLU A 210 -52.37 -15.10 -7.46
C GLU A 210 -53.31 -16.09 -6.77
N PRO A 211 -52.83 -16.76 -5.71
CA PRO A 211 -53.69 -17.72 -5.00
C PRO A 211 -54.85 -16.98 -4.34
N VAL A 212 -55.95 -17.70 -4.14
CA VAL A 212 -57.13 -17.12 -3.50
C VAL A 212 -56.90 -16.93 -2.01
N PRO A 213 -56.24 -17.89 -1.33
CA PRO A 213 -56.00 -17.74 0.11
C PRO A 213 -55.29 -16.42 0.41
N THR A 214 -55.75 -15.72 1.43
CA THR A 214 -55.15 -14.43 1.80
C THR A 214 -53.66 -14.58 2.12
N PHE A 215 -52.84 -13.70 1.55
CA PHE A 215 -51.39 -13.73 1.77
C PHE A 215 -51.02 -12.68 2.82
N SER A 216 -50.34 -13.10 3.89
CA SER A 216 -49.96 -12.18 4.95
C SER A 216 -48.43 -12.04 5.05
N VAL A 217 -47.97 -10.80 5.25
CA VAL A 217 -46.54 -10.52 5.36
C VAL A 217 -46.22 -9.97 6.75
N GLY A 218 -45.25 -10.58 7.43
CA GLY A 218 -44.86 -10.11 8.75
C GLY A 218 -43.36 -9.92 8.90
N TRP A 219 -42.94 -8.71 9.25
CA TRP A 219 -41.53 -8.38 9.43
C TRP A 219 -41.10 -8.70 10.86
N THR A 220 -40.07 -9.53 11.01
CA THR A 220 -39.60 -9.93 12.32
C THR A 220 -38.77 -8.84 13.00
N GLY A 221 -38.49 -7.76 12.28
CA GLY A 221 -37.73 -6.66 12.86
C GLY A 221 -36.28 -7.00 13.12
N THR A 222 -35.80 -8.03 12.44
CA THR A 222 -34.43 -8.49 12.59
C THR A 222 -33.73 -8.44 11.25
N PRO A 223 -32.83 -7.47 11.07
CA PRO A 223 -32.13 -7.41 9.78
C PRO A 223 -31.24 -8.65 9.63
N VAL A 224 -31.00 -9.05 8.39
CA VAL A 224 -30.18 -10.23 8.17
C VAL A 224 -28.94 -9.93 7.35
N SER A 225 -27.80 -10.39 7.86
CA SER A 225 -26.53 -10.23 7.17
C SER A 225 -26.45 -11.50 6.33
N THR A 226 -27.19 -11.51 5.23
CA THR A 226 -27.25 -12.65 4.31
C THR A 226 -25.93 -13.39 4.13
N GLY A 227 -24.88 -12.62 3.85
CA GLY A 227 -23.56 -13.21 3.64
C GLY A 227 -23.27 -14.38 4.54
N LYS A 228 -23.33 -14.13 5.85
CA LYS A 228 -23.04 -15.15 6.84
C LYS A 228 -23.83 -16.45 6.60
N LEU A 229 -25.13 -16.33 6.37
CA LEU A 229 -25.98 -17.50 6.14
C LEU A 229 -25.67 -18.21 4.83
N VAL A 230 -25.54 -17.46 3.75
CA VAL A 230 -25.24 -18.04 2.45
C VAL A 230 -23.89 -18.76 2.47
N SER A 231 -22.87 -18.12 3.03
CA SER A 231 -21.55 -18.71 3.08
C SER A 231 -21.57 -19.99 3.91
N GLN A 232 -22.35 -19.99 4.99
CA GLN A 232 -22.45 -21.17 5.85
C GLN A 232 -23.07 -22.33 5.07
N ILE A 233 -24.13 -22.04 4.32
CA ILE A 233 -24.82 -23.07 3.55
C ILE A 233 -23.92 -23.60 2.42
N HIS A 234 -23.23 -22.71 1.73
CA HIS A 234 -22.36 -23.15 0.65
C HIS A 234 -21.30 -24.10 1.19
N ALA A 235 -20.78 -23.78 2.38
CA ALA A 235 -19.77 -24.62 3.00
C ALA A 235 -20.40 -25.95 3.39
N PHE A 236 -21.64 -25.90 3.88
CA PHE A 236 -22.35 -27.11 4.27
C PHE A 236 -22.44 -28.03 3.06
N LYS A 237 -22.69 -27.43 1.90
CA LYS A 237 -22.79 -28.17 0.65
C LYS A 237 -21.52 -28.99 0.40
N GLN A 238 -20.37 -28.43 0.79
CA GLN A 238 -19.09 -29.08 0.60
C GLN A 238 -18.78 -30.05 1.74
N GLU A 239 -19.26 -29.70 2.93
CA GLU A 239 -19.06 -30.49 4.14
C GLU A 239 -20.04 -31.65 4.27
N ASP A 240 -21.09 -31.65 3.44
CA ASP A 240 -22.10 -32.71 3.50
C ASP A 240 -22.95 -32.69 2.23
N SER A 241 -22.41 -33.23 1.15
CA SER A 241 -23.11 -33.25 -0.12
C SER A 241 -24.36 -34.14 -0.12
N LYS A 242 -24.32 -35.19 0.70
CA LYS A 242 -25.45 -36.11 0.78
C LYS A 242 -26.69 -35.44 1.35
N ASN A 243 -26.52 -34.77 2.49
CA ASN A 243 -27.64 -34.09 3.13
C ASN A 243 -28.12 -32.91 2.27
N TYR A 244 -27.18 -32.16 1.72
CA TYR A 244 -27.52 -31.02 0.88
C TYR A 244 -28.31 -31.49 -0.33
N GLN A 245 -27.87 -32.60 -0.92
CA GLN A 245 -28.55 -33.13 -2.09
C GLN A 245 -29.95 -33.62 -1.73
N HIS A 246 -30.11 -34.10 -0.49
CA HIS A 246 -31.41 -34.58 -0.03
C HIS A 246 -32.33 -33.37 0.01
N PHE A 247 -31.79 -32.26 0.49
CA PHE A 247 -32.54 -31.00 0.58
C PHE A 247 -33.02 -30.61 -0.82
N LEU A 248 -32.10 -30.55 -1.77
CA LEU A 248 -32.43 -30.19 -3.14
C LEU A 248 -33.50 -31.10 -3.74
N THR A 249 -33.23 -32.40 -3.71
CA THR A 249 -34.16 -33.39 -4.26
C THR A 249 -35.54 -33.19 -3.67
N ARG A 250 -35.57 -33.08 -2.34
CA ARG A 250 -36.81 -32.88 -1.61
C ARG A 250 -37.45 -31.56 -2.07
N ASN A 251 -36.64 -30.53 -2.21
CA ASN A 251 -37.13 -29.22 -2.65
C ASN A 251 -37.78 -29.31 -4.02
N ASN A 252 -37.15 -30.03 -4.94
CA ASN A 252 -37.68 -30.16 -6.29
C ASN A 252 -39.03 -30.86 -6.35
N GLU A 253 -39.25 -31.81 -5.44
CA GLU A 253 -40.52 -32.53 -5.38
C GLU A 253 -41.60 -31.52 -4.96
N ILE A 254 -41.31 -30.77 -3.91
CA ILE A 254 -42.23 -29.77 -3.38
C ILE A 254 -42.57 -28.66 -4.39
N MSE A 255 -41.56 -28.18 -5.11
CA MSE A 255 -41.77 -27.13 -6.10
C MSE A 255 -42.75 -27.58 -7.17
O MSE A 255 -43.63 -26.82 -7.59
CB MSE A 255 -40.45 -26.72 -6.75
CG MSE A 255 -39.52 -25.94 -5.84
SE MSE A 255 -40.41 -24.41 -5.05
CE MSE A 255 -40.53 -25.09 -3.25
N LYS A 256 -42.58 -28.81 -7.62
CA LYS A 256 -43.46 -29.38 -8.63
C LYS A 256 -44.89 -29.32 -8.12
N GLN A 257 -45.08 -29.72 -6.87
CA GLN A 257 -46.40 -29.72 -6.23
C GLN A 257 -46.99 -28.32 -6.13
N ILE A 258 -46.22 -27.39 -5.57
CA ILE A 258 -46.71 -26.03 -5.41
C ILE A 258 -47.05 -25.40 -6.77
N ILE A 259 -46.26 -25.70 -7.79
CA ILE A 259 -46.57 -25.15 -9.12
C ILE A 259 -47.92 -25.71 -9.58
N GLN A 260 -48.15 -26.99 -9.29
CA GLN A 260 -49.41 -27.64 -9.64
C GLN A 260 -50.52 -26.91 -8.89
N ALA A 261 -50.31 -26.68 -7.60
CA ALA A 261 -51.28 -25.98 -6.76
C ALA A 261 -51.67 -24.64 -7.35
N PHE A 262 -50.68 -23.91 -7.89
CA PHE A 262 -50.92 -22.62 -8.49
C PHE A 262 -51.74 -22.78 -9.77
N HIS A 263 -51.27 -23.64 -10.65
CA HIS A 263 -51.94 -23.90 -11.91
C HIS A 263 -53.39 -24.34 -11.72
N THR A 264 -53.62 -25.21 -10.75
CA THR A 264 -54.96 -25.73 -10.50
C THR A 264 -55.73 -25.06 -9.37
N LYS A 265 -55.12 -24.04 -8.76
CA LYS A 265 -55.77 -23.34 -7.66
C LYS A 265 -56.16 -24.31 -6.55
N ASP A 266 -55.26 -25.27 -6.28
CA ASP A 266 -55.51 -26.27 -5.25
C ASP A 266 -55.05 -25.72 -3.91
N GLU A 267 -55.95 -25.04 -3.21
CA GLU A 267 -55.63 -24.45 -1.92
C GLU A 267 -55.03 -25.42 -0.90
N GLU A 268 -55.62 -26.61 -0.78
CA GLU A 268 -55.09 -27.58 0.18
C GLU A 268 -53.67 -28.00 -0.18
N LEU A 269 -53.41 -28.13 -1.47
CA LEU A 269 -52.09 -28.53 -1.94
C LEU A 269 -51.07 -27.40 -1.71
N LEU A 270 -51.55 -26.17 -1.65
CA LEU A 270 -50.67 -25.03 -1.40
C LEU A 270 -50.23 -25.07 0.06
N TYR A 271 -51.20 -25.23 0.97
CA TYR A 271 -50.90 -25.28 2.40
C TYR A 271 -49.90 -26.37 2.76
N SER A 272 -50.18 -27.60 2.32
CA SER A 272 -49.29 -28.71 2.61
C SER A 272 -47.91 -28.52 2.01
N SER A 273 -47.83 -27.91 0.83
CA SER A 273 -46.53 -27.68 0.19
C SER A 273 -45.70 -26.68 0.99
N ILE A 274 -46.35 -25.63 1.48
CA ILE A 274 -45.66 -24.63 2.28
C ILE A 274 -45.14 -25.27 3.57
N LYS A 275 -45.97 -26.09 4.21
CA LYS A 275 -45.57 -26.75 5.45
C LYS A 275 -44.34 -27.61 5.20
N GLU A 276 -44.36 -28.34 4.08
CA GLU A 276 -43.22 -29.20 3.74
C GLU A 276 -41.98 -28.38 3.43
N ASN A 277 -42.15 -27.29 2.67
CA ASN A 277 -41.01 -26.45 2.35
C ASN A 277 -40.42 -25.94 3.66
N ARG A 278 -41.28 -25.49 4.55
CA ARG A 278 -40.84 -24.98 5.84
C ARG A 278 -40.00 -26.04 6.55
N ARG A 279 -40.49 -27.28 6.50
CA ARG A 279 -39.80 -28.39 7.16
C ARG A 279 -38.39 -28.65 6.65
N ILE A 280 -38.23 -28.75 5.34
CA ILE A 280 -36.91 -29.02 4.79
C ILE A 280 -35.94 -27.87 5.05
N LEU A 281 -36.45 -26.66 5.17
CA LEU A 281 -35.60 -25.51 5.45
C LEU A 281 -35.19 -25.58 6.91
N GLN A 282 -36.08 -26.09 7.76
CA GLN A 282 -35.78 -26.25 9.17
C GLN A 282 -34.68 -27.29 9.29
N GLU A 283 -34.83 -28.37 8.52
CA GLU A 283 -33.87 -29.46 8.51
C GLU A 283 -32.49 -28.96 8.06
N LEU A 284 -32.49 -28.24 6.94
CA LEU A 284 -31.25 -27.69 6.40
C LEU A 284 -30.57 -26.82 7.44
N GLY A 285 -31.35 -25.96 8.08
CA GLY A 285 -30.79 -25.08 9.09
C GLY A 285 -30.17 -25.85 10.23
N THR A 286 -30.85 -26.91 10.65
CA THR A 286 -30.38 -27.75 11.74
C THR A 286 -29.09 -28.47 11.37
N LYS A 287 -29.11 -29.19 10.24
CA LYS A 287 -27.95 -29.93 9.79
C LYS A 287 -26.72 -29.06 9.53
N ALA A 288 -26.92 -27.92 8.88
CA ALA A 288 -25.82 -27.02 8.57
C ALA A 288 -25.42 -26.13 9.75
N GLY A 289 -26.22 -26.15 10.80
CA GLY A 289 -25.92 -25.32 11.95
C GLY A 289 -26.18 -23.86 11.60
N VAL A 290 -27.21 -23.64 10.79
CA VAL A 290 -27.59 -22.30 10.38
C VAL A 290 -28.98 -21.97 10.88
N ASN A 291 -29.10 -20.87 11.60
CA ASN A 291 -30.37 -20.45 12.17
C ASN A 291 -31.29 -19.80 11.14
N ILE A 292 -31.81 -20.62 10.22
CA ILE A 292 -32.72 -20.13 9.19
C ILE A 292 -34.04 -19.71 9.83
N GLU A 293 -34.69 -20.65 10.49
CA GLU A 293 -35.94 -20.31 11.16
C GLU A 293 -35.65 -19.87 12.59
N THR A 294 -35.65 -18.55 12.79
CA THR A 294 -35.38 -17.99 14.11
C THR A 294 -36.57 -18.30 15.01
N SER A 295 -36.45 -17.95 16.29
CA SER A 295 -37.52 -18.19 17.24
C SER A 295 -38.76 -17.40 16.85
N LEU A 296 -38.56 -16.18 16.38
CA LEU A 296 -39.67 -15.34 15.98
C LEU A 296 -40.33 -15.87 14.71
N LEU A 297 -39.50 -16.37 13.79
CA LEU A 297 -40.04 -16.91 12.55
C LEU A 297 -40.79 -18.20 12.86
N LYS A 298 -40.33 -18.95 13.85
CA LYS A 298 -41.00 -20.19 14.24
C LYS A 298 -42.41 -19.84 14.75
N GLU A 299 -42.49 -18.86 15.64
CA GLU A 299 -43.77 -18.45 16.18
C GLU A 299 -44.66 -17.92 15.06
N LEU A 300 -44.05 -17.22 14.11
CA LEU A 300 -44.81 -16.66 13.01
C LEU A 300 -45.46 -17.78 12.18
N ALA A 301 -44.66 -18.78 11.81
CA ALA A 301 -45.17 -19.90 11.01
C ALA A 301 -46.11 -20.80 11.82
N ASP A 302 -45.78 -21.04 13.08
CA ASP A 302 -46.65 -21.90 13.90
C ASP A 302 -48.04 -21.31 14.01
N SER A 303 -48.13 -20.01 14.28
CA SER A 303 -49.42 -19.36 14.40
C SER A 303 -50.18 -19.44 13.08
N ALA A 304 -49.45 -19.36 11.97
CA ALA A 304 -50.08 -19.44 10.65
C ALA A 304 -50.69 -20.83 10.49
N GLU A 305 -49.97 -21.84 10.97
CA GLU A 305 -50.43 -23.21 10.87
C GLU A 305 -51.58 -23.50 11.84
N ASN A 306 -51.46 -23.03 13.08
CA ASN A 306 -52.49 -23.25 14.08
C ASN A 306 -53.81 -22.59 13.67
N MSE A 307 -53.70 -21.55 12.85
CA MSE A 307 -54.88 -20.82 12.40
C MSE A 307 -55.55 -21.52 11.22
O MSE A 307 -56.58 -21.04 10.72
CB MSE A 307 -54.48 -19.40 11.99
CG MSE A 307 -55.57 -18.36 12.19
SE MSE A 307 -56.03 -18.14 14.06
CE MSE A 307 -54.53 -17.05 14.61
N GLY A 308 -54.98 -22.64 10.79
CA GLY A 308 -55.57 -23.37 9.68
C GLY A 308 -54.82 -23.29 8.36
N GLY A 309 -53.93 -22.31 8.21
CA GLY A 309 -53.18 -22.16 6.98
C GLY A 309 -51.78 -22.72 7.04
N ALA A 310 -50.82 -21.98 6.46
CA ALA A 310 -49.42 -22.38 6.46
C ALA A 310 -48.55 -21.12 6.40
N GLY A 311 -47.32 -21.24 6.89
CA GLY A 311 -46.44 -20.10 6.89
C GLY A 311 -44.98 -20.51 6.91
N LYS A 312 -44.09 -19.55 6.70
CA LYS A 312 -42.65 -19.85 6.68
C LYS A 312 -41.83 -18.58 6.51
N SER A 313 -40.52 -18.73 6.65
CA SER A 313 -39.64 -17.59 6.46
C SER A 313 -39.61 -17.34 4.97
N SER A 314 -39.30 -16.10 4.60
CA SER A 314 -39.23 -15.73 3.19
C SER A 314 -37.81 -15.28 2.87
N GLY A 315 -37.14 -16.02 2.00
CA GLY A 315 -35.78 -15.68 1.65
C GLY A 315 -34.75 -16.46 2.43
N SER A 316 -33.74 -15.77 2.91
CA SER A 316 -32.65 -16.38 3.65
C SER A 316 -33.05 -16.82 5.05
N GLY A 317 -34.11 -16.24 5.58
CA GLY A 317 -34.50 -16.59 6.95
C GLY A 317 -33.50 -15.90 7.85
N GLY A 318 -33.43 -16.30 9.12
CA GLY A 318 -32.49 -15.67 10.03
C GLY A 318 -33.01 -14.31 10.48
N GLY A 319 -34.13 -13.90 9.91
CA GLY A 319 -34.73 -12.62 10.23
C GLY A 319 -35.58 -12.17 9.05
N ASP A 320 -35.57 -10.87 8.77
CA ASP A 320 -36.35 -10.31 7.68
C ASP A 320 -37.83 -10.69 7.81
N CYS A 321 -38.49 -10.98 6.70
CA CYS A 321 -39.92 -11.31 6.75
C CYS A 321 -40.30 -12.77 6.70
N GLY A 322 -41.45 -13.05 7.30
CA GLY A 322 -42.03 -14.38 7.27
C GLY A 322 -43.32 -14.15 6.49
N ILE A 323 -43.88 -15.19 5.90
CA ILE A 323 -45.12 -15.04 5.12
C ILE A 323 -46.11 -16.16 5.45
N ALA A 324 -47.38 -15.95 5.11
CA ALA A 324 -48.39 -16.95 5.38
C ALA A 324 -49.61 -16.88 4.45
N PHE A 325 -50.30 -18.01 4.34
CA PHE A 325 -51.53 -18.15 3.56
C PHE A 325 -52.60 -18.56 4.57
N SER A 326 -53.76 -17.89 4.54
CA SER A 326 -54.86 -18.21 5.46
C SER A 326 -56.17 -18.51 4.73
N LYS A 327 -57.00 -19.36 5.33
CA LYS A 327 -58.28 -19.76 4.74
C LYS A 327 -59.23 -18.61 4.43
N THR A 328 -59.29 -17.61 5.31
CA THR A 328 -60.18 -16.49 5.11
C THR A 328 -59.54 -15.21 5.57
N LYS A 329 -60.15 -14.08 5.21
CA LYS A 329 -59.64 -12.77 5.63
C LYS A 329 -59.70 -12.72 7.14
N GLU A 330 -60.82 -13.18 7.69
CA GLU A 330 -61.02 -13.18 9.14
C GLU A 330 -59.93 -13.94 9.85
N LEU A 331 -59.55 -15.10 9.30
CA LEU A 331 -58.50 -15.91 9.92
C LEU A 331 -57.16 -15.22 9.76
N ALA A 332 -57.02 -14.46 8.67
CA ALA A 332 -55.79 -13.74 8.40
C ALA A 332 -55.64 -12.64 9.43
N GLU A 333 -56.74 -11.96 9.75
CA GLU A 333 -56.73 -10.89 10.73
C GLU A 333 -56.39 -11.43 12.11
N LYS A 334 -56.93 -12.60 12.44
CA LYS A 334 -56.65 -13.23 13.73
C LYS A 334 -55.17 -13.59 13.78
N LEU A 335 -54.64 -14.09 12.66
CA LEU A 335 -53.24 -14.45 12.58
C LEU A 335 -52.38 -13.22 12.80
N VAL A 336 -52.69 -12.15 12.09
CA VAL A 336 -51.96 -10.90 12.20
C VAL A 336 -51.96 -10.37 13.64
N ASN A 337 -53.11 -10.47 14.31
CA ASN A 337 -53.21 -10.01 15.70
C ASN A 337 -52.24 -10.79 16.59
N GLU A 338 -52.14 -12.10 16.35
CA GLU A 338 -51.23 -12.94 17.11
C GLU A 338 -49.77 -12.53 16.83
N TRP A 339 -49.46 -12.26 15.57
CA TRP A 339 -48.12 -11.84 15.19
C TRP A 339 -47.73 -10.55 15.91
N GLU A 340 -48.63 -9.56 15.87
CA GLU A 340 -48.36 -8.27 16.46
C GLU A 340 -48.10 -8.27 17.96
N LYS A 341 -48.74 -9.19 18.68
CA LYS A 341 -48.51 -9.27 20.12
C LYS A 341 -47.12 -9.83 20.36
N LEU A 342 -46.54 -10.42 19.32
CA LEU A 342 -45.20 -10.99 19.43
C LEU A 342 -44.12 -9.98 19.01
N GLY A 343 -44.55 -8.80 18.58
CA GLY A 343 -43.59 -7.78 18.16
C GLY A 343 -43.33 -7.75 16.66
N ILE A 344 -43.99 -8.63 15.92
CA ILE A 344 -43.86 -8.71 14.47
C ILE A 344 -44.66 -7.56 13.84
N LYS A 345 -44.07 -6.88 12.85
CA LYS A 345 -44.78 -5.79 12.20
C LYS A 345 -45.49 -6.29 10.95
N HIS A 346 -46.80 -6.10 10.91
CA HIS A 346 -47.61 -6.51 9.78
C HIS A 346 -47.35 -5.56 8.62
N LEU A 347 -47.14 -6.10 7.42
CA LEU A 347 -46.94 -5.24 6.25
C LEU A 347 -48.10 -5.50 5.28
N PRO A 348 -49.17 -4.68 5.37
CA PRO A 348 -50.35 -4.83 4.49
C PRO A 348 -49.89 -5.13 3.06
N PHE A 349 -50.43 -6.21 2.49
CA PHE A 349 -50.01 -6.66 1.18
C PHE A 349 -51.05 -6.77 0.06
N HIS A 350 -50.57 -6.50 -1.15
CA HIS A 350 -51.33 -6.70 -2.38
C HIS A 350 -50.22 -6.76 -3.43
N THR A 351 -50.39 -7.64 -4.40
CA THR A 351 -49.39 -7.86 -5.44
C THR A 351 -48.78 -6.60 -6.06
N GLY A 352 -47.45 -6.53 -6.06
CA GLY A 352 -46.77 -5.38 -6.64
C GLY A 352 -46.71 -5.44 -8.16
N ARG A 353 -46.72 -4.27 -8.80
CA ARG A 353 -46.64 -4.18 -10.26
C ARG A 353 -45.74 -3.03 -10.66
N VAL A 354 -44.93 -3.24 -11.69
CA VAL A 354 -44.05 -2.21 -12.20
C VAL A 354 -44.90 -1.09 -12.80
N GLN A 355 -44.59 0.14 -12.45
CA GLN A 355 -45.33 1.30 -12.96
C GLN A 355 -44.33 2.29 -13.57
N ILE A 356 -44.41 2.46 -14.89
CA ILE A 356 -43.53 3.36 -15.61
C ILE A 356 -44.36 4.44 -16.29
N THR A 357 -44.23 5.68 -15.83
CA THR A 357 -44.99 6.76 -16.42
C THR A 357 -44.10 7.91 -16.87
N GLU A 358 -44.27 8.32 -18.11
CA GLU A 358 -43.49 9.42 -18.69
C GLU A 358 -44.26 10.72 -18.59
N GLY A 359 -45.24 10.75 -17.69
CA GLY A 359 -46.06 11.93 -17.50
C GLY A 359 -45.98 12.43 -16.07
N ASN B 5 8.55 -30.96 -35.97
CA ASN B 5 8.92 -29.52 -35.84
C ASN B 5 7.88 -28.79 -34.99
N LYS B 6 7.05 -29.56 -34.29
CA LYS B 6 6.00 -29.00 -33.44
C LYS B 6 6.52 -28.09 -32.32
N LEU B 7 5.60 -27.46 -31.60
CA LEU B 7 5.93 -26.55 -30.52
C LEU B 7 5.68 -27.19 -29.16
N GLN B 8 6.68 -27.14 -28.28
CA GLN B 8 6.54 -27.71 -26.95
C GLN B 8 6.61 -26.63 -25.88
N VAL B 9 5.65 -26.67 -24.95
CA VAL B 9 5.61 -25.69 -23.87
C VAL B 9 5.62 -26.38 -22.51
N LYS B 10 6.63 -26.08 -21.71
CA LYS B 10 6.77 -26.64 -20.37
C LYS B 10 6.48 -25.57 -19.34
N ILE B 11 5.44 -25.79 -18.54
CA ILE B 11 5.06 -24.84 -17.50
C ILE B 11 5.30 -25.46 -16.14
N PRO B 12 6.10 -24.80 -15.28
CA PRO B 12 6.40 -25.30 -13.94
C PRO B 12 5.22 -25.25 -12.99
N GLY B 13 5.26 -26.10 -11.98
CA GLY B 13 4.21 -26.12 -10.99
C GLY B 13 4.52 -24.99 -10.02
N LYS B 14 3.70 -24.84 -8.99
CA LYS B 14 3.93 -23.77 -8.03
C LYS B 14 3.75 -24.25 -6.60
N LEU B 15 4.34 -23.50 -5.69
CA LEU B 15 4.24 -23.78 -4.26
C LEU B 15 4.16 -22.46 -3.52
N TYR B 16 3.15 -22.33 -2.67
CA TYR B 16 3.03 -21.12 -1.87
C TYR B 16 4.07 -21.26 -0.77
N VAL B 17 4.83 -20.19 -0.55
CA VAL B 17 5.84 -20.21 0.49
C VAL B 17 5.35 -19.50 1.75
N ALA B 18 4.60 -18.43 1.56
CA ALA B 18 4.05 -17.64 2.67
C ALA B 18 2.92 -16.74 2.16
N GLY B 19 1.97 -16.43 3.06
CA GLY B 19 0.86 -15.55 2.69
C GLY B 19 -0.42 -16.21 2.22
N GLU B 20 -0.49 -17.54 2.29
CA GLU B 20 -1.68 -18.27 1.86
C GLU B 20 -2.94 -17.78 2.59
N TYR B 21 -4.09 -18.01 1.96
CA TYR B 21 -5.39 -17.61 2.48
C TYR B 21 -5.55 -16.09 2.50
N ALA B 22 -4.66 -15.41 3.21
CA ALA B 22 -4.72 -13.96 3.27
C ALA B 22 -4.57 -13.39 1.85
N VAL B 23 -3.82 -14.08 1.01
CA VAL B 23 -3.59 -13.63 -0.34
C VAL B 23 -4.87 -13.49 -1.20
N VAL B 24 -5.96 -14.16 -0.80
CA VAL B 24 -7.20 -14.04 -1.57
C VAL B 24 -7.70 -12.60 -1.53
N GLU B 25 -7.31 -11.86 -0.49
CA GLU B 25 -7.72 -10.46 -0.35
C GLU B 25 -6.98 -9.56 -1.31
N SER B 26 -7.73 -8.65 -1.94
CA SER B 26 -7.16 -7.71 -2.91
C SER B 26 -5.99 -6.96 -2.28
N GLY B 27 -4.94 -6.76 -3.06
CA GLY B 27 -3.78 -6.03 -2.56
C GLY B 27 -2.95 -6.70 -1.50
N HIS B 28 -3.20 -7.98 -1.22
CA HIS B 28 -2.38 -8.66 -0.22
C HIS B 28 -1.25 -9.42 -0.92
N THR B 29 -0.14 -9.60 -0.22
CA THR B 29 1.03 -10.23 -0.81
C THR B 29 1.43 -11.60 -0.28
N ALA B 30 1.81 -12.47 -1.21
CA ALA B 30 2.25 -13.82 -0.90
C ALA B 30 3.57 -14.14 -1.61
N ILE B 31 4.30 -15.12 -1.09
CA ILE B 31 5.56 -15.54 -1.69
C ILE B 31 5.35 -16.89 -2.36
N LEU B 32 5.86 -17.06 -3.57
CA LEU B 32 5.74 -18.34 -4.27
C LEU B 32 7.00 -18.68 -5.04
N THR B 33 7.15 -19.98 -5.31
CA THR B 33 8.27 -20.46 -6.08
C THR B 33 7.72 -21.50 -7.04
N ALA B 34 8.18 -21.46 -8.29
CA ALA B 34 7.74 -22.45 -9.27
C ALA B 34 8.58 -23.70 -8.95
N VAL B 35 8.12 -24.87 -9.36
CA VAL B 35 8.85 -26.10 -9.09
C VAL B 35 9.36 -26.80 -10.34
N ASN B 36 10.38 -27.63 -10.16
CA ASN B 36 10.98 -28.37 -11.27
C ASN B 36 10.13 -29.52 -11.80
N ARG B 37 8.82 -29.43 -11.59
CA ARG B 37 7.88 -30.43 -12.09
C ARG B 37 7.03 -29.64 -13.08
N TYR B 38 6.84 -30.18 -14.28
CA TYR B 38 6.12 -29.45 -15.31
C TYR B 38 4.87 -30.06 -15.93
N ILE B 39 4.21 -29.21 -16.73
CA ILE B 39 3.04 -29.56 -17.50
C ILE B 39 3.58 -29.35 -18.90
N THR B 40 3.50 -30.37 -19.74
CA THR B 40 4.01 -30.26 -21.09
C THR B 40 2.89 -30.29 -22.12
N LEU B 41 2.79 -29.20 -22.89
CA LEU B 41 1.77 -29.13 -23.92
C LEU B 41 2.53 -29.07 -25.24
N THR B 42 2.17 -29.97 -26.16
CA THR B 42 2.81 -30.02 -27.47
C THR B 42 1.78 -29.65 -28.52
N LEU B 43 2.09 -28.57 -29.25
CA LEU B 43 1.19 -28.08 -30.28
C LEU B 43 1.75 -28.33 -31.69
N GLU B 44 0.86 -28.64 -32.62
CA GLU B 44 1.25 -28.90 -34.00
C GLU B 44 0.06 -28.66 -34.93
N ASP B 45 0.35 -28.40 -36.19
CA ASP B 45 -0.71 -28.16 -37.16
C ASP B 45 -1.46 -29.47 -37.37
N SER B 46 -2.73 -29.37 -37.75
CA SER B 46 -3.56 -30.54 -37.98
C SER B 46 -4.69 -30.22 -38.96
N GLU B 47 -5.50 -31.23 -39.27
CA GLU B 47 -6.63 -31.04 -40.18
C GLU B 47 -7.80 -30.46 -39.40
N ARG B 48 -7.93 -30.89 -38.15
CA ARG B 48 -8.98 -30.44 -37.25
C ARG B 48 -8.38 -30.18 -35.87
N ASN B 49 -8.98 -29.27 -35.11
CA ASN B 49 -8.49 -28.97 -33.77
C ASN B 49 -8.60 -30.21 -32.91
N GLU B 50 -7.62 -30.41 -32.03
CA GLU B 50 -7.65 -31.55 -31.13
C GLU B 50 -6.99 -31.24 -29.80
N LEU B 51 -7.70 -31.53 -28.71
CA LEU B 51 -7.15 -31.29 -27.38
C LEU B 51 -7.09 -32.61 -26.63
N TRP B 52 -5.89 -32.98 -26.22
CA TRP B 52 -5.65 -34.22 -25.50
C TRP B 52 -5.15 -33.90 -24.09
N ILE B 53 -5.89 -34.34 -23.07
CA ILE B 53 -5.45 -34.10 -21.70
C ILE B 53 -5.29 -35.43 -20.96
N PRO B 54 -4.42 -35.44 -19.92
CA PRO B 54 -4.12 -36.61 -19.09
C PRO B 54 -5.30 -37.29 -18.40
N HIS B 55 -6.47 -36.66 -18.42
CA HIS B 55 -7.63 -37.24 -17.75
C HIS B 55 -8.58 -38.04 -18.65
N TYR B 56 -8.59 -37.74 -19.94
CA TYR B 56 -9.47 -38.45 -20.85
C TYR B 56 -8.70 -39.26 -21.88
N GLU B 57 -9.27 -40.39 -22.29
CA GLU B 57 -8.64 -41.26 -23.28
C GLU B 57 -8.75 -40.61 -24.65
N ASN B 58 -9.96 -40.17 -25.00
CA ASN B 58 -10.21 -39.54 -26.28
C ASN B 58 -10.11 -38.01 -26.17
N PRO B 59 -9.69 -37.35 -27.27
CA PRO B 59 -9.56 -35.90 -27.32
C PRO B 59 -10.86 -35.23 -27.75
N VAL B 60 -10.89 -33.91 -27.68
CA VAL B 60 -12.06 -33.15 -28.09
C VAL B 60 -11.68 -32.26 -29.26
N SER B 61 -12.66 -31.92 -30.09
CA SER B 61 -12.43 -31.08 -31.25
C SER B 61 -13.48 -29.98 -31.29
N TRP B 62 -13.18 -28.91 -32.01
CA TRP B 62 -14.11 -27.80 -32.13
C TRP B 62 -13.80 -27.06 -33.42
N PRO B 63 -14.78 -26.30 -33.95
CA PRO B 63 -14.60 -25.55 -35.19
C PRO B 63 -13.47 -24.52 -35.17
N ILE B 64 -12.71 -24.47 -36.28
CA ILE B 64 -11.60 -23.53 -36.41
C ILE B 64 -12.12 -22.13 -36.13
N GLY B 65 -11.50 -21.45 -35.18
CA GLY B 65 -11.92 -20.10 -34.84
C GLY B 65 -13.21 -20.09 -34.04
N GLY B 66 -13.67 -21.27 -33.63
CA GLY B 66 -14.89 -21.38 -32.85
C GLY B 66 -14.62 -21.63 -31.38
N GLU B 67 -15.69 -21.85 -30.61
CA GLU B 67 -15.51 -22.10 -29.19
C GLU B 67 -15.53 -23.58 -28.85
N LEU B 68 -14.70 -23.95 -27.88
CA LEU B 68 -14.64 -25.32 -27.42
C LEU B 68 -15.54 -25.39 -26.20
N LYS B 69 -16.63 -26.14 -26.29
CA LYS B 69 -17.55 -26.28 -25.17
C LYS B 69 -17.98 -27.73 -24.97
N PRO B 70 -17.04 -28.58 -24.55
CA PRO B 70 -17.26 -30.01 -24.30
C PRO B 70 -18.00 -30.29 -23.00
N ASP B 71 -18.67 -31.45 -22.94
CA ASP B 71 -19.45 -31.84 -21.77
C ASP B 71 -18.58 -32.20 -20.55
N GLY B 72 -17.44 -32.83 -20.80
CA GLY B 72 -16.55 -33.22 -19.73
C GLY B 72 -16.28 -32.15 -18.68
N GLU B 73 -16.25 -32.58 -17.42
CA GLU B 73 -16.00 -31.68 -16.29
C GLU B 73 -14.54 -31.27 -16.17
N HIS B 74 -13.63 -32.12 -16.66
CA HIS B 74 -12.21 -31.84 -16.58
C HIS B 74 -11.64 -31.11 -17.79
N TRP B 75 -12.50 -30.60 -18.66
CA TRP B 75 -12.07 -29.85 -19.83
C TRP B 75 -12.20 -28.35 -19.56
N THR B 76 -12.97 -28.00 -18.53
CA THR B 76 -13.25 -26.61 -18.17
C THR B 76 -12.07 -25.64 -18.18
N PHE B 77 -11.06 -25.89 -17.35
CA PHE B 77 -9.91 -24.99 -17.29
C PHE B 77 -9.19 -24.79 -18.63
N THR B 78 -8.84 -25.88 -19.30
CA THR B 78 -8.15 -25.78 -20.57
C THR B 78 -9.06 -25.19 -21.65
N ALA B 79 -10.34 -25.57 -21.65
CA ALA B 79 -11.27 -25.06 -22.66
C ALA B 79 -11.48 -23.56 -22.50
N GLU B 80 -11.65 -23.10 -21.27
CA GLU B 80 -11.85 -21.67 -21.01
C GLU B 80 -10.64 -20.90 -21.53
N ALA B 81 -9.45 -21.47 -21.30
CA ALA B 81 -8.20 -20.85 -21.74
C ALA B 81 -8.17 -20.75 -23.26
N ILE B 82 -8.62 -21.81 -23.93
CA ILE B 82 -8.65 -21.82 -25.39
C ILE B 82 -9.66 -20.80 -25.88
N ASN B 83 -10.78 -20.69 -25.18
CA ASN B 83 -11.82 -19.76 -25.58
C ASN B 83 -11.42 -18.31 -25.41
N ILE B 84 -10.73 -17.99 -24.31
CA ILE B 84 -10.32 -16.61 -24.09
C ILE B 84 -9.15 -16.28 -25.04
N ALA B 85 -8.32 -17.26 -25.34
CA ALA B 85 -7.21 -17.02 -26.25
C ALA B 85 -7.80 -16.69 -27.63
N THR B 86 -8.78 -17.48 -28.04
CA THR B 86 -9.44 -17.30 -29.32
C THR B 86 -10.07 -15.92 -29.46
N THR B 87 -10.84 -15.52 -28.45
CA THR B 87 -11.48 -14.21 -28.50
C THR B 87 -10.42 -13.12 -28.59
N PHE B 88 -9.30 -13.29 -27.89
CA PHE B 88 -8.24 -12.29 -27.94
C PHE B 88 -7.65 -12.19 -29.33
N LEU B 89 -7.23 -13.32 -29.88
CA LEU B 89 -6.64 -13.35 -31.21
C LEU B 89 -7.56 -12.66 -32.22
N LYS B 90 -8.86 -12.96 -32.12
CA LYS B 90 -9.82 -12.36 -33.03
C LYS B 90 -9.82 -10.84 -32.91
N SER B 91 -9.68 -10.34 -31.69
CA SER B 91 -9.65 -8.89 -31.48
C SER B 91 -8.42 -8.29 -32.13
N GLU B 92 -7.44 -9.14 -32.42
CA GLU B 92 -6.19 -8.70 -33.06
C GLU B 92 -6.18 -8.93 -34.56
N GLY B 93 -7.33 -9.34 -35.11
CA GLY B 93 -7.42 -9.59 -36.53
C GLY B 93 -6.67 -10.85 -36.94
N ILE B 94 -6.25 -11.65 -35.96
CA ILE B 94 -5.51 -12.88 -36.24
C ILE B 94 -6.50 -13.99 -36.60
N GLU B 95 -6.13 -14.81 -37.56
CA GLU B 95 -6.98 -15.90 -38.00
C GLU B 95 -6.45 -17.23 -37.48
N LEU B 96 -7.31 -17.98 -36.81
CA LEU B 96 -6.93 -19.27 -36.26
C LEU B 96 -6.89 -20.38 -37.30
N THR B 97 -5.97 -21.32 -37.11
CA THR B 97 -5.82 -22.47 -37.99
C THR B 97 -5.79 -23.71 -37.10
N PRO B 98 -6.34 -24.83 -37.59
CA PRO B 98 -6.37 -26.07 -36.80
C PRO B 98 -5.03 -26.51 -36.22
N VAL B 99 -5.06 -26.94 -34.96
CA VAL B 99 -3.87 -27.41 -34.28
C VAL B 99 -4.22 -28.56 -33.35
N LYS B 100 -3.20 -29.33 -32.99
CA LYS B 100 -3.38 -30.45 -32.08
C LYS B 100 -2.56 -30.17 -30.85
N MSE B 101 -3.20 -30.20 -29.70
CA MSE B 101 -2.52 -29.95 -28.44
C MSE B 101 -2.64 -31.15 -27.52
O MSE B 101 -3.74 -31.67 -27.31
CB MSE B 101 -3.08 -28.70 -27.77
CG MSE B 101 -2.86 -27.42 -28.57
SE MSE B 101 -3.48 -25.81 -27.68
CE MSE B 101 -5.28 -25.76 -28.40
N VAL B 102 -1.51 -31.60 -27.00
CA VAL B 102 -1.48 -32.72 -26.09
C VAL B 102 -0.81 -32.26 -24.81
N ILE B 103 -1.45 -32.53 -23.67
CA ILE B 103 -0.91 -32.12 -22.39
C ILE B 103 -0.43 -33.30 -21.57
N GLU B 104 0.74 -33.15 -20.97
CA GLU B 104 1.34 -34.19 -20.13
C GLU B 104 1.65 -33.55 -18.78
N THR B 105 1.62 -34.33 -17.72
CA THR B 105 1.87 -33.77 -16.39
C THR B 105 2.75 -34.58 -15.45
N GLU B 106 3.56 -33.86 -14.68
CA GLU B 106 4.44 -34.46 -13.69
C GLU B 106 3.92 -33.98 -12.34
N LEU B 107 2.70 -33.48 -12.34
CA LEU B 107 2.09 -32.95 -11.12
C LEU B 107 1.21 -33.96 -10.39
N ILE B 108 1.22 -35.21 -10.85
CA ILE B 108 0.40 -36.24 -10.21
C ILE B 108 1.29 -37.34 -9.65
N ASP B 109 0.89 -37.86 -8.49
CA ASP B 109 1.63 -38.94 -7.85
C ASP B 109 1.35 -40.22 -8.62
N GLN B 110 2.12 -41.26 -8.37
CA GLN B 110 1.96 -42.54 -9.04
C GLN B 110 0.63 -43.18 -8.64
N SER B 111 -0.28 -42.38 -8.08
CA SER B 111 -1.58 -42.86 -7.66
C SER B 111 -2.67 -42.01 -8.31
N GLY B 112 -2.29 -41.23 -9.32
CA GLY B 112 -3.25 -40.38 -10.00
C GLY B 112 -3.72 -39.25 -9.11
N ALA B 113 -3.02 -39.05 -8.00
CA ALA B 113 -3.37 -38.00 -7.04
C ALA B 113 -2.48 -36.78 -7.25
N LYS B 114 -3.11 -35.62 -7.36
CA LYS B 114 -2.38 -34.37 -7.55
C LYS B 114 -1.57 -34.04 -6.31
N TYR B 115 -0.31 -33.65 -6.51
CA TYR B 115 0.57 -33.30 -5.40
C TYR B 115 0.07 -32.00 -4.75
N GLY B 116 -0.61 -31.18 -5.55
CA GLY B 116 -1.10 -29.91 -5.06
C GLY B 116 -0.11 -28.83 -5.48
N LEU B 117 0.37 -28.95 -6.72
CA LEU B 117 1.34 -28.00 -7.26
C LEU B 117 0.71 -27.04 -8.27
N GLY B 118 -0.58 -26.77 -8.11
CA GLY B 118 -1.29 -25.86 -9.00
C GLY B 118 -1.56 -26.39 -10.39
N SER B 119 -2.16 -27.57 -10.49
CA SER B 119 -2.46 -28.17 -11.79
C SER B 119 -3.36 -27.35 -12.68
N SER B 120 -4.42 -26.78 -12.11
CA SER B 120 -5.35 -25.97 -12.91
C SER B 120 -4.66 -24.72 -13.46
N ALA B 121 -3.76 -24.13 -12.68
CA ALA B 121 -3.04 -22.93 -13.10
C ALA B 121 -2.01 -23.22 -14.19
N ALA B 122 -1.20 -24.25 -13.99
CA ALA B 122 -0.18 -24.62 -14.97
C ALA B 122 -0.81 -24.92 -16.33
N ALA B 123 -1.88 -25.70 -16.32
CA ALA B 123 -2.55 -26.07 -17.55
C ALA B 123 -3.07 -24.81 -18.26
N THR B 124 -3.65 -23.92 -17.49
CA THR B 124 -4.18 -22.68 -18.03
C THR B 124 -3.06 -21.89 -18.66
N VAL B 125 -1.95 -21.78 -17.94
CA VAL B 125 -0.79 -21.06 -18.42
C VAL B 125 -0.20 -21.72 -19.66
N ALA B 126 -0.15 -23.04 -19.67
CA ALA B 126 0.38 -23.79 -20.81
C ALA B 126 -0.39 -23.46 -22.09
N VAL B 127 -1.72 -23.52 -22.00
CA VAL B 127 -2.57 -23.22 -23.14
C VAL B 127 -2.37 -21.80 -23.65
N ILE B 128 -2.36 -20.82 -22.75
CA ILE B 128 -2.19 -19.43 -23.15
C ILE B 128 -0.85 -19.24 -23.85
N ASN B 129 0.22 -19.77 -23.27
CA ASN B 129 1.54 -19.65 -23.87
C ASN B 129 1.61 -20.34 -25.23
N ALA B 130 1.07 -21.54 -25.32
CA ALA B 130 1.07 -22.30 -26.58
C ALA B 130 0.40 -21.53 -27.70
N LEU B 131 -0.86 -21.13 -27.48
CA LEU B 131 -1.62 -20.41 -28.49
C LEU B 131 -1.05 -19.04 -28.83
N MSE B 132 -0.50 -18.34 -27.84
CA MSE B 132 0.07 -17.03 -28.10
C MSE B 132 1.40 -17.15 -28.86
O MSE B 132 1.67 -16.38 -29.78
CB MSE B 132 0.29 -16.28 -26.77
CG MSE B 132 -1.00 -15.87 -26.07
SE MSE B 132 -2.17 -14.77 -27.15
CE MSE B 132 -3.43 -16.14 -27.70
N THR B 133 2.22 -18.12 -28.49
CA THR B 133 3.49 -18.31 -29.19
C THR B 133 3.21 -18.64 -30.65
N LYS B 134 2.24 -19.53 -30.87
CA LYS B 134 1.88 -19.96 -32.22
C LYS B 134 1.18 -18.90 -33.07
N PHE B 135 0.30 -18.10 -32.47
CA PHE B 135 -0.46 -17.11 -33.22
C PHE B 135 -0.17 -15.62 -32.98
N TYR B 136 0.52 -15.29 -31.89
CA TYR B 136 0.81 -13.88 -31.61
C TYR B 136 1.95 -13.76 -30.59
N PRO B 137 3.14 -14.29 -30.95
CA PRO B 137 4.33 -14.28 -30.10
C PRO B 137 4.79 -12.92 -29.56
N GLU B 138 4.37 -11.84 -30.22
CA GLU B 138 4.77 -10.51 -29.80
C GLU B 138 4.11 -10.02 -28.51
N ILE B 139 3.05 -10.71 -28.08
CA ILE B 139 2.33 -10.33 -26.87
C ILE B 139 3.23 -10.32 -25.62
N SER B 140 3.08 -9.29 -24.80
CA SER B 140 3.87 -9.14 -23.57
C SER B 140 3.50 -10.22 -22.54
N MSE B 141 4.39 -10.43 -21.57
CA MSE B 141 4.19 -11.42 -20.51
C MSE B 141 2.99 -11.06 -19.63
O MSE B 141 2.21 -11.93 -19.24
CB MSE B 141 5.44 -11.50 -19.63
CG MSE B 141 6.63 -12.17 -20.28
SE MSE B 141 6.34 -14.07 -20.54
CE MSE B 141 6.40 -14.63 -18.69
N LEU B 142 2.88 -9.78 -19.32
CA LEU B 142 1.79 -9.29 -18.47
C LEU B 142 0.42 -9.56 -19.08
N LYS B 143 0.30 -9.35 -20.39
CA LYS B 143 -0.97 -9.57 -21.06
C LYS B 143 -1.31 -11.06 -21.02
N LYS B 144 -0.29 -11.91 -21.15
CA LYS B 144 -0.52 -13.34 -21.09
C LYS B 144 -0.99 -13.72 -19.69
N PHE B 145 -0.41 -13.08 -18.68
CA PHE B 145 -0.82 -13.34 -17.30
C PHE B 145 -2.29 -12.93 -17.15
N LYS B 146 -2.64 -11.79 -17.73
CA LYS B 146 -4.02 -11.30 -17.63
C LYS B 146 -5.01 -12.29 -18.25
N LEU B 147 -4.70 -12.77 -19.45
CA LEU B 147 -5.58 -13.73 -20.12
C LEU B 147 -5.74 -14.96 -19.23
N ALA B 148 -4.62 -15.47 -18.74
CA ALA B 148 -4.63 -16.63 -17.88
C ALA B 148 -5.38 -16.39 -16.56
N ALA B 149 -5.22 -15.21 -16.00
CA ALA B 149 -5.87 -14.86 -14.74
C ALA B 149 -7.38 -14.82 -14.87
N LEU B 150 -7.87 -14.13 -15.90
CA LEU B 150 -9.29 -14.01 -16.16
C LEU B 150 -9.89 -15.40 -16.40
N SER B 151 -9.18 -16.22 -17.18
CA SER B 151 -9.65 -17.55 -17.49
C SER B 151 -9.80 -18.39 -16.23
N HIS B 152 -8.71 -18.51 -15.47
CA HIS B 152 -8.70 -19.28 -14.23
C HIS B 152 -9.72 -18.73 -13.22
N LEU B 153 -9.76 -17.41 -13.10
CA LEU B 153 -10.66 -16.72 -12.19
C LEU B 153 -12.13 -17.13 -12.32
N VAL B 154 -12.67 -17.05 -13.54
CA VAL B 154 -14.08 -17.39 -13.73
C VAL B 154 -14.37 -18.88 -13.61
N VAL B 155 -13.38 -19.72 -13.88
CA VAL B 155 -13.59 -21.16 -13.76
C VAL B 155 -13.47 -21.60 -12.30
N GLN B 156 -12.41 -21.18 -11.63
CA GLN B 156 -12.20 -21.55 -10.24
C GLN B 156 -13.32 -20.97 -9.37
N GLY B 157 -13.73 -19.74 -9.69
CA GLY B 157 -14.79 -19.10 -8.93
C GLY B 157 -14.27 -18.37 -7.71
N ASN B 158 -12.97 -18.52 -7.47
CA ASN B 158 -12.31 -17.86 -6.36
C ASN B 158 -10.81 -17.95 -6.63
N GLY B 159 -9.99 -17.61 -5.63
CA GLY B 159 -8.55 -17.68 -5.82
C GLY B 159 -7.94 -16.33 -6.11
N SER B 160 -6.67 -16.19 -5.74
CA SER B 160 -5.93 -14.94 -5.92
C SER B 160 -5.25 -14.85 -7.28
N CYS B 161 -5.02 -16.01 -7.90
CA CYS B 161 -4.31 -16.13 -9.17
C CYS B 161 -2.80 -16.03 -8.94
N GLY B 162 -2.41 -16.22 -7.68
CA GLY B 162 -1.00 -16.19 -7.33
C GLY B 162 -0.35 -17.40 -7.98
N ASP B 163 -1.15 -18.45 -8.17
CA ASP B 163 -0.66 -19.66 -8.80
C ASP B 163 -0.43 -19.38 -10.28
N ILE B 164 -1.34 -18.65 -10.90
CA ILE B 164 -1.20 -18.30 -12.31
C ILE B 164 0.12 -17.52 -12.45
N ALA B 165 0.30 -16.50 -11.61
CA ALA B 165 1.49 -15.69 -11.68
C ALA B 165 2.77 -16.52 -11.56
N SER B 166 2.81 -17.45 -10.62
CA SER B 166 4.00 -18.28 -10.42
C SER B 166 4.32 -19.17 -11.62
N CYS B 167 3.30 -19.82 -12.17
CA CYS B 167 3.50 -20.70 -13.31
C CYS B 167 3.85 -19.89 -14.56
N MSE B 168 3.34 -18.66 -14.63
CA MSE B 168 3.60 -17.81 -15.78
C MSE B 168 5.00 -17.20 -15.79
O MSE B 168 5.63 -17.12 -16.83
CB MSE B 168 2.58 -16.66 -15.83
CG MSE B 168 2.82 -15.66 -16.96
SE MSE B 168 2.59 -16.41 -18.75
CE MSE B 168 0.68 -16.71 -18.71
N TYR B 169 5.47 -16.77 -14.62
CA TYR B 169 6.78 -16.16 -14.54
C TYR B 169 7.88 -17.08 -14.02
N GLY B 170 7.48 -18.15 -13.34
CA GLY B 170 8.46 -19.08 -12.80
C GLY B 170 9.37 -18.40 -11.79
N GLY B 171 10.36 -19.15 -11.31
CA GLY B 171 11.30 -18.60 -10.34
C GLY B 171 10.62 -18.31 -9.00
N TRP B 172 11.15 -17.34 -8.28
CA TRP B 172 10.60 -16.93 -6.99
C TRP B 172 9.95 -15.57 -7.19
N ILE B 173 8.75 -15.40 -6.65
CA ILE B 173 8.06 -14.12 -6.78
C ILE B 173 7.27 -13.74 -5.54
N ALA B 174 7.04 -12.44 -5.41
CA ALA B 174 6.21 -11.91 -4.33
C ALA B 174 5.02 -11.47 -5.17
N TYR B 175 3.88 -12.12 -4.98
CA TYR B 175 2.69 -11.79 -5.73
C TYR B 175 1.72 -10.95 -4.91
N THR B 176 1.28 -9.83 -5.46
CA THR B 176 0.32 -8.96 -4.78
C THR B 176 -0.96 -8.99 -5.63
N THR B 177 -2.02 -9.51 -5.01
CA THR B 177 -3.30 -9.69 -5.67
C THR B 177 -3.96 -8.43 -6.22
N PHE B 178 -4.44 -8.52 -7.46
CA PHE B 178 -5.11 -7.40 -8.10
C PHE B 178 -6.43 -7.10 -7.37
N ASP B 179 -7.05 -5.98 -7.70
CA ASP B 179 -8.32 -5.59 -7.08
C ASP B 179 -9.40 -6.54 -7.62
N GLN B 180 -9.74 -7.55 -6.83
CA GLN B 180 -10.72 -8.57 -7.18
C GLN B 180 -12.08 -8.02 -7.65
N GLU B 181 -12.66 -7.10 -6.87
CA GLU B 181 -13.96 -6.52 -7.22
C GLU B 181 -13.88 -5.68 -8.49
N TRP B 182 -12.80 -4.93 -8.62
CA TRP B 182 -12.58 -4.09 -9.79
C TRP B 182 -12.66 -4.94 -11.05
N VAL B 183 -11.99 -6.09 -11.04
CA VAL B 183 -11.97 -6.99 -12.20
C VAL B 183 -13.33 -7.64 -12.47
N LYS B 184 -13.89 -8.27 -11.44
CA LYS B 184 -15.18 -8.97 -11.56
C LYS B 184 -16.31 -8.07 -12.02
N HIS B 185 -16.39 -6.86 -11.45
CA HIS B 185 -17.43 -5.94 -11.85
C HIS B 185 -17.30 -5.61 -13.34
N ARG B 186 -16.08 -5.36 -13.78
CA ARG B 186 -15.84 -5.00 -15.17
C ARG B 186 -16.00 -6.13 -16.18
N LEU B 187 -16.02 -7.37 -15.73
CA LEU B 187 -16.22 -8.49 -16.65
C LEU B 187 -17.57 -8.35 -17.35
N ALA B 188 -18.52 -7.71 -16.67
CA ALA B 188 -19.85 -7.56 -17.25
C ALA B 188 -20.02 -6.44 -18.27
N TYR B 189 -19.13 -5.46 -18.27
CA TYR B 189 -19.30 -4.34 -19.19
C TYR B 189 -18.08 -3.84 -19.94
N LYS B 190 -16.93 -4.50 -19.77
CA LYS B 190 -15.71 -4.10 -20.47
C LYS B 190 -15.26 -5.27 -21.34
N SER B 191 -14.63 -4.97 -22.47
CA SER B 191 -14.16 -6.01 -23.38
C SER B 191 -12.81 -6.59 -22.93
N LEU B 192 -12.43 -7.71 -23.51
CA LEU B 192 -11.17 -8.37 -23.18
C LEU B 192 -10.01 -7.44 -23.57
N GLU B 193 -10.11 -6.83 -24.74
CA GLU B 193 -9.05 -5.93 -25.19
C GLU B 193 -8.87 -4.76 -24.24
N TRP B 194 -9.97 -4.32 -23.62
CA TRP B 194 -9.91 -3.23 -22.65
C TRP B 194 -9.10 -3.68 -21.44
N PHE B 195 -9.36 -4.91 -20.99
CA PHE B 195 -8.65 -5.48 -19.85
C PHE B 195 -7.15 -5.58 -20.14
N MSE B 196 -6.83 -5.89 -21.39
CA MSE B 196 -5.44 -6.03 -21.82
C MSE B 196 -4.66 -4.72 -21.76
O MSE B 196 -3.50 -4.71 -21.34
CB MSE B 196 -5.37 -6.58 -23.24
CG MSE B 196 -5.93 -7.98 -23.40
SE MSE B 196 -5.04 -9.30 -22.28
CE MSE B 196 -6.43 -9.58 -20.97
N LYS B 197 -5.27 -3.63 -22.18
CA LYS B 197 -4.60 -2.32 -22.22
C LYS B 197 -4.73 -1.46 -20.97
N GLU B 198 -5.65 -1.82 -20.09
CA GLU B 198 -5.84 -1.04 -18.87
C GLU B 198 -4.89 -1.47 -17.76
N PRO B 199 -4.40 -0.52 -16.95
CA PRO B 199 -3.51 -0.89 -15.86
C PRO B 199 -4.40 -1.48 -14.77
N TRP B 200 -4.02 -2.63 -14.23
CA TRP B 200 -4.82 -3.25 -13.19
C TRP B 200 -4.36 -2.71 -11.84
N PRO B 201 -5.28 -2.21 -11.01
CA PRO B 201 -4.88 -1.69 -9.71
C PRO B 201 -4.52 -2.75 -8.68
N MSE B 202 -3.56 -2.41 -7.83
CA MSE B 202 -3.06 -3.26 -6.75
C MSE B 202 -2.21 -4.43 -7.17
O MSE B 202 -1.40 -4.93 -6.38
CB MSE B 202 -4.23 -3.77 -5.91
CG MSE B 202 -5.02 -2.66 -5.27
SE MSE B 202 -6.31 -3.41 -4.08
CE MSE B 202 -7.27 -1.78 -3.64
N LEU B 203 -2.39 -4.90 -8.39
CA LEU B 203 -1.63 -6.03 -8.87
C LEU B 203 -0.14 -5.74 -8.88
N GLN B 204 0.66 -6.76 -8.57
CA GLN B 204 2.10 -6.62 -8.63
C GLN B 204 2.72 -7.99 -8.60
N ILE B 205 3.75 -8.16 -9.43
CA ILE B 205 4.48 -9.41 -9.51
C ILE B 205 5.96 -9.02 -9.45
N GLU B 206 6.57 -9.27 -8.29
CA GLU B 206 7.97 -8.92 -8.08
C GLU B 206 8.86 -10.14 -8.17
N THR B 207 9.87 -10.05 -9.04
CA THR B 207 10.83 -11.14 -9.20
C THR B 207 11.81 -11.10 -8.02
N LEU B 208 11.96 -12.24 -7.34
CA LEU B 208 12.86 -12.32 -6.19
C LEU B 208 14.06 -13.22 -6.43
N GLU B 209 15.04 -13.11 -5.54
CA GLU B 209 16.24 -13.91 -5.62
C GLU B 209 16.05 -15.15 -4.74
N GLU B 210 16.28 -16.32 -5.32
CA GLU B 210 16.14 -17.57 -4.58
C GLU B 210 16.95 -17.46 -3.29
N PRO B 211 16.35 -17.84 -2.15
CA PRO B 211 17.06 -17.78 -0.87
C PRO B 211 18.25 -18.74 -0.80
N VAL B 212 19.25 -18.36 -0.01
CA VAL B 212 20.44 -19.18 0.15
C VAL B 212 20.11 -20.50 0.84
N PRO B 213 19.39 -20.46 1.97
CA PRO B 213 19.04 -21.69 2.69
C PRO B 213 18.43 -22.75 1.77
N THR B 214 18.66 -24.01 2.10
CA THR B 214 18.14 -25.13 1.31
C THR B 214 16.63 -25.29 1.46
N PHE B 215 15.94 -25.31 0.31
CA PHE B 215 14.49 -25.44 0.29
C PHE B 215 14.07 -26.90 0.07
N SER B 216 13.28 -27.45 0.99
CA SER B 216 12.83 -28.83 0.87
C SER B 216 11.31 -28.94 0.75
N VAL B 217 10.86 -29.85 -0.11
CA VAL B 217 9.44 -30.07 -0.32
C VAL B 217 9.06 -31.51 0.02
N GLY B 218 8.01 -31.65 0.84
CA GLY B 218 7.55 -32.97 1.23
C GLY B 218 6.07 -33.10 0.99
N TRP B 219 5.67 -34.18 0.30
CA TRP B 219 4.26 -34.40 0.00
C TRP B 219 3.50 -35.08 1.11
N THR B 220 3.47 -34.45 2.28
CA THR B 220 2.72 -34.99 3.41
C THR B 220 1.28 -34.70 3.05
N GLY B 221 0.81 -35.30 1.96
CA GLY B 221 -0.53 -35.05 1.52
C GLY B 221 -1.30 -36.26 1.05
N THR B 222 -2.53 -36.00 0.65
CA THR B 222 -3.46 -37.00 0.16
C THR B 222 -4.76 -36.25 -0.09
N PRO B 223 -5.21 -36.22 -1.35
CA PRO B 223 -6.45 -35.53 -1.72
C PRO B 223 -7.50 -35.62 -0.61
N VAL B 224 -7.92 -34.46 -0.11
CA VAL B 224 -8.91 -34.41 0.95
C VAL B 224 -10.24 -33.83 0.49
N SER B 225 -10.17 -32.72 -0.25
CA SER B 225 -11.35 -32.02 -0.77
C SER B 225 -10.95 -30.62 -1.21
N THR B 226 -10.20 -29.93 -0.36
CA THR B 226 -9.75 -28.57 -0.62
C THR B 226 -10.93 -27.61 -0.59
N GLY B 227 -11.92 -27.87 -1.44
CA GLY B 227 -13.09 -27.02 -1.48
C GLY B 227 -13.68 -26.86 -0.09
N LYS B 228 -13.75 -27.96 0.64
CA LYS B 228 -14.27 -27.94 2.00
C LYS B 228 -13.55 -26.89 2.82
N LEU B 229 -12.23 -26.87 2.72
CA LEU B 229 -11.42 -25.91 3.47
C LEU B 229 -11.58 -24.46 3.01
N VAL B 230 -11.51 -24.25 1.70
CA VAL B 230 -11.65 -22.89 1.17
C VAL B 230 -13.03 -22.29 1.46
N SER B 231 -14.06 -23.13 1.48
CA SER B 231 -15.41 -22.67 1.75
C SER B 231 -15.59 -22.39 3.24
N GLN B 232 -14.99 -23.24 4.07
CA GLN B 232 -15.05 -23.09 5.52
C GLN B 232 -14.42 -21.76 5.94
N ILE B 233 -13.22 -21.49 5.46
CA ILE B 233 -12.52 -20.26 5.80
C ILE B 233 -13.30 -19.05 5.32
N HIS B 234 -13.85 -19.14 4.12
CA HIS B 234 -14.64 -18.05 3.57
C HIS B 234 -15.83 -17.78 4.49
N ALA B 235 -16.41 -18.86 5.01
CA ALA B 235 -17.55 -18.76 5.91
C ALA B 235 -17.09 -18.14 7.23
N PHE B 236 -15.90 -18.54 7.68
CA PHE B 236 -15.33 -18.03 8.91
C PHE B 236 -15.14 -16.53 8.82
N LYS B 237 -14.68 -16.06 7.67
CA LYS B 237 -14.46 -14.62 7.48
C LYS B 237 -15.71 -13.83 7.84
N GLN B 238 -16.87 -14.43 7.59
CA GLN B 238 -18.16 -13.79 7.87
C GLN B 238 -18.57 -13.92 9.32
N GLU B 239 -18.52 -15.15 9.82
CA GLU B 239 -18.91 -15.47 11.19
C GLU B 239 -18.03 -14.83 12.28
N ASP B 240 -16.73 -14.69 12.01
CA ASP B 240 -15.81 -14.14 13.00
C ASP B 240 -14.84 -13.11 12.40
N SER B 241 -15.36 -11.94 12.05
CA SER B 241 -14.58 -10.87 11.46
C SER B 241 -13.35 -10.41 12.25
N LYS B 242 -13.48 -10.34 13.57
CA LYS B 242 -12.36 -9.88 14.38
C LYS B 242 -11.15 -10.80 14.27
N ASN B 243 -11.38 -12.10 14.39
CA ASN B 243 -10.28 -13.06 14.31
C ASN B 243 -9.72 -13.17 12.89
N TYR B 244 -10.58 -13.07 11.89
CA TYR B 244 -10.12 -13.16 10.51
C TYR B 244 -9.26 -11.95 10.21
N GLN B 245 -9.68 -10.80 10.69
CA GLN B 245 -8.95 -9.55 10.46
C GLN B 245 -7.61 -9.63 11.22
N HIS B 246 -7.61 -10.26 12.39
CA HIS B 246 -6.37 -10.39 13.16
C HIS B 246 -5.38 -11.16 12.28
N PHE B 247 -5.83 -12.27 11.74
CA PHE B 247 -5.02 -13.09 10.85
C PHE B 247 -4.44 -12.26 9.70
N LEU B 248 -5.27 -11.42 9.07
CA LEU B 248 -4.80 -10.60 7.95
C LEU B 248 -3.75 -9.58 8.40
N THR B 249 -3.99 -8.97 9.55
CA THR B 249 -3.09 -7.97 10.10
C THR B 249 -1.71 -8.57 10.39
N ARG B 250 -1.70 -9.77 10.98
CA ARG B 250 -0.46 -10.47 11.31
C ARG B 250 0.24 -10.89 10.02
N ASN B 251 -0.54 -11.45 9.11
CA ASN B 251 -0.02 -11.90 7.83
C ASN B 251 0.71 -10.77 7.11
N ASN B 252 0.09 -9.60 7.07
CA ASN B 252 0.72 -8.47 6.38
C ASN B 252 2.00 -7.99 7.09
N GLU B 253 2.02 -8.01 8.41
CA GLU B 253 3.23 -7.60 9.14
C GLU B 253 4.34 -8.58 8.79
N ILE B 254 4.04 -9.87 8.91
CA ILE B 254 4.99 -10.93 8.61
C ILE B 254 5.48 -10.88 7.16
N MSE B 255 4.55 -10.65 6.24
CA MSE B 255 4.89 -10.59 4.82
C MSE B 255 5.90 -9.49 4.53
O MSE B 255 6.83 -9.69 3.74
CB MSE B 255 3.63 -10.40 3.98
CG MSE B 255 3.61 -11.21 2.69
SE MSE B 255 3.86 -13.13 2.93
CE MSE B 255 2.83 -13.40 4.54
N LYS B 256 5.74 -8.33 5.16
CA LYS B 256 6.69 -7.24 4.94
C LYS B 256 8.06 -7.70 5.45
N GLN B 257 8.05 -8.51 6.49
CA GLN B 257 9.29 -9.03 7.07
C GLN B 257 9.99 -9.97 6.10
N ILE B 258 9.23 -10.89 5.51
CA ILE B 258 9.79 -11.84 4.57
C ILE B 258 10.30 -11.14 3.32
N ILE B 259 9.62 -10.08 2.90
CA ILE B 259 10.07 -9.34 1.73
C ILE B 259 11.40 -8.68 2.08
N GLN B 260 11.52 -8.24 3.34
CA GLN B 260 12.76 -7.61 3.80
C GLN B 260 13.85 -8.66 3.80
N ALA B 261 13.52 -9.86 4.29
CA ALA B 261 14.47 -10.96 4.34
C ALA B 261 15.01 -11.28 2.95
N PHE B 262 14.12 -11.32 1.96
CA PHE B 262 14.53 -11.60 0.58
C PHE B 262 15.42 -10.50 0.04
N HIS B 263 15.01 -9.26 0.26
CA HIS B 263 15.76 -8.11 -0.20
C HIS B 263 17.14 -7.98 0.44
N THR B 264 17.24 -8.28 1.73
CA THR B 264 18.51 -8.16 2.44
C THR B 264 19.26 -9.49 2.59
N LYS B 265 18.75 -10.55 2.00
CA LYS B 265 19.42 -11.85 2.11
C LYS B 265 19.53 -12.27 3.57
N ASP B 266 18.65 -11.72 4.40
CA ASP B 266 18.64 -12.02 5.83
C ASP B 266 17.99 -13.39 6.09
N GLU B 267 18.80 -14.40 6.32
CA GLU B 267 18.32 -15.76 6.56
C GLU B 267 17.59 -15.94 7.88
N GLU B 268 18.16 -15.39 8.95
CA GLU B 268 17.54 -15.49 10.27
C GLU B 268 16.13 -14.91 10.24
N LEU B 269 16.00 -13.71 9.67
CA LEU B 269 14.70 -13.04 9.56
C LEU B 269 13.76 -13.94 8.76
N LEU B 270 14.32 -14.67 7.80
CA LEU B 270 13.52 -15.57 6.96
C LEU B 270 12.96 -16.71 7.79
N TYR B 271 13.82 -17.35 8.60
CA TYR B 271 13.40 -18.47 9.44
C TYR B 271 12.33 -18.04 10.44
N SER B 272 12.58 -16.94 11.13
CA SER B 272 11.62 -16.46 12.12
C SER B 272 10.28 -16.10 11.46
N SER B 273 10.35 -15.50 10.28
CA SER B 273 9.14 -15.11 9.56
C SER B 273 8.28 -16.31 9.16
N ILE B 274 8.93 -17.36 8.67
CA ILE B 274 8.19 -18.55 8.27
C ILE B 274 7.51 -19.18 9.48
N LYS B 275 8.22 -19.21 10.61
CA LYS B 275 7.66 -19.76 11.83
C LYS B 275 6.44 -18.96 12.23
N GLU B 276 6.53 -17.64 12.11
CA GLU B 276 5.40 -16.80 12.46
C GLU B 276 4.23 -17.14 11.56
N ASN B 277 4.47 -17.17 10.25
CA ASN B 277 3.42 -17.47 9.30
C ASN B 277 2.75 -18.78 9.68
N ARG B 278 3.56 -19.79 10.00
CA ARG B 278 3.01 -21.09 10.38
C ARG B 278 2.06 -20.96 11.56
N ARG B 279 2.47 -20.19 12.56
CA ARG B 279 1.68 -20.00 13.76
C ARG B 279 0.31 -19.38 13.48
N ILE B 280 0.26 -18.30 12.70
CA ILE B 280 -1.02 -17.66 12.42
C ILE B 280 -1.93 -18.54 11.58
N LEU B 281 -1.34 -19.44 10.81
CA LEU B 281 -2.14 -20.34 10.00
C LEU B 281 -2.72 -21.41 10.90
N GLN B 282 -1.99 -21.74 11.95
CA GLN B 282 -2.45 -22.74 12.92
C GLN B 282 -3.61 -22.10 13.67
N GLU B 283 -3.41 -20.87 14.13
CA GLU B 283 -4.42 -20.13 14.87
C GLU B 283 -5.70 -20.02 14.04
N LEU B 284 -5.56 -19.61 12.78
CA LEU B 284 -6.70 -19.47 11.88
C LEU B 284 -7.49 -20.76 11.79
N GLY B 285 -6.78 -21.87 11.56
CA GLY B 285 -7.44 -23.15 11.47
C GLY B 285 -8.20 -23.50 12.74
N THR B 286 -7.57 -23.24 13.88
CA THR B 286 -8.19 -23.53 15.17
C THR B 286 -9.45 -22.69 15.39
N LYS B 287 -9.34 -21.38 15.18
CA LYS B 287 -10.47 -20.49 15.36
C LYS B 287 -11.61 -20.78 14.40
N ALA B 288 -11.29 -21.20 13.19
CA ALA B 288 -12.29 -21.50 12.17
C ALA B 288 -12.76 -22.95 12.26
N GLY B 289 -12.05 -23.75 13.05
CA GLY B 289 -12.41 -25.15 13.17
C GLY B 289 -12.05 -25.91 11.91
N VAL B 290 -11.02 -25.44 11.21
CA VAL B 290 -10.56 -26.08 9.99
C VAL B 290 -9.21 -26.73 10.25
N ASN B 291 -8.93 -27.81 9.53
CA ASN B 291 -7.67 -28.53 9.71
C ASN B 291 -6.68 -28.19 8.59
N ILE B 292 -6.09 -27.01 8.67
CA ILE B 292 -5.12 -26.58 7.66
C ILE B 292 -3.87 -27.43 7.81
N GLU B 293 -3.28 -27.36 8.99
CA GLU B 293 -2.08 -28.12 9.30
C GLU B 293 -2.47 -29.49 9.84
N THR B 294 -2.45 -30.50 8.98
CA THR B 294 -2.81 -31.85 9.39
C THR B 294 -1.75 -32.39 10.34
N SER B 295 -2.05 -33.54 10.96
CA SER B 295 -1.13 -34.16 11.89
C SER B 295 0.21 -34.42 11.22
N LEU B 296 0.18 -34.96 10.00
CA LEU B 296 1.41 -35.25 9.28
C LEU B 296 2.11 -33.95 8.90
N LEU B 297 1.33 -32.95 8.50
CA LEU B 297 1.90 -31.66 8.12
C LEU B 297 2.57 -31.07 9.36
N LYS B 298 1.96 -31.27 10.52
CA LYS B 298 2.52 -30.75 11.76
C LYS B 298 3.89 -31.38 12.00
N GLU B 299 3.98 -32.68 11.76
CA GLU B 299 5.25 -33.39 11.95
C GLU B 299 6.29 -32.86 10.98
N LEU B 300 5.90 -32.70 9.72
CA LEU B 300 6.81 -32.18 8.71
C LEU B 300 7.41 -30.86 9.17
N ALA B 301 6.54 -29.96 9.62
CA ALA B 301 6.97 -28.65 10.08
C ALA B 301 7.79 -28.71 11.37
N ASP B 302 7.37 -29.56 12.32
CA ASP B 302 8.10 -29.65 13.57
C ASP B 302 9.52 -30.15 13.35
N SER B 303 9.66 -31.19 12.54
CA SER B 303 10.97 -31.75 12.25
C SER B 303 11.87 -30.69 11.63
N ALA B 304 11.31 -29.85 10.77
CA ALA B 304 12.08 -28.79 10.12
C ALA B 304 12.55 -27.75 11.13
N GLU B 305 11.72 -27.47 12.12
CA GLU B 305 12.07 -26.50 13.14
C GLU B 305 13.09 -27.08 14.12
N ASN B 306 12.92 -28.36 14.44
CA ASN B 306 13.84 -29.04 15.35
C ASN B 306 15.23 -29.13 14.74
N MSE B 307 15.29 -29.18 13.41
CA MSE B 307 16.55 -29.27 12.70
C MSE B 307 17.26 -27.92 12.66
O MSE B 307 18.34 -27.79 12.10
CB MSE B 307 16.31 -29.74 11.26
CG MSE B 307 17.35 -30.71 10.74
SE MSE B 307 17.04 -32.51 11.38
CE MSE B 307 17.77 -32.34 13.17
N GLY B 308 16.63 -26.91 13.27
CA GLY B 308 17.22 -25.58 13.30
C GLY B 308 16.70 -24.66 12.21
N GLY B 309 15.78 -25.17 11.39
CA GLY B 309 15.22 -24.37 10.31
C GLY B 309 13.78 -23.95 10.54
N ALA B 310 13.00 -23.91 9.47
CA ALA B 310 11.60 -23.53 9.55
C ALA B 310 10.80 -24.29 8.49
N GLY B 311 9.54 -24.57 8.81
CA GLY B 311 8.69 -25.28 7.87
C GLY B 311 7.24 -24.91 8.07
N LYS B 312 6.41 -25.21 7.08
CA LYS B 312 4.98 -24.90 7.14
C LYS B 312 4.29 -25.54 5.95
N SER B 313 2.98 -25.66 6.04
CA SER B 313 2.21 -26.24 4.93
C SER B 313 2.28 -25.27 3.76
N SER B 314 1.98 -25.75 2.57
CA SER B 314 2.02 -24.91 1.39
C SER B 314 0.69 -24.92 0.67
N GLY B 315 -0.02 -23.78 0.72
CA GLY B 315 -1.31 -23.68 0.08
C GLY B 315 -2.47 -23.85 1.03
N SER B 316 -3.52 -24.50 0.57
CA SER B 316 -4.72 -24.72 1.37
C SER B 316 -4.50 -25.64 2.57
N GLY B 317 -3.48 -26.48 2.49
CA GLY B 317 -3.21 -27.38 3.60
C GLY B 317 -4.22 -28.51 3.63
N GLY B 318 -4.36 -29.16 4.77
CA GLY B 318 -5.30 -30.27 4.87
C GLY B 318 -4.75 -31.45 4.10
N GLY B 319 -3.49 -31.33 3.70
CA GLY B 319 -2.82 -32.37 2.93
C GLY B 319 -1.84 -31.73 1.97
N ASP B 320 -1.79 -32.23 0.74
CA ASP B 320 -0.88 -31.69 -0.26
C ASP B 320 0.55 -31.58 0.30
N CYS B 321 1.30 -30.61 -0.20
CA CYS B 321 2.68 -30.42 0.21
C CYS B 321 2.97 -29.49 1.38
N GLY B 322 4.16 -29.67 1.93
CA GLY B 322 4.66 -28.86 3.01
C GLY B 322 6.04 -28.43 2.52
N ILE B 323 6.59 -27.37 3.10
CA ILE B 323 7.89 -26.88 2.65
C ILE B 323 8.77 -26.50 3.83
N ALA B 324 10.07 -26.33 3.58
CA ALA B 324 11.00 -25.98 4.66
C ALA B 324 12.33 -25.40 4.18
N PHE B 325 12.97 -24.66 5.08
CA PHE B 325 14.27 -24.03 4.85
C PHE B 325 15.23 -24.55 5.93
N SER B 326 16.34 -25.16 5.50
CA SER B 326 17.33 -25.69 6.42
C SER B 326 18.59 -24.82 6.38
N LYS B 327 19.36 -24.85 7.47
CA LYS B 327 20.56 -24.01 7.53
C LYS B 327 21.73 -24.51 6.67
N THR B 328 21.75 -25.81 6.38
CA THR B 328 22.81 -26.38 5.55
C THR B 328 22.28 -27.57 4.78
N LYS B 329 22.93 -27.86 3.65
CA LYS B 329 22.54 -28.97 2.81
C LYS B 329 22.50 -30.26 3.62
N GLU B 330 23.42 -30.38 4.58
CA GLU B 330 23.49 -31.57 5.43
C GLU B 330 22.24 -31.66 6.30
N LEU B 331 21.94 -30.59 7.01
CA LEU B 331 20.76 -30.57 7.87
C LEU B 331 19.53 -30.92 7.04
N ALA B 332 19.46 -30.38 5.83
CA ALA B 332 18.35 -30.64 4.93
C ALA B 332 18.26 -32.12 4.62
N GLU B 333 19.41 -32.73 4.36
CA GLU B 333 19.46 -34.16 4.04
C GLU B 333 18.90 -34.96 5.20
N LYS B 334 19.29 -34.59 6.41
CA LYS B 334 18.81 -35.27 7.61
C LYS B 334 17.30 -35.06 7.69
N LEU B 335 16.87 -33.81 7.50
CA LEU B 335 15.46 -33.47 7.54
C LEU B 335 14.70 -34.35 6.57
N VAL B 336 15.15 -34.38 5.32
CA VAL B 336 14.52 -35.19 4.29
C VAL B 336 14.46 -36.63 4.80
N ASN B 337 15.50 -37.02 5.52
CA ASN B 337 15.60 -38.37 6.06
C ASN B 337 14.49 -38.64 7.09
N GLU B 338 14.28 -37.70 8.00
CA GLU B 338 13.25 -37.84 9.01
C GLU B 338 11.85 -37.88 8.40
N TRP B 339 11.61 -37.00 7.41
CA TRP B 339 10.31 -36.96 6.75
C TRP B 339 9.98 -38.32 6.15
N GLU B 340 10.96 -38.91 5.48
CA GLU B 340 10.78 -40.21 4.85
C GLU B 340 10.44 -41.27 5.90
N LYS B 341 10.96 -41.09 7.10
CA LYS B 341 10.70 -42.03 8.20
C LYS B 341 9.29 -41.81 8.72
N LEU B 342 8.85 -40.55 8.72
CA LEU B 342 7.52 -40.20 9.20
C LEU B 342 6.41 -40.51 8.18
N GLY B 343 6.80 -40.92 6.98
CA GLY B 343 5.83 -41.24 5.96
C GLY B 343 5.55 -40.08 5.03
N ILE B 344 6.51 -39.18 4.92
CA ILE B 344 6.38 -38.00 4.05
C ILE B 344 7.24 -38.17 2.82
N LYS B 345 6.62 -38.07 1.64
CA LYS B 345 7.34 -38.22 0.38
C LYS B 345 8.12 -36.97 0.00
N HIS B 346 9.42 -37.13 -0.20
CA HIS B 346 10.29 -36.02 -0.56
C HIS B 346 10.24 -35.77 -2.05
N LEU B 347 10.26 -34.49 -2.42
CA LEU B 347 10.24 -34.12 -3.83
C LEU B 347 11.41 -33.19 -4.10
N PRO B 348 12.55 -33.75 -4.55
CA PRO B 348 13.74 -32.96 -4.85
C PRO B 348 13.32 -31.66 -5.52
N PHE B 349 13.90 -30.54 -5.09
CA PHE B 349 13.53 -29.25 -5.62
C PHE B 349 14.59 -28.49 -6.40
N HIS B 350 14.12 -27.82 -7.44
CA HIS B 350 14.91 -26.97 -8.31
C HIS B 350 13.90 -25.91 -8.73
N THR B 351 14.28 -24.63 -8.67
CA THR B 351 13.36 -23.57 -9.05
C THR B 351 12.84 -23.83 -10.47
N GLY B 352 11.53 -23.88 -10.61
CA GLY B 352 10.95 -24.13 -11.93
C GLY B 352 11.11 -22.95 -12.86
N ARG B 353 11.09 -23.21 -14.16
CA ARG B 353 11.22 -22.15 -15.14
C ARG B 353 10.49 -22.53 -16.41
N VAL B 354 9.81 -21.56 -17.03
CA VAL B 354 9.07 -21.81 -18.25
C VAL B 354 10.03 -22.07 -19.41
N GLN B 355 9.80 -23.17 -20.12
CA GLN B 355 10.62 -23.56 -21.24
C GLN B 355 9.77 -23.73 -22.50
N ILE B 356 9.94 -22.82 -23.46
CA ILE B 356 9.19 -22.88 -24.71
C ILE B 356 10.17 -23.10 -25.86
N THR B 357 10.14 -24.30 -26.44
CA THR B 357 11.04 -24.63 -27.54
C THR B 357 10.36 -25.32 -28.71
N GLU B 358 10.99 -25.24 -29.87
CA GLU B 358 10.49 -25.85 -31.10
C GLU B 358 11.56 -26.81 -31.63
N GLY B 359 12.34 -27.36 -30.70
CA GLY B 359 13.40 -28.28 -31.06
C GLY B 359 14.65 -27.96 -30.25
N ASN C 5 7.13 5.23 -32.64
CA ASN C 5 8.04 6.38 -32.39
C ASN C 5 8.28 6.53 -30.89
N LYS C 6 9.51 6.26 -30.45
CA LYS C 6 9.84 6.34 -29.03
C LYS C 6 11.05 7.20 -28.68
N LEU C 7 11.14 7.57 -27.41
CA LEU C 7 12.24 8.37 -26.91
C LEU C 7 13.11 7.48 -26.01
N GLN C 8 14.38 7.33 -26.36
CA GLN C 8 15.27 6.52 -25.54
C GLN C 8 16.30 7.39 -24.85
N VAL C 9 16.37 7.28 -23.53
CA VAL C 9 17.33 8.04 -22.74
C VAL C 9 18.25 7.06 -22.02
N LYS C 10 19.54 7.14 -22.33
CA LYS C 10 20.55 6.28 -21.70
C LYS C 10 21.41 7.13 -20.79
N ILE C 11 21.35 6.85 -19.49
CA ILE C 11 22.12 7.60 -18.49
C ILE C 11 23.21 6.68 -17.92
N PRO C 12 24.47 7.11 -18.01
CA PRO C 12 25.56 6.27 -17.50
C PRO C 12 25.62 6.24 -15.97
N GLY C 13 26.10 5.14 -15.41
CA GLY C 13 26.26 5.04 -13.97
C GLY C 13 27.46 5.90 -13.61
N LYS C 14 27.77 6.03 -12.33
CA LYS C 14 28.88 6.89 -11.92
C LYS C 14 29.82 6.26 -10.91
N LEU C 15 31.02 6.81 -10.83
CA LEU C 15 32.02 6.36 -9.88
C LEU C 15 32.78 7.53 -9.30
N TYR C 16 32.84 7.63 -7.99
CA TYR C 16 33.63 8.69 -7.38
C TYR C 16 35.07 8.26 -7.61
N VAL C 17 35.93 9.18 -8.01
CA VAL C 17 37.34 8.84 -8.22
C VAL C 17 38.17 9.39 -7.08
N ALA C 18 37.79 10.56 -6.58
CA ALA C 18 38.50 11.19 -5.48
C ALA C 18 37.58 12.18 -4.77
N GLY C 19 37.91 12.50 -3.52
CA GLY C 19 37.11 13.46 -2.77
C GLY C 19 35.91 12.99 -1.99
N GLU C 20 35.76 11.68 -1.82
CA GLU C 20 34.63 11.14 -1.07
C GLU C 20 34.62 11.65 0.37
N TYR C 21 33.43 11.71 0.95
CA TYR C 21 33.20 12.17 2.31
C TYR C 21 33.39 13.67 2.48
N ALA C 22 34.49 14.20 2.00
CA ALA C 22 34.72 15.63 2.10
C ALA C 22 33.65 16.34 1.25
N VAL C 23 33.33 15.74 0.11
CA VAL C 23 32.38 16.33 -0.82
C VAL C 23 30.98 16.51 -0.21
N VAL C 24 30.72 15.80 0.88
CA VAL C 24 29.44 15.92 1.57
C VAL C 24 29.26 17.37 2.02
N GLU C 25 30.36 18.04 2.34
CA GLU C 25 30.33 19.43 2.80
C GLU C 25 30.17 20.44 1.67
N SER C 26 29.35 21.46 1.91
CA SER C 26 29.10 22.49 0.93
C SER C 26 30.40 23.18 0.53
N GLY C 27 30.58 23.41 -0.77
CA GLY C 27 31.78 24.08 -1.22
C GLY C 27 33.00 23.17 -1.35
N HIS C 28 32.85 21.87 -1.09
CA HIS C 28 33.97 20.95 -1.21
C HIS C 28 33.91 20.21 -2.54
N THR C 29 35.07 19.73 -2.99
CA THR C 29 35.17 19.10 -4.30
C THR C 29 35.49 17.61 -4.35
N ALA C 30 35.03 16.96 -5.43
CA ALA C 30 35.26 15.55 -5.67
C ALA C 30 35.46 15.36 -7.17
N ILE C 31 36.04 14.23 -7.57
CA ILE C 31 36.27 13.94 -8.98
C ILE C 31 35.45 12.70 -9.29
N LEU C 32 34.72 12.72 -10.39
CA LEU C 32 33.93 11.55 -10.77
C LEU C 32 34.03 11.26 -12.24
N THR C 33 33.68 10.03 -12.60
CA THR C 33 33.65 9.65 -14.00
C THR C 33 32.38 8.84 -14.17
N ALA C 34 31.72 9.01 -15.30
CA ALA C 34 30.53 8.24 -15.60
C ALA C 34 31.09 6.97 -16.21
N VAL C 35 30.34 5.88 -16.16
CA VAL C 35 30.82 4.61 -16.71
C VAL C 35 29.91 4.12 -17.83
N ASN C 36 30.43 3.27 -18.68
CA ASN C 36 29.67 2.74 -19.81
C ASN C 36 28.69 1.61 -19.45
N ARG C 37 27.96 1.80 -18.37
CA ARG C 37 26.92 0.87 -17.93
C ARG C 37 25.78 1.85 -17.69
N TYR C 38 24.62 1.57 -18.29
CA TYR C 38 23.52 2.50 -18.23
C TYR C 38 22.17 2.08 -17.66
N ILE C 39 21.38 3.10 -17.41
CA ILE C 39 20.00 2.96 -16.99
C ILE C 39 19.39 3.40 -18.32
N THR C 40 18.51 2.59 -18.90
CA THR C 40 17.89 2.97 -20.16
C THR C 40 16.40 3.20 -19.94
N LEU C 41 15.96 4.44 -20.15
CA LEU C 41 14.55 4.77 -19.97
C LEU C 41 13.92 5.07 -21.33
N THR C 42 12.91 4.28 -21.70
CA THR C 42 12.23 4.46 -22.98
C THR C 42 10.84 5.02 -22.75
N LEU C 43 10.61 6.21 -23.28
CA LEU C 43 9.33 6.89 -23.13
C LEU C 43 8.57 6.90 -24.46
N GLU C 44 7.26 6.71 -24.38
CA GLU C 44 6.40 6.71 -25.56
C GLU C 44 5.03 7.18 -25.14
N ASP C 45 4.23 7.64 -26.10
CA ASP C 45 2.89 8.10 -25.78
C ASP C 45 2.05 6.87 -25.47
N SER C 46 1.06 7.04 -24.59
CA SER C 46 0.16 5.94 -24.22
C SER C 46 -1.19 6.49 -23.79
N GLU C 47 -2.12 5.58 -23.53
CA GLU C 47 -3.46 5.94 -23.11
C GLU C 47 -3.43 6.45 -21.67
N ARG C 48 -2.73 5.71 -20.81
CA ARG C 48 -2.59 6.06 -19.39
C ARG C 48 -1.11 6.22 -19.08
N ASN C 49 -0.82 6.90 -17.97
CA ASN C 49 0.56 7.04 -17.55
C ASN C 49 0.95 5.65 -17.07
N GLU C 50 2.19 5.25 -17.34
CA GLU C 50 2.71 3.96 -16.92
C GLU C 50 4.19 4.09 -16.59
N LEU C 51 4.62 3.50 -15.49
CA LEU C 51 6.03 3.53 -15.12
C LEU C 51 6.39 2.10 -14.80
N TRP C 52 7.36 1.57 -15.53
CA TRP C 52 7.83 0.21 -15.31
C TRP C 52 9.27 0.28 -14.82
N ILE C 53 9.59 -0.49 -13.78
CA ILE C 53 10.96 -0.55 -13.27
C ILE C 53 11.39 -2.01 -13.26
N PRO C 54 12.69 -2.27 -13.37
CA PRO C 54 13.35 -3.57 -13.41
C PRO C 54 12.74 -4.87 -12.86
N HIS C 55 12.51 -4.99 -11.56
CA HIS C 55 11.98 -6.27 -11.05
C HIS C 55 10.49 -6.35 -10.76
N TYR C 56 9.71 -5.40 -11.28
CA TYR C 56 8.27 -5.39 -11.07
C TYR C 56 7.59 -5.53 -12.41
N GLU C 57 6.87 -6.64 -12.58
CA GLU C 57 6.21 -6.96 -13.83
C GLU C 57 4.93 -6.21 -14.14
N ASN C 58 4.46 -5.40 -13.20
CA ASN C 58 3.27 -4.59 -13.40
C ASN C 58 3.68 -3.15 -13.12
N PRO C 59 3.36 -2.24 -14.04
CA PRO C 59 3.73 -0.83 -13.84
C PRO C 59 2.71 -0.19 -12.90
N VAL C 60 2.99 1.05 -12.52
CA VAL C 60 2.04 1.78 -11.69
C VAL C 60 1.54 2.86 -12.64
N SER C 61 0.37 3.38 -12.36
CA SER C 61 -0.22 4.42 -13.18
C SER C 61 -0.68 5.52 -12.24
N TRP C 62 -0.88 6.72 -12.78
CA TRP C 62 -1.33 7.84 -11.96
C TRP C 62 -2.00 8.84 -12.88
N PRO C 63 -2.87 9.70 -12.33
CA PRO C 63 -3.57 10.70 -13.13
C PRO C 63 -2.71 11.64 -13.97
N ILE C 64 -3.18 11.89 -15.19
CA ILE C 64 -2.50 12.76 -16.14
C ILE C 64 -2.33 14.16 -15.52
N GLY C 65 -1.08 14.56 -15.30
CA GLY C 65 -0.82 15.85 -14.70
C GLY C 65 -1.01 15.77 -13.21
N GLY C 66 -1.32 14.57 -12.72
CA GLY C 66 -1.53 14.39 -11.30
C GLY C 66 -0.28 13.92 -10.57
N GLU C 67 -0.44 13.62 -9.28
CA GLU C 67 0.65 13.16 -8.46
C GLU C 67 0.80 11.64 -8.52
N LEU C 68 2.04 11.18 -8.50
CA LEU C 68 2.34 9.75 -8.50
C LEU C 68 2.82 9.47 -7.08
N LYS C 69 2.04 8.73 -6.31
CA LYS C 69 2.37 8.44 -4.93
C LYS C 69 2.18 6.98 -4.54
N PRO C 70 2.98 6.07 -5.10
CA PRO C 70 2.88 4.64 -4.80
C PRO C 70 3.34 4.39 -3.36
N ASP C 71 3.02 3.22 -2.84
CA ASP C 71 3.42 2.87 -1.47
C ASP C 71 4.85 2.37 -1.40
N GLY C 72 5.17 1.37 -2.21
CA GLY C 72 6.50 0.79 -2.21
C GLY C 72 7.67 1.77 -2.20
N GLU C 73 8.68 1.44 -1.41
CA GLU C 73 9.88 2.27 -1.29
C GLU C 73 10.71 2.23 -2.56
N HIS C 74 10.47 1.22 -3.39
CA HIS C 74 11.20 1.06 -4.64
C HIS C 74 10.78 2.10 -5.68
N TRP C 75 9.65 2.76 -5.45
CA TRP C 75 9.15 3.78 -6.39
C TRP C 75 9.57 5.19 -6.00
N THR C 76 10.03 5.36 -4.76
CA THR C 76 10.36 6.68 -4.24
C THR C 76 11.23 7.63 -5.06
N PHE C 77 12.41 7.18 -5.51
CA PHE C 77 13.26 8.07 -6.28
C PHE C 77 12.64 8.49 -7.62
N THR C 78 12.13 7.53 -8.39
CA THR C 78 11.53 7.88 -9.67
C THR C 78 10.23 8.68 -9.51
N ALA C 79 9.42 8.33 -8.51
CA ALA C 79 8.18 9.05 -8.28
C ALA C 79 8.45 10.51 -7.93
N GLU C 80 9.45 10.76 -7.08
CA GLU C 80 9.75 12.14 -6.70
C GLU C 80 10.17 12.95 -7.94
N ALA C 81 10.94 12.33 -8.81
CA ALA C 81 11.40 13.03 -10.01
C ALA C 81 10.22 13.36 -10.92
N ILE C 82 9.30 12.43 -11.07
CA ILE C 82 8.13 12.67 -11.89
C ILE C 82 7.31 13.80 -11.28
N ASN C 83 7.13 13.75 -9.97
CA ASN C 83 6.35 14.77 -9.26
C ASN C 83 6.98 16.16 -9.39
N ILE C 84 8.30 16.25 -9.23
CA ILE C 84 8.97 17.54 -9.35
C ILE C 84 8.92 18.05 -10.80
N ALA C 85 9.04 17.15 -11.76
CA ALA C 85 9.01 17.55 -13.16
C ALA C 85 7.61 18.03 -13.53
N THR C 86 6.60 17.28 -13.08
CA THR C 86 5.21 17.64 -13.33
C THR C 86 4.92 19.04 -12.79
N THR C 87 5.22 19.27 -11.52
CA THR C 87 5.00 20.57 -10.91
C THR C 87 5.71 21.66 -11.70
N PHE C 88 6.96 21.41 -12.11
CA PHE C 88 7.70 22.38 -12.87
C PHE C 88 7.03 22.66 -14.23
N LEU C 89 6.83 21.61 -15.01
CA LEU C 89 6.20 21.74 -16.33
C LEU C 89 4.90 22.56 -16.24
N LYS C 90 4.09 22.28 -15.24
CA LYS C 90 2.84 23.00 -15.06
C LYS C 90 3.09 24.48 -14.80
N SER C 91 4.14 24.77 -14.04
CA SER C 91 4.47 26.16 -13.72
C SER C 91 4.79 26.89 -15.03
N GLU C 92 5.33 26.16 -15.99
CA GLU C 92 5.68 26.73 -17.29
C GLU C 92 4.48 26.65 -18.24
N GLY C 93 3.31 26.37 -17.67
CA GLY C 93 2.11 26.28 -18.49
C GLY C 93 2.10 25.09 -19.44
N ILE C 94 3.07 24.20 -19.31
CA ILE C 94 3.13 23.03 -20.18
C ILE C 94 2.07 22.02 -19.77
N GLU C 95 1.32 21.52 -20.75
CA GLU C 95 0.26 20.55 -20.48
C GLU C 95 0.79 19.13 -20.62
N LEU C 96 0.62 18.34 -19.56
CA LEU C 96 1.08 16.96 -19.58
C LEU C 96 0.12 16.02 -20.28
N THR C 97 0.68 15.05 -21.00
CA THR C 97 -0.11 14.05 -21.71
C THR C 97 0.40 12.69 -21.28
N PRO C 98 -0.48 11.68 -21.25
CA PRO C 98 -0.08 10.34 -20.83
C PRO C 98 1.13 9.75 -21.55
N VAL C 99 2.07 9.23 -20.77
CA VAL C 99 3.27 8.62 -21.33
C VAL C 99 3.58 7.30 -20.66
N LYS C 100 4.24 6.42 -21.39
CA LYS C 100 4.66 5.12 -20.88
C LYS C 100 6.18 5.20 -20.78
N MSE C 101 6.69 4.92 -19.59
CA MSE C 101 8.14 4.95 -19.37
C MSE C 101 8.62 3.62 -18.81
O MSE C 101 8.11 3.14 -17.79
CB MSE C 101 8.51 6.08 -18.40
CG MSE C 101 8.36 7.47 -18.98
SE MSE C 101 8.78 8.86 -17.69
CE MSE C 101 7.12 8.85 -16.70
N VAL C 102 9.59 3.02 -19.49
CA VAL C 102 10.15 1.75 -19.06
C VAL C 102 11.63 1.95 -18.74
N ILE C 103 12.01 1.55 -17.54
CA ILE C 103 13.38 1.67 -17.09
C ILE C 103 14.09 0.33 -17.02
N GLU C 104 15.26 0.28 -17.65
CA GLU C 104 16.09 -0.93 -17.65
C GLU C 104 17.40 -0.51 -17.02
N THR C 105 18.16 -1.47 -16.51
CA THR C 105 19.42 -1.15 -15.86
C THR C 105 20.53 -2.16 -16.10
N GLU C 106 21.77 -1.67 -16.07
CA GLU C 106 22.97 -2.47 -16.23
C GLU C 106 23.87 -2.20 -15.02
N LEU C 107 23.33 -1.54 -14.01
CA LEU C 107 24.10 -1.19 -12.82
C LEU C 107 24.04 -2.23 -11.71
N ILE C 108 23.44 -3.38 -12.00
CA ILE C 108 23.31 -4.44 -11.01
C ILE C 108 24.09 -5.70 -11.38
N ASP C 109 24.51 -6.42 -10.35
CA ASP C 109 25.27 -7.66 -10.51
C ASP C 109 24.33 -8.80 -10.93
N GLN C 110 24.91 -9.88 -11.44
CA GLN C 110 24.11 -11.05 -11.86
C GLN C 110 23.13 -11.47 -10.77
N SER C 111 23.63 -11.55 -9.55
CA SER C 111 22.80 -11.93 -8.41
C SER C 111 21.64 -10.96 -8.27
N GLY C 112 21.99 -9.67 -8.17
CA GLY C 112 20.96 -8.64 -8.02
C GLY C 112 21.44 -7.54 -7.10
N ALA C 113 22.70 -7.61 -6.69
CA ALA C 113 23.28 -6.61 -5.82
C ALA C 113 23.79 -5.46 -6.68
N LYS C 114 23.63 -4.24 -6.19
CA LYS C 114 24.10 -3.06 -6.91
C LYS C 114 25.63 -3.02 -6.87
N TYR C 115 26.25 -2.62 -7.98
CA TYR C 115 27.70 -2.51 -8.00
C TYR C 115 28.11 -1.24 -7.25
N GLY C 116 27.16 -0.35 -7.03
CA GLY C 116 27.46 0.92 -6.36
C GLY C 116 27.83 1.93 -7.42
N LEU C 117 27.09 1.91 -8.53
CA LEU C 117 27.35 2.80 -9.64
C LEU C 117 26.35 3.97 -9.67
N GLY C 118 25.78 4.29 -8.52
CA GLY C 118 24.84 5.39 -8.42
C GLY C 118 23.45 5.15 -9.01
N SER C 119 22.87 3.99 -8.73
CA SER C 119 21.55 3.64 -9.25
C SER C 119 20.46 4.70 -9.03
N SER C 120 20.34 5.20 -7.80
CA SER C 120 19.30 6.19 -7.50
C SER C 120 19.50 7.49 -8.26
N ALA C 121 20.75 7.90 -8.43
CA ALA C 121 21.04 9.13 -9.16
C ALA C 121 20.74 8.96 -10.66
N ALA C 122 21.23 7.86 -11.22
CA ALA C 122 21.03 7.59 -12.65
C ALA C 122 19.54 7.52 -13.01
N ALA C 123 18.75 6.85 -12.17
CA ALA C 123 17.32 6.73 -12.41
C ALA C 123 16.69 8.11 -12.35
N THR C 124 17.08 8.90 -11.36
CA THR C 124 16.54 10.25 -11.22
C THR C 124 16.88 11.09 -12.44
N VAL C 125 18.14 11.03 -12.86
CA VAL C 125 18.58 11.78 -14.02
C VAL C 125 17.86 11.33 -15.30
N ALA C 126 17.59 10.04 -15.39
CA ALA C 126 16.90 9.48 -16.55
C ALA C 126 15.49 10.04 -16.65
N VAL C 127 14.78 10.07 -15.52
CA VAL C 127 13.42 10.60 -15.50
C VAL C 127 13.40 12.08 -15.88
N ILE C 128 14.22 12.88 -15.22
CA ILE C 128 14.27 14.31 -15.51
C ILE C 128 14.59 14.56 -16.98
N ASN C 129 15.53 13.79 -17.54
CA ASN C 129 15.92 13.95 -18.93
C ASN C 129 14.80 13.56 -19.90
N ALA C 130 14.18 12.42 -19.66
CA ALA C 130 13.09 11.95 -20.52
C ALA C 130 11.92 12.93 -20.55
N LEU C 131 11.49 13.36 -19.37
CA LEU C 131 10.36 14.28 -19.29
C LEU C 131 10.68 15.67 -19.81
N MSE C 132 11.89 16.15 -19.57
CA MSE C 132 12.25 17.48 -20.07
C MSE C 132 12.38 17.43 -21.59
O MSE C 132 11.98 18.36 -22.29
CB MSE C 132 13.56 17.97 -19.47
CG MSE C 132 13.46 18.41 -18.01
SE MSE C 132 12.05 19.68 -17.67
CE MSE C 132 10.72 18.49 -16.92
N THR C 133 12.94 16.34 -22.11
CA THR C 133 13.11 16.21 -23.54
C THR C 133 11.75 16.16 -24.24
N LYS C 134 10.80 15.49 -23.60
CA LYS C 134 9.45 15.32 -24.15
C LYS C 134 8.57 16.56 -24.04
N PHE C 135 8.70 17.32 -22.96
CA PHE C 135 7.85 18.48 -22.75
C PHE C 135 8.50 19.87 -22.72
N TYR C 136 9.83 19.92 -22.73
CA TYR C 136 10.53 21.20 -22.69
C TYR C 136 12.00 20.96 -23.02
N PRO C 137 12.26 20.41 -24.22
CA PRO C 137 13.62 20.12 -24.71
C PRO C 137 14.65 21.23 -24.78
N GLU C 138 14.21 22.49 -24.75
CA GLU C 138 15.17 23.59 -24.83
C GLU C 138 15.78 23.96 -23.49
N ILE C 139 15.37 23.27 -22.42
CA ILE C 139 15.89 23.55 -21.09
C ILE C 139 17.38 23.19 -21.00
N SER C 140 18.18 24.08 -20.42
CA SER C 140 19.61 23.85 -20.30
C SER C 140 19.95 22.61 -19.47
N MSE C 141 21.19 22.15 -19.59
CA MSE C 141 21.63 20.98 -18.84
C MSE C 141 21.74 21.32 -17.36
O MSE C 141 21.39 20.51 -16.50
CB MSE C 141 22.99 20.50 -19.36
CG MSE C 141 23.40 19.14 -18.83
SE MSE C 141 25.04 18.51 -19.65
CE MSE C 141 24.49 18.66 -21.51
N LEU C 142 22.23 22.51 -17.06
CA LEU C 142 22.38 22.94 -15.67
C LEU C 142 21.03 22.92 -14.96
N LYS C 143 19.99 23.42 -15.63
CA LYS C 143 18.67 23.45 -15.03
C LYS C 143 18.18 22.03 -14.77
N LYS C 144 18.50 21.11 -15.68
CA LYS C 144 18.07 19.72 -15.48
C LYS C 144 18.83 19.14 -14.29
N PHE C 145 20.10 19.53 -14.12
CA PHE C 145 20.89 19.07 -12.99
C PHE C 145 20.16 19.49 -11.71
N LYS C 146 19.81 20.78 -11.66
CA LYS C 146 19.14 21.34 -10.51
C LYS C 146 17.84 20.62 -10.15
N LEU C 147 17.02 20.30 -11.15
CA LEU C 147 15.79 19.58 -10.88
C LEU C 147 16.12 18.19 -10.32
N ALA C 148 17.12 17.54 -10.92
CA ALA C 148 17.51 16.20 -10.48
C ALA C 148 18.11 16.22 -9.08
N ALA C 149 18.91 17.24 -8.78
CA ALA C 149 19.55 17.37 -7.48
C ALA C 149 18.52 17.58 -6.38
N LEU C 150 17.56 18.48 -6.64
CA LEU C 150 16.52 18.72 -5.65
C LEU C 150 15.76 17.43 -5.37
N SER C 151 15.37 16.72 -6.44
CA SER C 151 14.63 15.47 -6.27
C SER C 151 15.41 14.45 -5.44
N HIS C 152 16.65 14.22 -5.84
CA HIS C 152 17.48 13.24 -5.15
C HIS C 152 17.82 13.63 -3.70
N LEU C 153 18.12 14.90 -3.46
CA LEU C 153 18.47 15.28 -2.10
C LEU C 153 17.30 15.21 -1.13
N VAL C 154 16.09 15.52 -1.57
CA VAL C 154 14.98 15.44 -0.62
C VAL C 154 14.65 13.98 -0.34
N VAL C 155 14.86 13.10 -1.30
CA VAL C 155 14.56 11.69 -1.08
C VAL C 155 15.67 10.98 -0.29
N GLN C 156 16.92 11.19 -0.70
CA GLN C 156 18.05 10.56 -0.03
C GLN C 156 18.15 11.11 1.40
N GLY C 157 17.80 12.39 1.55
CA GLY C 157 17.87 13.02 2.86
C GLY C 157 19.25 13.54 3.17
N ASN C 158 20.18 13.32 2.24
CA ASN C 158 21.57 13.76 2.39
C ASN C 158 22.26 13.47 1.06
N GLY C 159 23.57 13.68 1.00
CA GLY C 159 24.29 13.43 -0.23
C GLY C 159 24.63 14.73 -0.95
N SER C 160 25.83 14.78 -1.52
CA SER C 160 26.32 15.97 -2.21
C SER C 160 25.72 16.20 -3.58
N CYS C 161 25.11 15.14 -4.15
CA CYS C 161 24.54 15.19 -5.50
C CYS C 161 25.64 15.15 -6.54
N GLY C 162 26.83 14.74 -6.14
CA GLY C 162 27.93 14.63 -7.09
C GLY C 162 27.58 13.50 -8.04
N ASP C 163 26.86 12.50 -7.54
CA ASP C 163 26.44 11.38 -8.39
C ASP C 163 25.44 11.89 -9.44
N ILE C 164 24.52 12.74 -9.03
CA ILE C 164 23.55 13.32 -9.97
C ILE C 164 24.31 14.05 -11.08
N ALA C 165 25.29 14.85 -10.68
CA ALA C 165 26.09 15.61 -11.64
C ALA C 165 26.83 14.70 -12.62
N SER C 166 27.47 13.66 -12.10
CA SER C 166 28.20 12.75 -12.98
C SER C 166 27.28 12.07 -13.99
N CYS C 167 26.13 11.59 -13.52
CA CYS C 167 25.18 10.92 -14.40
C CYS C 167 24.60 11.86 -15.46
N MSE C 168 24.36 13.10 -15.05
CA MSE C 168 23.79 14.10 -15.95
C MSE C 168 24.78 14.55 -17.03
O MSE C 168 24.42 14.59 -18.22
CB MSE C 168 23.32 15.31 -15.15
CG MSE C 168 22.75 16.46 -15.97
SE MSE C 168 21.09 16.03 -16.87
CE MSE C 168 19.93 15.96 -15.34
N TYR C 169 26.01 14.87 -16.64
CA TYR C 169 27.01 15.34 -17.60
C TYR C 169 27.84 14.27 -18.31
N GLY C 170 27.96 13.10 -17.72
CA GLY C 170 28.77 12.06 -18.35
C GLY C 170 30.23 12.44 -18.35
N GLY C 171 31.07 11.64 -18.99
CA GLY C 171 32.50 11.94 -19.03
C GLY C 171 33.13 12.03 -17.66
N TRP C 172 34.17 12.85 -17.54
CA TRP C 172 34.89 13.07 -16.29
C TRP C 172 34.59 14.48 -15.78
N ILE C 173 34.32 14.63 -14.47
CA ILE C 173 34.05 15.95 -13.94
C ILE C 173 34.66 16.21 -12.57
N ALA C 174 34.88 17.48 -12.29
CA ALA C 174 35.34 17.91 -10.99
C ALA C 174 34.03 18.52 -10.48
N TYR C 175 33.53 18.04 -9.37
CA TYR C 175 32.27 18.54 -8.83
C TYR C 175 32.45 19.21 -7.47
N THR C 176 31.97 20.43 -7.36
CA THR C 176 32.04 21.17 -6.09
C THR C 176 30.60 21.36 -5.61
N THR C 177 30.33 20.84 -4.42
CA THR C 177 29.00 20.86 -3.80
C THR C 177 28.38 22.25 -3.54
N PHE C 178 27.13 22.42 -3.97
CA PHE C 178 26.43 23.67 -3.78
C PHE C 178 26.17 23.88 -2.30
N ASP C 179 25.74 25.09 -1.93
CA ASP C 179 25.44 25.40 -0.53
C ASP C 179 24.16 24.65 -0.22
N GLN C 180 24.26 23.49 0.41
CA GLN C 180 23.09 22.68 0.70
C GLN C 180 22.10 23.23 1.72
N GLU C 181 22.57 24.02 2.67
CA GLU C 181 21.68 24.61 3.66
C GLU C 181 20.89 25.72 2.96
N TRP C 182 21.57 26.44 2.09
CA TRP C 182 20.96 27.52 1.32
C TRP C 182 19.77 26.96 0.54
N VAL C 183 19.98 25.82 -0.11
CA VAL C 183 18.90 25.19 -0.89
C VAL C 183 17.77 24.65 -0.02
N LYS C 184 18.12 23.92 1.04
CA LYS C 184 17.11 23.36 1.94
C LYS C 184 16.21 24.39 2.60
N HIS C 185 16.79 25.52 3.00
CA HIS C 185 16.00 26.57 3.63
C HIS C 185 15.00 27.12 2.63
N ARG C 186 15.45 27.36 1.40
CA ARG C 186 14.60 27.90 0.36
C ARG C 186 13.59 26.95 -0.24
N LEU C 187 13.75 25.66 -0.01
CA LEU C 187 12.79 24.71 -0.54
C LEU C 187 11.41 25.02 0.03
N ALA C 188 11.38 25.64 1.20
CA ALA C 188 10.13 25.98 1.86
C ALA C 188 9.46 27.27 1.42
N TYR C 189 10.21 28.21 0.83
CA TYR C 189 9.58 29.47 0.42
C TYR C 189 9.90 29.97 -0.99
N LYS C 190 10.76 29.25 -1.70
CA LYS C 190 11.10 29.63 -3.06
C LYS C 190 10.45 28.62 -4.01
N SER C 191 10.21 29.04 -5.24
CA SER C 191 9.60 28.17 -6.24
C SER C 191 10.63 27.42 -7.06
N LEU C 192 10.18 26.33 -7.68
CA LEU C 192 11.02 25.50 -8.51
C LEU C 192 11.62 26.33 -9.64
N GLU C 193 10.83 27.24 -10.21
CA GLU C 193 11.33 28.07 -11.30
C GLU C 193 12.38 29.03 -10.78
N TRP C 194 12.17 29.57 -9.58
CA TRP C 194 13.13 30.50 -8.99
C TRP C 194 14.48 29.78 -8.87
N PHE C 195 14.44 28.56 -8.33
CA PHE C 195 15.64 27.75 -8.17
C PHE C 195 16.35 27.59 -9.52
N MSE C 196 15.56 27.37 -10.56
CA MSE C 196 16.09 27.19 -11.92
C MSE C 196 16.89 28.38 -12.42
O MSE C 196 17.94 28.21 -13.05
CB MSE C 196 14.94 26.92 -12.90
CG MSE C 196 14.17 25.63 -12.65
SE MSE C 196 15.33 24.08 -12.68
CE MSE C 196 15.55 23.84 -10.77
N LYS C 197 16.40 29.59 -12.17
CA LYS C 197 17.06 30.80 -12.65
C LYS C 197 18.09 31.37 -11.69
N GLU C 198 18.01 30.99 -10.42
CA GLU C 198 18.95 31.52 -9.44
C GLU C 198 20.28 30.75 -9.45
N PRO C 199 21.40 31.47 -9.35
CA PRO C 199 22.70 30.81 -9.33
C PRO C 199 22.86 30.16 -7.96
N TRP C 200 23.30 28.91 -7.94
CA TRP C 200 23.45 28.20 -6.68
C TRP C 200 24.82 28.44 -6.09
N PRO C 201 24.87 29.14 -4.95
CA PRO C 201 26.14 29.43 -4.27
C PRO C 201 27.04 28.20 -4.16
N MSE C 202 28.32 28.38 -4.47
CA MSE C 202 29.35 27.33 -4.38
C MSE C 202 29.32 26.23 -5.43
O MSE C 202 30.33 25.54 -5.60
CB MSE C 202 29.32 26.71 -2.98
CG MSE C 202 29.65 27.68 -1.87
SE MSE C 202 29.45 26.88 -0.13
CE MSE C 202 29.10 28.48 0.92
N LEU C 203 28.21 26.05 -6.12
CA LEU C 203 28.13 24.98 -7.13
C LEU C 203 29.14 25.14 -8.27
N GLN C 204 29.81 24.03 -8.59
CA GLN C 204 30.78 24.01 -9.68
C GLN C 204 30.83 22.63 -10.34
N ILE C 205 30.60 22.60 -11.64
CA ILE C 205 30.64 21.35 -12.39
C ILE C 205 31.60 21.59 -13.55
N GLU C 206 32.85 21.15 -13.37
CA GLU C 206 33.88 21.35 -14.39
C GLU C 206 34.21 20.06 -15.15
N THR C 207 34.00 20.11 -16.46
CA THR C 207 34.29 18.96 -17.32
C THR C 207 35.79 18.80 -17.42
N LEU C 208 36.26 17.55 -17.35
CA LEU C 208 37.69 17.26 -17.43
C LEU C 208 37.97 16.37 -18.64
N GLU C 209 39.21 16.39 -19.12
CA GLU C 209 39.56 15.55 -20.26
C GLU C 209 39.78 14.11 -19.82
N GLU C 210 39.46 13.18 -20.72
CA GLU C 210 39.66 11.75 -20.49
C GLU C 210 41.13 11.58 -20.11
N PRO C 211 41.41 10.97 -18.96
CA PRO C 211 42.80 10.79 -18.55
C PRO C 211 43.59 9.85 -19.48
N VAL C 212 44.90 10.06 -19.60
CA VAL C 212 45.73 9.21 -20.44
C VAL C 212 46.01 7.88 -19.74
N PRO C 213 46.39 7.91 -18.45
CA PRO C 213 46.67 6.66 -17.73
C PRO C 213 45.43 5.74 -17.81
N THR C 214 45.65 4.44 -17.87
CA THR C 214 44.55 3.49 -17.96
C THR C 214 43.77 3.37 -16.66
N PHE C 215 42.47 3.57 -16.75
CA PHE C 215 41.57 3.53 -15.60
C PHE C 215 40.92 2.13 -15.45
N SER C 216 41.05 1.54 -14.27
CA SER C 216 40.47 0.22 -14.02
C SER C 216 39.50 0.22 -12.84
N VAL C 217 38.49 -0.63 -12.93
CA VAL C 217 37.46 -0.73 -11.90
C VAL C 217 37.33 -2.17 -11.41
N GLY C 218 37.25 -2.32 -10.09
CA GLY C 218 37.11 -3.65 -9.51
C GLY C 218 36.07 -3.68 -8.38
N TRP C 219 35.11 -4.59 -8.50
CA TRP C 219 34.05 -4.73 -7.48
C TRP C 219 34.58 -5.67 -6.41
N THR C 220 34.56 -5.23 -5.16
CA THR C 220 35.09 -6.06 -4.10
C THR C 220 34.18 -7.15 -3.59
N GLY C 221 34.06 -8.17 -4.44
CA GLY C 221 33.27 -9.37 -4.19
C GLY C 221 32.13 -9.34 -3.19
N THR C 222 31.63 -8.14 -2.87
CA THR C 222 30.55 -8.05 -1.91
C THR C 222 29.95 -6.66 -1.82
N PRO C 223 28.67 -6.57 -1.47
CA PRO C 223 27.99 -5.30 -1.33
C PRO C 223 28.45 -4.67 -0.02
N VAL C 224 28.15 -3.38 0.14
CA VAL C 224 28.53 -2.63 1.33
C VAL C 224 27.79 -3.10 2.60
N SER C 225 27.51 -2.13 3.48
CA SER C 225 26.81 -2.31 4.75
C SER C 225 26.55 -0.88 5.23
N THR C 226 26.66 0.04 4.28
CA THR C 226 26.47 1.48 4.43
C THR C 226 25.93 2.00 5.75
N GLY C 227 24.78 1.47 6.17
CA GLY C 227 24.16 1.90 7.41
C GLY C 227 25.12 2.31 8.51
N LYS C 228 26.32 1.73 8.52
CA LYS C 228 27.30 2.05 9.54
C LYS C 228 28.36 3.05 9.11
N LEU C 229 29.08 2.77 8.02
CA LEU C 229 30.11 3.68 7.55
C LEU C 229 29.67 5.14 7.50
N VAL C 230 28.81 5.48 6.55
CA VAL C 230 28.33 6.84 6.41
C VAL C 230 27.83 7.39 7.75
N SER C 231 27.09 6.56 8.48
CA SER C 231 26.55 6.95 9.78
C SER C 231 27.67 7.26 10.78
N GLN C 232 28.58 6.31 10.95
CA GLN C 232 29.69 6.46 11.88
C GLN C 232 30.55 7.69 11.55
N ILE C 233 30.76 7.93 10.26
CA ILE C 233 31.57 9.07 9.84
C ILE C 233 30.83 10.36 10.16
N HIS C 234 29.55 10.41 9.80
CA HIS C 234 28.72 11.58 10.04
C HIS C 234 28.76 11.94 11.53
N ALA C 235 28.74 10.93 12.39
CA ALA C 235 28.78 11.15 13.82
C ALA C 235 30.16 11.64 14.25
N PHE C 236 31.18 11.19 13.53
CA PHE C 236 32.56 11.56 13.83
C PHE C 236 32.85 13.06 13.67
N LYS C 237 32.43 13.63 12.55
CA LYS C 237 32.69 15.04 12.31
C LYS C 237 32.24 15.91 13.48
N GLN C 238 31.18 15.49 14.16
CA GLN C 238 30.63 16.23 15.29
C GLN C 238 31.59 16.16 16.48
N GLU C 239 31.99 14.94 16.82
CA GLU C 239 32.88 14.69 17.95
C GLU C 239 34.32 15.18 17.85
N ASP C 240 35.01 14.86 16.76
CA ASP C 240 36.39 15.27 16.58
C ASP C 240 36.48 16.21 15.38
N SER C 241 36.12 17.46 15.60
CA SER C 241 36.14 18.43 14.52
C SER C 241 37.54 18.82 14.04
N LYS C 242 38.54 18.77 14.92
CA LYS C 242 39.90 19.13 14.53
C LYS C 242 40.44 18.23 13.43
N ASN C 243 40.41 16.92 13.66
CA ASN C 243 40.92 15.99 12.66
C ASN C 243 40.02 15.99 11.42
N TYR C 244 38.72 16.23 11.60
CA TYR C 244 37.80 16.24 10.47
C TYR C 244 38.15 17.45 9.60
N GLN C 245 38.40 18.58 10.25
CA GLN C 245 38.75 19.78 9.50
C GLN C 245 40.08 19.59 8.79
N HIS C 246 41.01 18.88 9.41
CA HIS C 246 42.30 18.64 8.75
C HIS C 246 42.03 17.85 7.47
N PHE C 247 41.15 16.85 7.59
CA PHE C 247 40.76 16.00 6.47
C PHE C 247 40.20 16.85 5.33
N LEU C 248 39.27 17.75 5.67
CA LEU C 248 38.64 18.61 4.68
C LEU C 248 39.66 19.53 4.02
N THR C 249 40.57 20.06 4.83
CA THR C 249 41.61 20.95 4.32
C THR C 249 42.51 20.23 3.33
N ARG C 250 42.92 19.03 3.70
CA ARG C 250 43.79 18.22 2.84
C ARG C 250 43.06 17.84 1.57
N ASN C 251 41.80 17.44 1.71
CA ASN C 251 41.01 17.03 0.56
C ASN C 251 40.96 18.07 -0.56
N ASN C 252 40.62 19.30 -0.23
CA ASN C 252 40.52 20.29 -1.28
C ASN C 252 41.84 20.63 -1.96
N GLU C 253 42.96 20.49 -1.26
CA GLU C 253 44.25 20.75 -1.88
C GLU C 253 44.58 19.61 -2.82
N ILE C 254 44.27 18.39 -2.41
CA ILE C 254 44.53 17.24 -3.26
C ILE C 254 43.67 17.32 -4.52
N MSE C 255 42.42 17.75 -4.37
CA MSE C 255 41.54 17.89 -5.53
C MSE C 255 42.15 18.89 -6.52
O MSE C 255 42.10 18.67 -7.74
CB MSE C 255 40.14 18.35 -5.10
CG MSE C 255 39.37 17.33 -4.23
SE MSE C 255 39.42 15.49 -4.91
CE MSE C 255 40.53 14.68 -3.53
N LYS C 256 42.72 19.97 -6.03
CA LYS C 256 43.35 20.96 -6.90
C LYS C 256 44.47 20.32 -7.71
N GLN C 257 45.23 19.44 -7.07
CA GLN C 257 46.34 18.75 -7.73
C GLN C 257 45.84 17.80 -8.81
N ILE C 258 44.78 17.06 -8.51
CA ILE C 258 44.23 16.12 -9.48
C ILE C 258 43.74 16.86 -10.72
N ILE C 259 43.02 17.96 -10.50
CA ILE C 259 42.49 18.76 -11.59
C ILE C 259 43.66 19.26 -12.45
N GLN C 260 44.74 19.69 -11.80
CA GLN C 260 45.92 20.17 -12.55
C GLN C 260 46.57 19.01 -13.32
N ALA C 261 46.62 17.84 -12.69
CA ALA C 261 47.21 16.66 -13.32
C ALA C 261 46.47 16.33 -14.61
N PHE C 262 45.14 16.47 -14.56
CA PHE C 262 44.31 16.22 -15.74
C PHE C 262 44.62 17.29 -16.79
N HIS C 263 44.47 18.55 -16.39
CA HIS C 263 44.70 19.69 -17.28
C HIS C 263 46.08 19.64 -17.96
N THR C 264 47.13 19.40 -17.18
CA THR C 264 48.49 19.36 -17.71
C THR C 264 49.00 17.98 -18.16
N LYS C 265 48.16 16.94 -18.07
CA LYS C 265 48.59 15.60 -18.47
C LYS C 265 49.83 15.19 -17.68
N ASP C 266 49.79 15.44 -16.38
CA ASP C 266 50.89 15.13 -15.49
C ASP C 266 50.58 13.81 -14.75
N GLU C 267 50.91 12.69 -15.38
CA GLU C 267 50.64 11.37 -14.82
C GLU C 267 51.17 11.18 -13.41
N GLU C 268 52.43 11.55 -13.19
CA GLU C 268 53.02 11.39 -11.87
C GLU C 268 52.24 12.16 -10.81
N LEU C 269 51.72 13.33 -11.15
CA LEU C 269 50.96 14.10 -10.16
C LEU C 269 49.64 13.36 -9.86
N LEU C 270 49.07 12.74 -10.89
CA LEU C 270 47.82 11.99 -10.72
C LEU C 270 48.04 10.85 -9.73
N TYR C 271 49.05 10.01 -9.97
CA TYR C 271 49.32 8.89 -9.07
C TYR C 271 49.61 9.35 -7.64
N SER C 272 50.49 10.35 -7.48
CA SER C 272 50.80 10.80 -6.13
C SER C 272 49.57 11.37 -5.42
N SER C 273 48.72 12.07 -6.17
CA SER C 273 47.51 12.66 -5.59
C SER C 273 46.50 11.60 -5.15
N ILE C 274 46.33 10.56 -5.95
CA ILE C 274 45.41 9.49 -5.62
C ILE C 274 45.91 8.77 -4.35
N LYS C 275 47.22 8.55 -4.27
CA LYS C 275 47.81 7.89 -3.11
C LYS C 275 47.55 8.72 -1.85
N GLU C 276 47.68 10.04 -1.99
CA GLU C 276 47.41 10.94 -0.89
C GLU C 276 45.95 10.90 -0.47
N ASN C 277 45.03 10.89 -1.43
CA ASN C 277 43.61 10.85 -1.09
C ASN C 277 43.30 9.54 -0.36
N ARG C 278 43.87 8.44 -0.84
CA ARG C 278 43.64 7.15 -0.19
C ARG C 278 44.06 7.24 1.27
N ARG C 279 45.22 7.85 1.49
CA ARG C 279 45.79 8.01 2.83
C ARG C 279 44.97 8.90 3.77
N ILE C 280 44.43 10.03 3.29
CA ILE C 280 43.66 10.86 4.18
C ILE C 280 42.34 10.18 4.53
N LEU C 281 41.86 9.33 3.64
CA LEU C 281 40.63 8.59 3.89
C LEU C 281 40.90 7.50 4.93
N GLN C 282 42.08 6.89 4.88
CA GLN C 282 42.43 5.86 5.85
C GLN C 282 42.55 6.52 7.22
N GLU C 283 43.20 7.69 7.27
CA GLU C 283 43.35 8.43 8.52
C GLU C 283 41.96 8.77 9.07
N LEU C 284 41.09 9.24 8.19
CA LEU C 284 39.73 9.59 8.59
C LEU C 284 39.03 8.39 9.23
N GLY C 285 39.05 7.27 8.51
CA GLY C 285 38.44 6.06 9.00
C GLY C 285 39.01 5.62 10.35
N THR C 286 40.32 5.59 10.45
CA THR C 286 40.98 5.17 11.68
C THR C 286 40.55 6.02 12.88
N LYS C 287 40.61 7.34 12.73
CA LYS C 287 40.23 8.25 13.80
C LYS C 287 38.74 8.18 14.10
N ALA C 288 37.97 7.65 13.16
CA ALA C 288 36.53 7.51 13.35
C ALA C 288 36.27 6.12 13.89
N GLY C 289 37.32 5.30 13.91
CA GLY C 289 37.20 3.94 14.41
C GLY C 289 36.51 3.00 13.45
N VAL C 290 36.63 3.26 12.14
CA VAL C 290 35.99 2.42 11.15
C VAL C 290 36.94 2.09 10.00
N ASN C 291 36.57 1.09 9.20
CA ASN C 291 37.40 0.68 8.07
C ASN C 291 36.76 1.00 6.73
N ILE C 292 37.15 2.12 6.13
CA ILE C 292 36.61 2.47 4.82
C ILE C 292 37.10 1.41 3.84
N GLU C 293 38.32 0.94 4.05
CA GLU C 293 38.87 -0.08 3.18
C GLU C 293 38.73 -1.48 3.78
N THR C 294 38.01 -2.35 3.08
CA THR C 294 37.86 -3.73 3.52
C THR C 294 39.16 -4.41 3.12
N SER C 295 39.36 -5.65 3.55
CA SER C 295 40.57 -6.39 3.22
C SER C 295 40.77 -6.40 1.71
N LEU C 296 39.70 -6.70 0.97
CA LEU C 296 39.78 -6.75 -0.48
C LEU C 296 40.05 -5.38 -1.12
N LEU C 297 39.50 -4.30 -0.56
CA LEU C 297 39.75 -2.97 -1.12
C LEU C 297 41.22 -2.63 -0.90
N LYS C 298 41.75 -2.99 0.27
CA LYS C 298 43.14 -2.72 0.57
C LYS C 298 44.04 -3.43 -0.44
N GLU C 299 43.68 -4.68 -0.79
CA GLU C 299 44.46 -5.44 -1.76
C GLU C 299 44.32 -4.81 -3.14
N LEU C 300 43.13 -4.32 -3.44
CA LEU C 300 42.89 -3.68 -4.73
C LEU C 300 43.81 -2.48 -4.86
N ALA C 301 43.82 -1.63 -3.84
CA ALA C 301 44.65 -0.43 -3.82
C ALA C 301 46.15 -0.77 -3.75
N ASP C 302 46.53 -1.60 -2.80
CA ASP C 302 47.94 -1.98 -2.65
C ASP C 302 48.55 -2.52 -3.94
N SER C 303 47.83 -3.40 -4.63
CA SER C 303 48.36 -3.94 -5.89
C SER C 303 48.50 -2.85 -6.94
N ALA C 304 47.53 -1.94 -7.00
CA ALA C 304 47.56 -0.85 -7.98
C ALA C 304 48.80 -0.01 -7.76
N GLU C 305 49.14 0.25 -6.50
CA GLU C 305 50.34 1.03 -6.19
C GLU C 305 51.59 0.21 -6.54
N ASN C 306 51.62 -1.06 -6.12
CA ASN C 306 52.77 -1.92 -6.40
C ASN C 306 53.04 -2.02 -7.91
N MSE C 307 52.00 -1.90 -8.71
CA MSE C 307 52.11 -1.99 -10.16
C MSE C 307 52.67 -0.71 -10.79
O MSE C 307 52.84 -0.61 -12.01
CB MSE C 307 50.75 -2.30 -10.77
CG MSE C 307 50.78 -2.99 -12.12
SE MSE C 307 51.45 -4.80 -12.03
CE MSE C 307 49.97 -5.65 -11.13
N GLY C 308 52.95 0.30 -9.96
CA GLY C 308 53.49 1.54 -10.47
C GLY C 308 52.46 2.66 -10.63
N GLY C 309 51.22 2.40 -10.25
CA GLY C 309 50.18 3.42 -10.37
C GLY C 309 49.60 3.81 -9.02
N ALA C 310 48.28 3.91 -8.96
CA ALA C 310 47.60 4.27 -7.72
C ALA C 310 46.18 3.71 -7.73
N GLY C 311 45.61 3.54 -6.54
CA GLY C 311 44.27 3.00 -6.46
C GLY C 311 43.61 3.34 -5.15
N LYS C 312 42.31 3.13 -5.06
CA LYS C 312 41.59 3.43 -3.84
C LYS C 312 40.13 3.02 -3.95
N SER C 313 39.44 3.01 -2.82
CA SER C 313 38.04 2.66 -2.80
C SER C 313 37.29 3.78 -3.53
N SER C 314 36.12 3.44 -4.07
CA SER C 314 35.29 4.41 -4.78
C SER C 314 33.95 4.53 -4.05
N GLY C 315 33.68 5.72 -3.54
CA GLY C 315 32.43 5.91 -2.83
C GLY C 315 32.59 5.82 -1.33
N SER C 316 31.64 5.18 -0.67
CA SER C 316 31.64 5.06 0.77
C SER C 316 32.63 4.06 1.35
N GLY C 317 33.08 3.11 0.53
CA GLY C 317 33.99 2.09 1.04
C GLY C 317 33.22 0.99 1.76
N GLY C 318 33.93 0.11 2.44
CA GLY C 318 33.27 -0.98 3.16
C GLY C 318 32.73 -2.02 2.19
N GLY C 319 33.13 -1.89 0.93
CA GLY C 319 32.68 -2.80 -0.09
C GLY C 319 32.58 -2.08 -1.42
N ASP C 320 31.77 -2.62 -2.32
CA ASP C 320 31.57 -2.05 -3.65
C ASP C 320 32.87 -1.91 -4.46
N CYS C 321 32.94 -0.89 -5.31
CA CYS C 321 34.10 -0.73 -6.18
C CYS C 321 35.31 0.01 -5.63
N GLY C 322 36.44 -0.33 -6.23
CA GLY C 322 37.70 0.32 -5.94
C GLY C 322 38.17 0.67 -7.34
N ILE C 323 38.98 1.72 -7.49
CA ILE C 323 39.45 2.09 -8.82
C ILE C 323 40.96 2.25 -8.81
N ALA C 324 41.54 2.34 -9.99
CA ALA C 324 42.98 2.48 -10.12
C ALA C 324 43.37 3.07 -11.47
N PHE C 325 44.57 3.66 -11.50
CA PHE C 325 45.15 4.23 -12.71
C PHE C 325 46.48 3.50 -12.91
N SER C 326 46.81 3.16 -14.14
CA SER C 326 48.06 2.46 -14.44
C SER C 326 48.84 3.20 -15.53
N LYS C 327 50.17 3.07 -15.51
CA LYS C 327 51.03 3.76 -16.47
C LYS C 327 50.82 3.33 -17.91
N THR C 328 50.41 2.08 -18.14
CA THR C 328 50.19 1.58 -19.49
C THR C 328 49.08 0.56 -19.48
N LYS C 329 48.58 0.21 -20.66
CA LYS C 329 47.53 -0.80 -20.75
C LYS C 329 48.06 -2.15 -20.28
N GLU C 330 49.30 -2.45 -20.64
CA GLU C 330 49.91 -3.72 -20.26
C GLU C 330 49.96 -3.85 -18.75
N LEU C 331 50.35 -2.77 -18.09
CA LEU C 331 50.43 -2.80 -16.63
C LEU C 331 49.01 -2.92 -16.07
N ALA C 332 48.06 -2.30 -16.77
CA ALA C 332 46.66 -2.36 -16.37
C ALA C 332 46.16 -3.80 -16.48
N GLU C 333 46.60 -4.49 -17.54
CA GLU C 333 46.19 -5.88 -17.72
C GLU C 333 46.73 -6.73 -16.57
N LYS C 334 48.01 -6.55 -16.26
CA LYS C 334 48.61 -7.31 -15.17
C LYS C 334 47.94 -7.01 -13.85
N LEU C 335 47.52 -5.76 -13.67
CA LEU C 335 46.87 -5.38 -12.43
C LEU C 335 45.55 -6.14 -12.30
N VAL C 336 44.79 -6.14 -13.38
CA VAL C 336 43.51 -6.82 -13.42
C VAL C 336 43.68 -8.31 -13.11
N ASN C 337 44.67 -8.93 -13.75
CA ASN C 337 44.92 -10.35 -13.51
C ASN C 337 45.13 -10.62 -12.03
N GLU C 338 45.92 -9.77 -11.38
CA GLU C 338 46.18 -9.92 -9.95
C GLU C 338 44.89 -9.79 -9.14
N TRP C 339 44.10 -8.78 -9.46
CA TRP C 339 42.84 -8.56 -8.76
C TRP C 339 41.97 -9.81 -8.77
N GLU C 340 41.74 -10.36 -9.96
CA GLU C 340 40.93 -11.56 -10.09
C GLU C 340 41.44 -12.71 -9.22
N LYS C 341 42.76 -12.88 -9.17
CA LYS C 341 43.37 -13.92 -8.35
C LYS C 341 43.02 -13.69 -6.88
N LEU C 342 42.95 -12.41 -6.50
CA LEU C 342 42.64 -12.03 -5.12
C LEU C 342 41.18 -12.16 -4.78
N GLY C 343 40.33 -12.21 -5.81
CA GLY C 343 38.91 -12.32 -5.55
C GLY C 343 38.15 -11.07 -5.91
N ILE C 344 38.81 -10.14 -6.59
CA ILE C 344 38.17 -8.91 -7.00
C ILE C 344 37.58 -9.12 -8.39
N LYS C 345 36.35 -8.66 -8.59
CA LYS C 345 35.71 -8.82 -9.90
C LYS C 345 35.97 -7.61 -10.79
N HIS C 346 36.71 -7.84 -11.86
CA HIS C 346 37.02 -6.77 -12.80
C HIS C 346 35.77 -6.36 -13.57
N LEU C 347 35.59 -5.05 -13.74
CA LEU C 347 34.46 -4.51 -14.50
C LEU C 347 35.06 -3.67 -15.62
N PRO C 348 35.22 -4.24 -16.82
CA PRO C 348 35.78 -3.51 -17.96
C PRO C 348 35.20 -2.10 -18.05
N PHE C 349 36.09 -1.12 -18.04
CA PHE C 349 35.67 0.28 -18.07
C PHE C 349 35.85 1.01 -19.37
N HIS C 350 34.92 1.92 -19.60
CA HIS C 350 34.95 2.83 -20.71
C HIS C 350 34.13 4.00 -20.17
N THR C 351 34.58 5.20 -20.43
CA THR C 351 33.87 6.39 -19.98
C THR C 351 32.44 6.38 -20.48
N GLY C 352 31.51 6.71 -19.60
CA GLY C 352 30.10 6.74 -19.96
C GLY C 352 29.67 8.06 -20.55
N ARG C 353 28.69 8.02 -21.45
CA ARG C 353 28.18 9.22 -22.10
C ARG C 353 26.66 9.23 -22.20
N VAL C 354 26.02 10.34 -21.86
CA VAL C 354 24.56 10.44 -21.95
C VAL C 354 24.16 10.33 -23.41
N GLN C 355 23.14 9.51 -23.70
CA GLN C 355 22.70 9.33 -25.07
C GLN C 355 21.17 9.45 -25.15
N ILE C 356 20.72 10.46 -25.89
CA ILE C 356 19.29 10.69 -26.08
C ILE C 356 18.97 10.59 -27.57
N THR C 357 18.13 9.62 -27.91
CA THR C 357 17.75 9.40 -29.30
C THR C 357 16.23 9.25 -29.41
N GLU C 358 15.65 9.82 -30.47
CA GLU C 358 14.21 9.75 -30.66
C GLU C 358 13.75 8.88 -31.83
N GLY C 359 14.38 7.71 -31.98
CA GLY C 359 14.00 6.81 -33.05
C GLY C 359 12.95 5.82 -32.56
N ASN D 5 0.99 52.38 20.38
CA ASN D 5 -0.01 51.40 19.88
C ASN D 5 0.68 50.32 19.05
N LYS D 6 0.88 49.15 19.65
CA LYS D 6 1.57 48.06 18.98
C LYS D 6 0.89 46.70 19.19
N LEU D 7 1.57 45.65 18.77
CA LEU D 7 1.08 44.28 18.91
C LEU D 7 2.12 43.47 19.68
N GLN D 8 1.70 42.83 20.76
CA GLN D 8 2.62 42.03 21.56
C GLN D 8 2.21 40.57 21.54
N VAL D 9 3.18 39.71 21.24
CA VAL D 9 2.95 38.29 21.18
C VAL D 9 3.88 37.63 22.19
N LYS D 10 3.31 36.92 23.16
CA LYS D 10 4.10 36.23 24.17
C LYS D 10 3.97 34.73 23.95
N ILE D 11 5.09 34.08 23.66
CA ILE D 11 5.11 32.65 23.40
C ILE D 11 5.79 31.90 24.53
N PRO D 12 5.07 30.96 25.17
CA PRO D 12 5.63 30.19 26.27
C PRO D 12 6.69 29.18 25.84
N GLY D 13 7.66 28.97 26.72
CA GLY D 13 8.69 27.99 26.45
C GLY D 13 8.00 26.65 26.63
N LYS D 14 8.74 25.56 26.39
CA LYS D 14 8.14 24.24 26.50
C LYS D 14 9.03 23.27 27.23
N LEU D 15 8.41 22.20 27.73
CA LEU D 15 9.10 21.12 28.44
C LEU D 15 8.47 19.78 28.10
N TYR D 16 9.30 18.82 27.69
CA TYR D 16 8.81 17.48 27.39
C TYR D 16 8.52 16.84 28.75
N VAL D 17 7.32 16.28 28.91
CA VAL D 17 6.96 15.65 30.17
C VAL D 17 7.15 14.15 30.05
N ALA D 18 6.85 13.61 28.88
CA ALA D 18 6.99 12.17 28.65
C ALA D 18 7.03 11.90 27.15
N GLY D 19 7.67 10.79 26.77
CA GLY D 19 7.76 10.40 25.38
C GLY D 19 8.99 10.85 24.58
N GLU D 20 9.96 11.49 25.24
CA GLU D 20 11.17 11.95 24.54
C GLU D 20 11.86 10.87 23.72
N TYR D 21 12.52 11.30 22.64
CA TYR D 21 13.23 10.42 21.73
C TYR D 21 12.31 9.57 20.86
N ALA D 22 11.41 8.83 21.48
CA ALA D 22 10.47 8.01 20.72
C ALA D 22 9.66 8.93 19.79
N VAL D 23 9.38 10.14 20.28
CA VAL D 23 8.58 11.10 19.53
C VAL D 23 9.22 11.53 18.21
N VAL D 24 10.50 11.28 18.03
CA VAL D 24 11.12 11.67 16.76
C VAL D 24 10.53 10.81 15.64
N GLU D 25 10.01 9.65 16.00
CA GLU D 25 9.41 8.74 15.02
C GLU D 25 8.00 9.17 14.65
N SER D 26 7.69 9.13 13.35
CA SER D 26 6.37 9.50 12.88
C SER D 26 5.30 8.70 13.62
N GLY D 27 4.17 9.34 13.90
CA GLY D 27 3.08 8.66 14.56
C GLY D 27 3.28 8.29 16.02
N HIS D 28 4.34 8.80 16.63
CA HIS D 28 4.57 8.51 18.05
C HIS D 28 4.14 9.69 18.91
N THR D 29 3.57 9.39 20.07
CA THR D 29 3.05 10.41 20.97
C THR D 29 3.93 10.79 22.15
N ALA D 30 3.90 12.09 22.49
CA ALA D 30 4.64 12.62 23.62
C ALA D 30 3.72 13.58 24.39
N ILE D 31 4.07 13.85 25.63
CA ILE D 31 3.29 14.76 26.46
C ILE D 31 4.17 15.98 26.72
N LEU D 32 3.63 17.17 26.53
CA LEU D 32 4.39 18.39 26.79
C LEU D 32 3.54 19.43 27.50
N THR D 33 4.21 20.34 28.19
CA THR D 33 3.55 21.43 28.90
C THR D 33 4.29 22.71 28.56
N ALA D 34 3.55 23.80 28.38
CA ALA D 34 4.17 25.09 28.11
C ALA D 34 4.53 25.63 29.48
N VAL D 35 5.51 26.54 29.56
CA VAL D 35 5.93 27.08 30.84
C VAL D 35 5.70 28.58 30.96
N ASN D 36 5.69 29.07 32.20
CA ASN D 36 5.47 30.49 32.48
C ASN D 36 6.65 31.40 32.17
N ARG D 37 7.47 31.00 31.20
CA ARG D 37 8.61 31.82 30.77
C ARG D 37 8.37 32.07 29.29
N TYR D 38 8.44 33.32 28.88
CA TYR D 38 8.12 33.67 27.50
C TYR D 38 9.14 34.36 26.61
N ILE D 39 8.82 34.30 25.32
CA ILE D 39 9.58 34.96 24.27
C ILE D 39 8.58 36.05 23.92
N THR D 40 8.96 37.31 24.07
CA THR D 40 8.04 38.39 23.76
C THR D 40 8.46 39.08 22.47
N LEU D 41 7.55 39.11 21.50
CA LEU D 41 7.81 39.75 20.22
C LEU D 41 6.81 40.88 20.07
N THR D 42 7.33 42.10 19.92
CA THR D 42 6.49 43.26 19.77
C THR D 42 6.55 43.71 18.31
N LEU D 43 5.39 43.84 17.69
CA LEU D 43 5.31 44.25 16.30
C LEU D 43 4.59 45.57 16.13
N GLU D 44 5.12 46.43 15.26
CA GLU D 44 4.53 47.73 15.02
C GLU D 44 4.80 48.19 13.59
N ASP D 45 3.94 49.06 13.07
CA ASP D 45 4.11 49.58 11.72
C ASP D 45 5.39 50.43 11.72
N SER D 46 6.08 50.46 10.59
CA SER D 46 7.30 51.24 10.48
C SER D 46 7.54 51.71 9.05
N GLU D 47 8.55 52.54 8.86
CA GLU D 47 8.89 53.06 7.54
C GLU D 47 9.53 51.96 6.71
N ARG D 48 10.21 51.05 7.38
CA ARG D 48 10.89 49.94 6.71
C ARG D 48 10.85 48.69 7.60
N ASN D 49 11.09 47.52 7.01
CA ASN D 49 11.11 46.29 7.78
C ASN D 49 12.30 46.36 8.73
N GLU D 50 12.18 45.72 9.89
CA GLU D 50 13.26 45.72 10.87
C GLU D 50 13.05 44.59 11.88
N LEU D 51 14.11 43.82 12.13
CA LEU D 51 14.02 42.71 13.08
C LEU D 51 15.11 42.82 14.13
N TRP D 52 14.72 42.73 15.39
CA TRP D 52 15.66 42.80 16.51
C TRP D 52 15.58 41.52 17.32
N ILE D 53 16.72 40.87 17.54
CA ILE D 53 16.75 39.64 18.33
C ILE D 53 17.80 39.79 19.44
N PRO D 54 17.57 39.15 20.58
CA PRO D 54 18.44 39.15 21.77
C PRO D 54 19.92 38.81 21.60
N HIS D 55 20.32 38.42 20.39
CA HIS D 55 21.72 38.05 20.17
C HIS D 55 22.52 39.07 19.36
N TYR D 56 21.85 40.11 18.89
CA TYR D 56 22.53 41.15 18.11
C TYR D 56 22.13 42.54 18.59
N GLU D 57 23.12 43.39 18.84
CA GLU D 57 22.88 44.74 19.30
C GLU D 57 22.11 45.55 18.26
N ASN D 58 22.43 45.30 16.99
CA ASN D 58 21.78 46.00 15.89
C ASN D 58 20.81 45.10 15.15
N PRO D 59 19.78 45.70 14.52
CA PRO D 59 18.77 44.96 13.77
C PRO D 59 19.17 44.75 12.32
N VAL D 60 18.33 44.04 11.59
CA VAL D 60 18.55 43.80 10.17
C VAL D 60 17.27 44.21 9.46
N SER D 61 17.41 44.69 8.23
CA SER D 61 16.25 45.12 7.47
C SER D 61 16.24 44.35 6.16
N TRP D 62 15.14 44.44 5.43
CA TRP D 62 15.02 43.74 4.16
C TRP D 62 13.85 44.34 3.40
N PRO D 63 13.87 44.23 2.06
CA PRO D 63 12.79 44.78 1.24
C PRO D 63 11.37 44.37 1.59
N ILE D 64 10.43 45.29 1.36
CA ILE D 64 9.03 45.08 1.63
C ILE D 64 8.49 44.02 0.69
N GLY D 65 7.91 42.97 1.27
CA GLY D 65 7.39 41.89 0.46
C GLY D 65 8.55 41.08 -0.11
N GLY D 66 9.76 41.38 0.35
CA GLY D 66 10.93 40.69 -0.15
C GLY D 66 11.55 39.66 0.80
N GLU D 67 12.70 39.14 0.40
CA GLU D 67 13.40 38.12 1.18
C GLU D 67 14.36 38.66 2.24
N LEU D 68 14.38 37.99 3.39
CA LEU D 68 15.27 38.35 4.48
C LEU D 68 16.38 37.29 4.54
N LYS D 69 17.60 37.69 4.21
CA LYS D 69 18.74 36.77 4.23
C LYS D 69 20.00 37.43 4.77
N PRO D 70 20.04 37.68 6.08
CA PRO D 70 21.20 38.32 6.72
C PRO D 70 22.38 37.35 6.80
N ASP D 71 23.58 37.88 7.02
CA ASP D 71 24.79 37.07 7.09
C ASP D 71 25.00 36.40 8.45
N GLY D 72 24.24 36.82 9.44
CA GLY D 72 24.38 36.24 10.77
C GLY D 72 24.24 34.72 10.79
N GLU D 73 24.03 34.19 11.99
CA GLU D 73 23.88 32.75 12.18
C GLU D 73 22.69 32.49 13.10
N HIS D 74 22.42 33.48 13.94
CA HIS D 74 21.32 33.38 14.88
C HIS D 74 20.05 34.01 14.31
N TRP D 75 20.10 34.36 13.03
CA TRP D 75 18.94 34.95 12.36
C TRP D 75 18.16 33.86 11.62
N THR D 76 18.81 32.71 11.42
CA THR D 76 18.22 31.61 10.66
C THR D 76 16.79 31.21 11.02
N PHE D 77 16.57 30.77 12.25
CA PHE D 77 15.22 30.35 12.66
C PHE D 77 14.16 31.43 12.45
N THR D 78 14.43 32.66 12.88
CA THR D 78 13.45 33.73 12.73
C THR D 78 13.32 34.22 11.29
N ALA D 79 14.41 34.22 10.54
CA ALA D 79 14.36 34.67 9.15
C ALA D 79 13.57 33.68 8.29
N GLU D 80 13.77 32.39 8.53
CA GLU D 80 13.05 31.36 7.77
C GLU D 80 11.55 31.52 8.00
N ALA D 81 11.16 31.74 9.25
CA ALA D 81 9.76 31.94 9.60
C ALA D 81 9.20 33.16 8.86
N ILE D 82 9.98 34.23 8.79
CA ILE D 82 9.55 35.43 8.08
C ILE D 82 9.42 35.14 6.59
N ASN D 83 10.41 34.45 6.03
CA ASN D 83 10.39 34.11 4.62
C ASN D 83 9.22 33.22 4.24
N ILE D 84 8.94 32.21 5.06
CA ILE D 84 7.82 31.32 4.77
C ILE D 84 6.50 32.07 4.91
N ALA D 85 6.37 32.87 5.97
CA ALA D 85 5.14 33.65 6.18
C ALA D 85 4.91 34.61 5.01
N THR D 86 5.98 35.23 4.53
CA THR D 86 5.88 36.17 3.41
C THR D 86 5.38 35.47 2.16
N THR D 87 6.04 34.36 1.81
CA THR D 87 5.64 33.60 0.63
C THR D 87 4.18 33.14 0.72
N PHE D 88 3.75 32.75 1.91
CA PHE D 88 2.38 32.29 2.09
C PHE D 88 1.39 33.44 1.90
N LEU D 89 1.62 34.55 2.59
CA LEU D 89 0.74 35.71 2.48
C LEU D 89 0.60 36.16 1.03
N LYS D 90 1.71 36.27 0.32
CA LYS D 90 1.65 36.69 -1.07
C LYS D 90 0.82 35.73 -1.90
N SER D 91 0.99 34.43 -1.64
CA SER D 91 0.23 33.41 -2.36
C SER D 91 -1.25 33.60 -2.12
N GLU D 92 -1.58 34.17 -0.96
CA GLU D 92 -2.97 34.41 -0.59
C GLU D 92 -3.46 35.77 -1.05
N GLY D 93 -2.63 36.47 -1.81
CA GLY D 93 -3.00 37.78 -2.31
C GLY D 93 -2.92 38.85 -1.24
N ILE D 94 -2.26 38.56 -0.12
CA ILE D 94 -2.12 39.52 0.96
C ILE D 94 -0.83 40.30 0.82
N GLU D 95 -0.98 41.61 0.71
CA GLU D 95 0.12 42.54 0.54
C GLU D 95 0.81 42.84 1.87
N LEU D 96 2.13 42.71 1.90
CA LEU D 96 2.88 42.99 3.11
C LEU D 96 3.23 44.47 3.20
N THR D 97 3.26 45.00 4.42
CA THR D 97 3.60 46.38 4.67
C THR D 97 4.70 46.39 5.71
N PRO D 98 5.65 47.34 5.60
CA PRO D 98 6.77 47.42 6.54
C PRO D 98 6.40 47.39 8.02
N VAL D 99 7.08 46.54 8.76
CA VAL D 99 6.86 46.40 10.19
C VAL D 99 8.19 46.26 10.93
N LYS D 100 8.16 46.54 12.23
CA LYS D 100 9.35 46.44 13.06
C LYS D 100 9.07 45.42 14.16
N MSE D 101 9.90 44.40 14.24
CA MSE D 101 9.70 43.37 15.25
C MSE D 101 10.88 43.29 16.19
O MSE D 101 12.03 43.28 15.77
CB MSE D 101 9.48 42.01 14.57
CG MSE D 101 8.23 41.96 13.71
SE MSE D 101 8.02 40.25 12.81
CE MSE D 101 8.77 40.72 11.09
N VAL D 102 10.57 43.23 17.48
CA VAL D 102 11.59 43.14 18.51
C VAL D 102 11.31 41.92 19.37
N ILE D 103 12.33 41.08 19.54
CA ILE D 103 12.18 39.87 20.34
C ILE D 103 12.97 39.89 21.64
N GLU D 104 12.28 39.55 22.73
CA GLU D 104 12.88 39.48 24.05
C GLU D 104 12.69 38.04 24.52
N THR D 105 13.56 37.57 25.39
CA THR D 105 13.47 36.19 25.87
C THR D 105 13.73 36.01 27.36
N GLU D 106 12.96 35.11 27.97
CA GLU D 106 13.11 34.80 29.38
C GLU D 106 13.52 33.34 29.46
N LEU D 107 14.01 32.81 28.34
CA LEU D 107 14.41 31.42 28.24
C LEU D 107 15.92 31.24 28.44
N ILE D 108 16.62 32.33 28.69
CA ILE D 108 18.07 32.29 28.89
C ILE D 108 18.41 32.54 30.35
N ASP D 109 19.41 31.81 30.85
CA ASP D 109 19.84 31.97 32.23
C ASP D 109 20.68 33.25 32.35
N GLN D 110 20.84 33.75 33.57
CA GLN D 110 21.62 34.96 33.80
C GLN D 110 23.03 34.79 33.23
N SER D 111 23.47 33.54 33.13
CA SER D 111 24.80 33.23 32.60
C SER D 111 24.82 33.36 31.08
N GLY D 112 23.68 33.09 30.45
CA GLY D 112 23.59 33.18 29.00
C GLY D 112 23.30 31.83 28.38
N ALA D 113 23.21 30.80 29.23
CA ALA D 113 22.93 29.45 28.77
C ALA D 113 21.43 29.25 28.69
N LYS D 114 20.98 28.47 27.71
CA LYS D 114 19.56 28.21 27.56
C LYS D 114 19.09 27.14 28.54
N TYR D 115 18.01 27.44 29.26
CA TYR D 115 17.45 26.50 30.22
C TYR D 115 17.03 25.21 29.52
N GLY D 116 16.78 25.31 28.22
CA GLY D 116 16.34 24.15 27.46
C GLY D 116 14.83 24.14 27.39
N LEU D 117 14.26 25.32 27.14
CA LEU D 117 12.82 25.47 27.06
C LEU D 117 12.33 25.64 25.61
N GLY D 118 13.14 25.20 24.67
CA GLY D 118 12.78 25.29 23.26
C GLY D 118 12.79 26.69 22.68
N SER D 119 13.92 27.38 22.82
CA SER D 119 14.07 28.73 22.31
C SER D 119 13.80 28.87 20.82
N SER D 120 14.42 28.01 20.02
CA SER D 120 14.25 28.06 18.56
C SER D 120 12.79 27.91 18.16
N ALA D 121 12.05 27.08 18.89
CA ALA D 121 10.64 26.85 18.60
C ALA D 121 9.77 28.06 18.98
N ALA D 122 9.96 28.59 20.18
CA ALA D 122 9.18 29.73 20.63
C ALA D 122 9.39 30.92 19.71
N ALA D 123 10.64 31.13 19.33
CA ALA D 123 10.98 32.23 18.44
C ALA D 123 10.27 32.06 17.10
N THR D 124 10.27 30.83 16.59
CA THR D 124 9.61 30.54 15.32
C THR D 124 8.12 30.83 15.47
N VAL D 125 7.52 30.27 16.52
CA VAL D 125 6.10 30.45 16.80
C VAL D 125 5.72 31.93 16.98
N ALA D 126 6.60 32.70 17.60
CA ALA D 126 6.31 34.12 17.82
C ALA D 126 6.17 34.85 16.49
N VAL D 127 7.14 34.64 15.60
CA VAL D 127 7.12 35.27 14.29
C VAL D 127 5.87 34.87 13.50
N ILE D 128 5.56 33.58 13.48
CA ILE D 128 4.39 33.14 12.74
C ILE D 128 3.12 33.77 13.31
N ASN D 129 2.99 33.76 14.63
CA ASN D 129 1.82 34.35 15.27
C ASN D 129 1.74 35.85 15.03
N ALA D 130 2.87 36.53 15.12
CA ALA D 130 2.92 37.98 14.90
C ALA D 130 2.48 38.36 13.49
N LEU D 131 3.11 37.75 12.49
CA LEU D 131 2.78 38.05 11.10
C LEU D 131 1.37 37.65 10.69
N MSE D 132 0.89 36.50 11.16
CA MSE D 132 -0.47 36.09 10.81
C MSE D 132 -1.49 37.00 11.48
O MSE D 132 -2.46 37.43 10.87
CB MSE D 132 -0.72 34.63 11.22
CG MSE D 132 0.06 33.59 10.42
SE MSE D 132 -0.14 33.75 8.49
CE MSE D 132 1.59 34.51 8.08
N THR D 133 -1.27 37.30 12.76
CA THR D 133 -2.19 38.18 13.47
C THR D 133 -2.24 39.54 12.76
N LYS D 134 -1.08 40.04 12.36
CA LYS D 134 -0.99 41.32 11.68
C LYS D 134 -1.61 41.33 10.29
N PHE D 135 -1.32 40.31 9.49
CA PHE D 135 -1.83 40.26 8.12
C PHE D 135 -2.92 39.24 7.76
N TYR D 136 -3.11 38.22 8.59
CA TYR D 136 -4.10 37.19 8.29
C TYR D 136 -4.63 36.63 9.61
N PRO D 137 -5.14 37.52 10.48
CA PRO D 137 -5.67 37.13 11.79
C PRO D 137 -6.71 36.02 11.83
N GLU D 138 -7.47 35.85 10.76
CA GLU D 138 -8.49 34.81 10.79
C GLU D 138 -8.00 33.39 10.48
N ILE D 139 -6.71 33.22 10.23
CA ILE D 139 -6.19 31.90 9.92
C ILE D 139 -6.22 30.99 11.14
N SER D 140 -6.61 29.74 10.93
CA SER D 140 -6.71 28.76 12.00
C SER D 140 -5.38 28.52 12.70
N MSE D 141 -5.46 28.02 13.93
CA MSE D 141 -4.28 27.76 14.72
C MSE D 141 -3.51 26.58 14.13
O MSE D 141 -2.27 26.55 14.17
CB MSE D 141 -4.67 27.43 16.15
CG MSE D 141 -3.52 27.57 17.13
SE MSE D 141 -4.11 27.17 18.92
CE MSE D 141 -5.39 28.61 19.13
N LEU D 142 -4.25 25.62 13.58
CA LEU D 142 -3.63 24.45 12.97
C LEU D 142 -2.72 24.87 11.82
N LYS D 143 -3.20 25.80 11.00
CA LYS D 143 -2.40 26.26 9.87
C LYS D 143 -1.19 27.02 10.34
N LYS D 144 -1.32 27.73 11.45
CA LYS D 144 -0.18 28.46 11.98
C LYS D 144 0.85 27.45 12.48
N PHE D 145 0.38 26.36 13.07
CA PHE D 145 1.28 25.33 13.55
C PHE D 145 2.05 24.78 12.35
N LYS D 146 1.32 24.50 11.26
CA LYS D 146 1.93 23.94 10.07
C LYS D 146 3.02 24.86 9.52
N LEU D 147 2.71 26.14 9.40
CA LEU D 147 3.70 27.10 8.90
C LEU D 147 4.94 27.05 9.79
N ALA D 148 4.72 27.06 11.11
CA ALA D 148 5.83 27.03 12.06
C ALA D 148 6.63 25.73 12.02
N ALA D 149 5.93 24.61 11.89
CA ALA D 149 6.58 23.31 11.83
C ALA D 149 7.45 23.23 10.59
N LEU D 150 6.91 23.60 9.44
CA LEU D 150 7.68 23.55 8.20
C LEU D 150 8.93 24.37 8.39
N SER D 151 8.76 25.59 8.88
CA SER D 151 9.88 26.49 9.11
C SER D 151 10.95 25.86 9.98
N HIS D 152 10.55 25.44 11.18
CA HIS D 152 11.49 24.86 12.13
C HIS D 152 12.14 23.58 11.63
N LEU D 153 11.37 22.72 10.97
CA LEU D 153 11.92 21.47 10.48
C LEU D 153 12.98 21.67 9.40
N VAL D 154 12.78 22.63 8.48
CA VAL D 154 13.80 22.81 7.45
C VAL D 154 15.07 23.43 8.01
N VAL D 155 14.97 24.23 9.05
CA VAL D 155 16.17 24.83 9.63
C VAL D 155 16.90 23.86 10.55
N GLN D 156 16.15 23.19 11.41
CA GLN D 156 16.72 22.22 12.35
C GLN D 156 17.25 20.99 11.60
N GLY D 157 16.57 20.60 10.54
CA GLY D 157 17.01 19.44 9.78
C GLY D 157 16.45 18.14 10.34
N ASN D 158 15.94 18.22 11.57
CA ASN D 158 15.34 17.06 12.23
C ASN D 158 14.43 17.59 13.34
N GLY D 159 13.94 16.69 14.18
CA GLY D 159 13.06 17.12 15.25
C GLY D 159 11.63 16.74 14.95
N SER D 160 10.87 16.43 15.99
CA SER D 160 9.47 16.02 15.84
C SER D 160 8.51 17.19 15.70
N CYS D 161 8.97 18.37 16.13
CA CYS D 161 8.17 19.60 16.11
C CYS D 161 7.20 19.62 17.28
N GLY D 162 7.40 18.69 18.21
CA GLY D 162 6.54 18.65 19.39
C GLY D 162 6.74 19.95 20.15
N ASP D 163 7.95 20.48 20.07
CA ASP D 163 8.27 21.74 20.75
C ASP D 163 7.49 22.88 20.10
N ILE D 164 7.41 22.88 18.78
CA ILE D 164 6.66 23.90 18.07
C ILE D 164 5.21 23.85 18.52
N ALA D 165 4.67 22.64 18.63
CA ALA D 165 3.28 22.46 19.05
C ALA D 165 3.00 22.98 20.45
N SER D 166 3.88 22.67 21.39
CA SER D 166 3.67 23.12 22.76
C SER D 166 3.62 24.65 22.84
N CYS D 167 4.59 25.31 22.23
CA CYS D 167 4.65 26.77 22.22
C CYS D 167 3.45 27.38 21.49
N MSE D 168 3.02 26.74 20.42
CA MSE D 168 1.90 27.25 19.64
C MSE D 168 0.56 27.14 20.38
O MSE D 168 -0.25 28.06 20.34
CB MSE D 168 1.82 26.53 18.30
CG MSE D 168 0.65 26.93 17.40
SE MSE D 168 0.69 28.81 16.85
CE MSE D 168 2.20 28.75 15.63
N TYR D 169 0.34 26.02 21.05
CA TYR D 169 -0.91 25.81 21.76
C TYR D 169 -0.90 26.16 23.24
N GLY D 170 0.28 26.22 23.84
CA GLY D 170 0.35 26.52 25.26
C GLY D 170 -0.32 25.41 26.06
N GLY D 171 -0.47 25.61 27.37
CA GLY D 171 -1.10 24.61 28.21
C GLY D 171 -0.40 23.26 28.20
N TRP D 172 -1.18 22.20 28.35
CA TRP D 172 -0.66 20.84 28.35
C TRP D 172 -1.20 20.11 27.14
N ILE D 173 -0.34 19.41 26.42
CA ILE D 173 -0.78 18.68 25.24
C ILE D 173 -0.17 17.30 25.05
N ALA D 174 -0.87 16.49 24.27
CA ALA D 174 -0.40 15.17 23.89
C ALA D 174 -0.10 15.42 22.42
N TYR D 175 1.16 15.27 22.03
CA TYR D 175 1.54 15.52 20.65
C TYR D 175 1.95 14.25 19.90
N THR D 176 1.32 14.02 18.75
CA THR D 176 1.64 12.87 17.91
C THR D 176 2.24 13.38 16.61
N THR D 177 3.53 13.08 16.44
CA THR D 177 4.31 13.49 15.28
C THR D 177 3.73 13.11 13.92
N PHE D 178 3.73 14.08 13.01
CA PHE D 178 3.23 13.85 11.66
C PHE D 178 4.26 13.06 10.85
N ASP D 179 3.84 12.56 9.70
CA ASP D 179 4.73 11.80 8.81
C ASP D 179 5.70 12.81 8.20
N GLN D 180 6.89 12.91 8.79
CA GLN D 180 7.87 13.89 8.30
C GLN D 180 8.43 13.59 6.91
N GLU D 181 8.58 12.32 6.59
CA GLU D 181 9.12 11.95 5.28
C GLU D 181 8.10 12.42 4.25
N TRP D 182 6.83 12.22 4.56
CA TRP D 182 5.73 12.61 3.69
C TRP D 182 5.84 14.11 3.38
N VAL D 183 6.06 14.91 4.42
CA VAL D 183 6.18 16.36 4.27
C VAL D 183 7.44 16.76 3.50
N LYS D 184 8.59 16.22 3.91
CA LYS D 184 9.86 16.55 3.26
C LYS D 184 9.84 16.31 1.76
N HIS D 185 9.33 15.15 1.34
CA HIS D 185 9.27 14.84 -0.08
C HIS D 185 8.41 15.86 -0.83
N ARG D 186 7.31 16.26 -0.23
CA ARG D 186 6.40 17.21 -0.87
C ARG D 186 6.85 18.65 -0.87
N LEU D 187 7.85 18.99 -0.05
CA LEU D 187 8.34 20.35 -0.01
C LEU D 187 8.90 20.76 -1.37
N ALA D 188 9.33 19.76 -2.15
CA ALA D 188 9.91 20.00 -3.46
C ALA D 188 8.89 20.18 -4.59
N TYR D 189 7.66 19.70 -4.42
CA TYR D 189 6.68 19.83 -5.49
C TYR D 189 5.28 20.26 -5.10
N LYS D 190 5.04 20.54 -3.82
CA LYS D 190 3.72 21.00 -3.37
C LYS D 190 3.88 22.42 -2.81
N SER D 191 2.81 23.22 -2.90
CA SER D 191 2.83 24.59 -2.43
C SER D 191 2.45 24.71 -0.95
N LEU D 192 2.76 25.85 -0.35
CA LEU D 192 2.42 26.11 1.03
C LEU D 192 0.91 26.03 1.23
N GLU D 193 0.16 26.65 0.33
CA GLU D 193 -1.30 26.62 0.44
C GLU D 193 -1.78 25.17 0.43
N TRP D 194 -1.14 24.33 -0.39
CA TRP D 194 -1.53 22.92 -0.45
C TRP D 194 -1.29 22.31 0.94
N PHE D 195 -0.12 22.59 1.51
CA PHE D 195 0.21 22.08 2.82
C PHE D 195 -0.78 22.54 3.89
N MSE D 196 -1.27 23.77 3.73
CA MSE D 196 -2.23 24.35 4.69
C MSE D 196 -3.59 23.66 4.69
O MSE D 196 -4.21 23.51 5.74
CB MSE D 196 -2.43 25.84 4.40
CG MSE D 196 -1.21 26.70 4.62
SE MSE D 196 -0.54 26.52 6.42
CE MSE D 196 1.04 25.47 6.01
N LYS D 197 -4.06 23.24 3.52
CA LYS D 197 -5.37 22.62 3.41
C LYS D 197 -5.38 21.10 3.42
N GLU D 198 -4.22 20.49 3.16
CA GLU D 198 -4.11 19.04 3.14
C GLU D 198 -3.88 18.49 4.55
N PRO D 199 -4.62 17.46 4.93
CA PRO D 199 -4.41 16.91 6.27
C PRO D 199 -3.04 16.20 6.30
N TRP D 200 -2.29 16.41 7.38
CA TRP D 200 -0.97 15.80 7.52
C TRP D 200 -1.08 14.42 8.15
N PRO D 201 -0.64 13.37 7.45
CA PRO D 201 -0.70 12.00 7.97
C PRO D 201 -0.12 11.84 9.38
N MSE D 202 -0.86 11.17 10.25
CA MSE D 202 -0.44 10.90 11.62
C MSE D 202 -0.40 12.07 12.60
O MSE D 202 -0.28 11.84 13.80
CB MSE D 202 0.94 10.24 11.62
CG MSE D 202 0.96 8.89 10.95
SE MSE D 202 2.77 8.27 10.74
CE MSE D 202 2.68 7.71 8.89
N LEU D 203 -0.51 13.29 12.11
CA LEU D 203 -0.47 14.44 13.00
C LEU D 203 -1.66 14.51 13.94
N GLN D 204 -1.41 14.84 15.19
CA GLN D 204 -2.49 14.98 16.16
C GLN D 204 -2.01 15.82 17.33
N ILE D 205 -2.81 16.82 17.69
CA ILE D 205 -2.49 17.69 18.81
C ILE D 205 -3.69 17.67 19.73
N GLU D 206 -3.49 17.16 20.95
CA GLU D 206 -4.59 17.05 21.89
C GLU D 206 -4.38 17.86 23.16
N THR D 207 -5.33 18.72 23.46
CA THR D 207 -5.23 19.53 24.67
C THR D 207 -5.61 18.66 25.85
N LEU D 208 -4.80 18.75 26.91
CA LEU D 208 -5.03 17.98 28.11
C LEU D 208 -5.23 18.96 29.27
N GLU D 209 -5.74 18.47 30.38
CA GLU D 209 -5.96 19.33 31.55
C GLU D 209 -4.78 19.24 32.50
N GLU D 210 -4.39 20.38 33.07
CA GLU D 210 -3.28 20.43 34.01
C GLU D 210 -3.52 19.45 35.15
N PRO D 211 -2.58 18.51 35.39
CA PRO D 211 -2.71 17.52 36.46
C PRO D 211 -2.85 18.20 37.82
N VAL D 212 -3.50 17.51 38.75
CA VAL D 212 -3.68 18.04 40.10
C VAL D 212 -2.36 18.06 40.86
N PRO D 213 -1.59 16.96 40.81
CA PRO D 213 -0.30 16.93 41.51
C PRO D 213 0.57 18.13 41.14
N THR D 214 1.28 18.66 42.13
CA THR D 214 2.15 19.81 41.90
C THR D 214 3.32 19.46 41.00
N PHE D 215 3.52 20.29 39.98
CA PHE D 215 4.59 20.09 39.01
C PHE D 215 5.78 20.99 39.33
N SER D 216 6.99 20.42 39.36
CA SER D 216 8.19 21.19 39.65
C SER D 216 9.24 21.02 38.57
N VAL D 217 9.98 22.09 38.32
CA VAL D 217 11.04 22.08 37.30
C VAL D 217 12.38 22.49 37.87
N GLY D 218 13.38 21.63 37.69
CA GLY D 218 14.71 21.92 38.20
C GLY D 218 15.72 21.98 37.06
N TRP D 219 16.47 23.07 36.99
CA TRP D 219 17.48 23.23 35.95
C TRP D 219 18.84 22.74 36.42
N THR D 220 19.33 21.66 35.82
CA THR D 220 20.63 21.10 36.18
C THR D 220 21.73 21.84 35.42
N GLY D 221 21.35 22.96 34.82
CA GLY D 221 22.27 23.81 34.07
C GLY D 221 23.55 23.23 33.50
N THR D 222 23.46 22.11 32.80
CA THR D 222 24.64 21.51 32.21
C THR D 222 24.53 21.60 30.69
N PRO D 223 24.85 22.77 30.12
CA PRO D 223 24.79 23.00 28.67
C PRO D 223 24.93 21.71 27.88
N VAL D 224 23.81 21.24 27.34
CA VAL D 224 23.75 20.01 26.56
C VAL D 224 24.18 20.18 25.10
N SER D 225 25.19 19.42 24.70
CA SER D 225 25.68 19.46 23.33
C SER D 225 24.76 18.56 22.52
N THR D 226 23.48 18.94 22.48
CA THR D 226 22.44 18.19 21.77
C THR D 226 22.98 17.46 20.54
N GLY D 227 23.73 18.19 19.71
CA GLY D 227 24.29 17.61 18.50
C GLY D 227 24.93 16.25 18.73
N LYS D 228 25.45 16.03 19.93
CA LYS D 228 26.09 14.77 20.29
C LYS D 228 25.05 13.79 20.84
N LEU D 229 24.66 14.03 22.08
CA LEU D 229 23.69 13.19 22.78
C LEU D 229 22.64 12.58 21.86
N VAL D 230 21.86 13.44 21.21
CA VAL D 230 20.80 12.99 20.31
C VAL D 230 21.33 12.20 19.11
N SER D 231 22.43 12.66 18.52
CA SER D 231 23.01 11.97 17.36
C SER D 231 23.50 10.58 17.73
N GLN D 232 23.97 10.42 18.96
CA GLN D 232 24.47 9.14 19.42
C GLN D 232 23.32 8.13 19.46
N ILE D 233 22.12 8.62 19.71
CA ILE D 233 20.93 7.77 19.74
C ILE D 233 20.56 7.49 18.29
N HIS D 234 20.72 8.52 17.46
CA HIS D 234 20.42 8.43 16.04
C HIS D 234 21.18 7.26 15.42
N ALA D 235 22.47 7.19 15.75
CA ALA D 235 23.32 6.12 15.25
C ALA D 235 22.92 4.81 15.92
N PHE D 236 22.57 4.89 17.20
CA PHE D 236 22.16 3.72 17.95
C PHE D 236 20.98 3.06 17.25
N LYS D 237 19.98 3.87 16.91
CA LYS D 237 18.79 3.38 16.22
C LYS D 237 19.19 2.39 15.12
N GLN D 238 19.76 2.92 14.06
CA GLN D 238 20.21 2.12 12.92
C GLN D 238 21.47 1.36 13.31
N GLU D 239 21.34 0.49 14.31
CA GLU D 239 22.45 -0.32 14.79
C GLU D 239 21.90 -1.46 15.63
N ASP D 240 20.99 -1.12 16.55
CA ASP D 240 20.37 -2.10 17.43
C ASP D 240 18.85 -2.02 17.30
N SER D 241 18.35 -2.32 16.11
CA SER D 241 16.92 -2.29 15.84
C SER D 241 16.09 -2.91 16.97
N LYS D 242 16.55 -4.03 17.48
CA LYS D 242 15.86 -4.73 18.56
C LYS D 242 15.65 -3.83 19.78
N ASN D 243 16.75 -3.39 20.37
CA ASN D 243 16.71 -2.55 21.56
C ASN D 243 15.99 -1.22 21.34
N TYR D 244 16.09 -0.68 20.12
CA TYR D 244 15.42 0.59 19.83
C TYR D 244 13.94 0.38 19.63
N GLN D 245 13.58 -0.63 18.84
CA GLN D 245 12.17 -0.91 18.60
C GLN D 245 11.52 -1.29 19.92
N HIS D 246 12.31 -1.84 20.82
CA HIS D 246 11.82 -2.23 22.14
C HIS D 246 11.45 -0.97 22.90
N PHE D 247 12.34 0.02 22.83
CA PHE D 247 12.12 1.30 23.47
C PHE D 247 10.82 1.90 22.96
N LEU D 248 10.72 2.05 21.64
CA LEU D 248 9.53 2.61 21.00
C LEU D 248 8.27 1.88 21.44
N THR D 249 8.29 0.55 21.31
CA THR D 249 7.16 -0.29 21.69
C THR D 249 6.73 -0.02 23.13
N ARG D 250 7.71 -0.01 24.03
CA ARG D 250 7.45 0.21 25.44
C ARG D 250 6.90 1.63 25.64
N ASN D 251 7.54 2.60 25.00
CA ASN D 251 7.14 4.00 25.10
C ASN D 251 5.68 4.22 24.72
N ASN D 252 5.22 3.51 23.70
CA ASN D 252 3.84 3.64 23.25
C ASN D 252 2.90 3.10 24.32
N GLU D 253 3.31 2.00 24.97
CA GLU D 253 2.49 1.39 26.01
C GLU D 253 2.32 2.38 27.15
N ILE D 254 3.44 2.88 27.65
CA ILE D 254 3.46 3.82 28.75
C ILE D 254 2.71 5.10 28.42
N MSE D 255 2.82 5.56 27.17
CA MSE D 255 2.15 6.78 26.77
C MSE D 255 0.64 6.63 26.76
O MSE D 255 -0.09 7.58 27.00
CB MSE D 255 2.63 7.24 25.40
CG MSE D 255 2.80 8.74 25.32
SE MSE D 255 4.38 9.35 26.27
CE MSE D 255 3.97 8.87 28.09
N LYS D 256 0.18 5.43 26.47
CA LYS D 256 -1.25 5.16 26.45
C LYS D 256 -1.77 5.30 27.88
N GLN D 257 -0.95 4.89 28.85
CA GLN D 257 -1.30 4.96 30.27
C GLN D 257 -1.35 6.38 30.81
N ILE D 258 -0.27 7.13 30.56
CA ILE D 258 -0.19 8.49 31.03
C ILE D 258 -1.33 9.32 30.48
N ILE D 259 -1.77 9.00 29.26
CA ILE D 259 -2.87 9.72 28.65
C ILE D 259 -4.17 9.37 29.39
N GLN D 260 -4.32 8.10 29.75
CA GLN D 260 -5.51 7.68 30.49
C GLN D 260 -5.49 8.37 31.85
N ALA D 261 -4.31 8.51 32.42
CA ALA D 261 -4.14 9.17 33.71
C ALA D 261 -4.66 10.58 33.61
N PHE D 262 -4.37 11.23 32.48
CA PHE D 262 -4.84 12.58 32.25
C PHE D 262 -6.35 12.56 32.07
N HIS D 263 -6.81 11.66 31.21
CA HIS D 263 -8.23 11.54 30.93
C HIS D 263 -9.11 11.16 32.12
N THR D 264 -8.55 10.41 33.07
CA THR D 264 -9.31 9.99 34.24
C THR D 264 -8.84 10.69 35.52
N LYS D 265 -7.87 11.59 35.38
CA LYS D 265 -7.34 12.32 36.53
C LYS D 265 -6.88 11.36 37.62
N ASP D 266 -6.31 10.24 37.18
CA ASP D 266 -5.79 9.20 38.07
C ASP D 266 -4.36 9.56 38.48
N GLU D 267 -4.22 10.17 39.65
CA GLU D 267 -2.91 10.58 40.14
C GLU D 267 -1.88 9.47 40.35
N GLU D 268 -2.32 8.31 40.82
CA GLU D 268 -1.39 7.20 41.02
C GLU D 268 -0.94 6.62 39.69
N LEU D 269 -1.85 6.58 38.71
CA LEU D 269 -1.48 6.05 37.40
C LEU D 269 -0.48 7.00 36.75
N LEU D 270 -0.56 8.28 37.12
CA LEU D 270 0.35 9.29 36.58
C LEU D 270 1.76 9.08 37.12
N TYR D 271 1.86 8.89 38.44
CA TYR D 271 3.15 8.68 39.08
C TYR D 271 3.82 7.43 38.54
N SER D 272 3.07 6.34 38.50
CA SER D 272 3.61 5.07 38.02
C SER D 272 4.08 5.17 36.57
N SER D 273 3.30 5.83 35.72
CA SER D 273 3.65 5.98 34.31
C SER D 273 4.93 6.77 34.13
N ILE D 274 5.08 7.86 34.87
CA ILE D 274 6.28 8.68 34.76
C ILE D 274 7.51 7.85 35.16
N LYS D 275 7.36 7.05 36.21
CA LYS D 275 8.45 6.21 36.67
C LYS D 275 8.86 5.22 35.58
N GLU D 276 7.87 4.59 34.94
CA GLU D 276 8.15 3.63 33.87
C GLU D 276 8.87 4.27 32.69
N ASN D 277 8.44 5.47 32.33
CA ASN D 277 9.04 6.18 31.20
C ASN D 277 10.48 6.55 31.55
N ARG D 278 10.72 6.90 32.81
CA ARG D 278 12.04 7.28 33.25
C ARG D 278 12.99 6.09 33.16
N ARG D 279 12.45 4.90 33.38
CA ARG D 279 13.26 3.69 33.33
C ARG D 279 13.68 3.33 31.90
N ILE D 280 12.72 3.22 30.99
CA ILE D 280 13.04 2.87 29.61
C ILE D 280 14.04 3.86 29.01
N LEU D 281 14.08 5.08 29.55
CA LEU D 281 15.01 6.09 29.06
C LEU D 281 16.40 5.81 29.59
N GLN D 282 16.47 5.33 30.83
CA GLN D 282 17.75 4.99 31.44
C GLN D 282 18.26 3.78 30.68
N GLU D 283 17.35 2.84 30.43
CA GLU D 283 17.68 1.63 29.70
C GLU D 283 18.21 2.00 28.32
N LEU D 284 17.49 2.86 27.63
CA LEU D 284 17.89 3.31 26.30
C LEU D 284 19.33 3.80 26.33
N GLY D 285 19.60 4.79 27.16
CA GLY D 285 20.93 5.35 27.28
C GLY D 285 21.97 4.31 27.68
N THR D 286 21.59 3.44 28.60
CA THR D 286 22.47 2.37 29.07
C THR D 286 23.01 1.57 27.90
N LYS D 287 22.15 0.70 27.36
CA LYS D 287 22.49 -0.15 26.23
C LYS D 287 22.74 0.65 24.95
N ALA D 288 23.26 1.87 25.12
CA ALA D 288 23.55 2.73 23.99
C ALA D 288 24.81 3.56 24.31
N GLY D 289 25.36 3.34 25.49
CA GLY D 289 26.55 4.06 25.91
C GLY D 289 26.33 5.56 25.92
N VAL D 290 25.16 5.97 26.37
CA VAL D 290 24.83 7.39 26.45
C VAL D 290 24.42 7.76 27.86
N ASN D 291 24.59 9.03 28.21
CA ASN D 291 24.24 9.52 29.53
C ASN D 291 23.12 10.55 29.47
N ILE D 292 21.92 10.09 29.13
CA ILE D 292 20.77 10.99 29.06
C ILE D 292 20.55 11.60 30.44
N GLU D 293 20.49 10.73 31.46
CA GLU D 293 20.29 11.18 32.83
C GLU D 293 21.65 11.31 33.53
N THR D 294 22.09 12.55 33.71
CA THR D 294 23.36 12.81 34.39
C THR D 294 23.21 12.48 35.86
N SER D 295 24.22 12.81 36.65
CA SER D 295 24.19 12.54 38.08
C SER D 295 23.16 13.44 38.75
N LEU D 296 23.25 14.73 38.47
CA LEU D 296 22.34 15.71 39.04
C LEU D 296 20.91 15.37 38.67
N LEU D 297 20.72 14.93 37.42
CA LEU D 297 19.39 14.54 36.94
C LEU D 297 18.90 13.34 37.75
N LYS D 298 19.79 12.36 37.93
CA LYS D 298 19.46 11.16 38.68
C LYS D 298 18.94 11.52 40.06
N GLU D 299 19.62 12.46 40.71
CA GLU D 299 19.25 12.92 42.05
C GLU D 299 17.94 13.68 42.03
N LEU D 300 17.75 14.53 41.03
CA LEU D 300 16.52 15.31 40.90
C LEU D 300 15.35 14.34 40.84
N ALA D 301 15.52 13.29 40.06
CA ALA D 301 14.49 12.27 39.89
C ALA D 301 14.30 11.42 41.14
N ASP D 302 15.40 11.01 41.74
CA ASP D 302 15.34 10.18 42.95
C ASP D 302 14.70 10.95 44.10
N SER D 303 15.06 12.22 44.24
CA SER D 303 14.52 13.05 45.31
C SER D 303 13.03 13.34 45.09
N ALA D 304 12.57 13.15 43.87
CA ALA D 304 11.17 13.39 43.53
C ALA D 304 10.32 12.16 43.87
N GLU D 305 10.93 10.98 43.79
CA GLU D 305 10.23 9.74 44.10
C GLU D 305 10.22 9.51 45.60
N ASN D 306 11.37 9.73 46.23
CA ASN D 306 11.49 9.54 47.67
C ASN D 306 10.52 10.47 48.39
N MSE D 307 10.24 11.61 47.77
CA MSE D 307 9.32 12.58 48.35
C MSE D 307 7.89 12.11 48.14
O MSE D 307 6.93 12.81 48.52
CB MSE D 307 9.53 13.95 47.68
CG MSE D 307 8.92 15.12 48.44
SE MSE D 307 9.70 15.36 50.20
CE MSE D 307 11.26 16.40 49.72
N GLY D 308 7.73 10.93 47.56
CA GLY D 308 6.41 10.38 47.32
C GLY D 308 5.90 10.55 45.90
N GLY D 309 6.43 11.52 45.18
CA GLY D 309 6.00 11.76 43.81
C GLY D 309 6.78 10.97 42.77
N ALA D 310 7.06 11.63 41.65
CA ALA D 310 7.80 11.01 40.55
C ALA D 310 8.53 12.10 39.77
N GLY D 311 9.62 11.72 39.11
CA GLY D 311 10.38 12.70 38.34
C GLY D 311 11.20 12.08 37.22
N LYS D 312 11.77 12.94 36.38
CA LYS D 312 12.57 12.48 35.25
C LYS D 312 13.14 13.66 34.49
N SER D 313 14.15 13.39 33.67
CA SER D 313 14.77 14.43 32.87
C SER D 313 13.75 14.94 31.84
N SER D 314 13.87 16.20 31.47
CA SER D 314 12.96 16.80 30.50
C SER D 314 13.64 17.16 29.19
N GLY D 315 13.52 16.28 28.20
CA GLY D 315 14.14 16.53 26.92
C GLY D 315 15.16 15.49 26.52
N SER D 316 16.20 15.93 25.83
CA SER D 316 17.24 15.01 25.36
C SER D 316 18.09 14.50 26.53
N GLY D 317 18.28 15.34 27.54
CA GLY D 317 19.07 14.93 28.70
C GLY D 317 20.47 15.50 28.73
N GLY D 318 21.34 14.91 29.55
CA GLY D 318 22.71 15.37 29.65
C GLY D 318 22.78 16.82 30.12
N GLY D 319 21.82 17.20 30.97
CA GLY D 319 21.80 18.58 31.47
C GLY D 319 20.43 19.21 31.26
N ASP D 320 20.34 20.49 31.58
CA ASP D 320 19.09 21.22 31.45
C ASP D 320 17.99 20.66 32.34
N CYS D 321 16.86 21.37 32.36
CA CYS D 321 15.69 21.03 33.17
C CYS D 321 15.26 19.58 33.37
N GLY D 322 14.74 19.33 34.57
CA GLY D 322 14.23 18.03 34.95
C GLY D 322 12.85 18.33 35.51
N ILE D 323 11.97 17.33 35.56
CA ILE D 323 10.62 17.58 36.06
C ILE D 323 10.15 16.58 37.10
N ALA D 324 9.18 16.99 37.91
CA ALA D 324 8.63 16.12 38.94
C ALA D 324 7.20 16.48 39.29
N PHE D 325 6.47 15.48 39.79
CA PHE D 325 5.08 15.64 40.22
C PHE D 325 5.01 15.23 41.69
N SER D 326 4.48 16.11 42.54
CA SER D 326 4.37 15.80 43.96
C SER D 326 2.93 15.73 44.43
N LYS D 327 2.66 14.83 45.36
CA LYS D 327 1.32 14.61 45.91
C LYS D 327 0.68 15.85 46.50
N THR D 328 1.47 16.71 47.15
CA THR D 328 0.94 17.92 47.75
C THR D 328 1.87 19.11 47.59
N LYS D 329 1.33 20.31 47.77
CA LYS D 329 2.12 21.53 47.65
C LYS D 329 3.29 21.43 48.61
N GLU D 330 2.98 21.11 49.86
CA GLU D 330 3.99 20.97 50.91
C GLU D 330 5.11 20.03 50.47
N LEU D 331 4.72 18.88 49.94
CA LEU D 331 5.71 17.91 49.47
C LEU D 331 6.59 18.57 48.41
N ALA D 332 5.96 19.35 47.54
CA ALA D 332 6.70 20.04 46.49
C ALA D 332 7.65 21.02 47.15
N GLU D 333 7.15 21.71 48.19
CA GLU D 333 7.94 22.68 48.94
C GLU D 333 9.23 22.02 49.41
N LYS D 334 9.08 20.93 50.15
CA LYS D 334 10.21 20.18 50.67
C LYS D 334 11.17 19.77 49.56
N LEU D 335 10.62 19.23 48.48
CA LEU D 335 11.43 18.79 47.36
C LEU D 335 12.25 19.93 46.75
N VAL D 336 11.62 21.09 46.61
CA VAL D 336 12.31 22.24 46.04
C VAL D 336 13.59 22.54 46.80
N ASN D 337 13.48 22.65 48.13
CA ASN D 337 14.65 22.92 48.95
C ASN D 337 15.60 21.72 48.85
N GLU D 338 15.01 20.53 48.86
CA GLU D 338 15.78 19.30 48.75
C GLU D 338 16.69 19.39 47.53
N TRP D 339 16.15 19.95 46.44
CA TRP D 339 16.92 20.12 45.21
C TRP D 339 17.95 21.23 45.37
N GLU D 340 17.47 22.41 45.76
CA GLU D 340 18.32 23.58 45.95
C GLU D 340 19.60 23.23 46.71
N LYS D 341 19.54 22.22 47.55
CA LYS D 341 20.71 21.80 48.32
C LYS D 341 21.64 21.01 47.41
N LEU D 342 21.06 20.19 46.55
CA LEU D 342 21.82 19.37 45.61
C LEU D 342 22.44 20.20 44.48
N GLY D 343 22.16 21.49 44.47
CA GLY D 343 22.69 22.36 43.44
C GLY D 343 21.73 22.63 42.30
N ILE D 344 20.59 21.95 42.31
CA ILE D 344 19.59 22.11 41.27
C ILE D 344 18.84 23.44 41.44
N LYS D 345 18.71 24.20 40.35
CA LYS D 345 18.02 25.48 40.39
C LYS D 345 16.52 25.35 40.09
N HIS D 346 15.70 25.58 41.10
CA HIS D 346 14.25 25.49 40.94
C HIS D 346 13.78 26.57 39.98
N LEU D 347 12.71 26.29 39.26
CA LEU D 347 12.14 27.25 38.31
C LEU D 347 10.62 27.34 38.50
N PRO D 348 10.16 28.25 39.37
CA PRO D 348 8.73 28.44 39.65
C PRO D 348 7.88 28.17 38.43
N PHE D 349 7.04 27.14 38.52
CA PHE D 349 6.19 26.74 37.40
C PHE D 349 4.75 27.24 37.44
N HIS D 350 4.23 27.51 36.25
CA HIS D 350 2.88 27.97 36.03
C HIS D 350 2.62 27.66 34.55
N THR D 351 1.67 26.79 34.27
CA THR D 351 1.36 26.42 32.89
C THR D 351 1.37 27.63 31.97
N GLY D 352 2.23 27.58 30.95
CA GLY D 352 2.33 28.67 30.01
C GLY D 352 1.11 28.87 29.13
N ARG D 353 0.87 30.12 28.75
CA ARG D 353 -0.27 30.45 27.90
C ARG D 353 0.15 31.45 26.84
N VAL D 354 -0.29 31.22 25.61
CA VAL D 354 0.02 32.14 24.52
C VAL D 354 -0.78 33.40 24.78
N GLN D 355 -0.08 34.54 24.79
CA GLN D 355 -0.74 35.82 25.05
C GLN D 355 -0.46 36.80 23.92
N ILE D 356 -1.50 37.11 23.14
CA ILE D 356 -1.39 38.05 22.04
C ILE D 356 -2.24 39.27 22.37
N THR D 357 -1.60 40.43 22.48
CA THR D 357 -2.30 41.66 22.83
C THR D 357 -1.99 42.84 21.90
N GLU D 358 -2.96 43.74 21.74
CA GLU D 358 -2.80 44.91 20.89
C GLU D 358 -2.81 46.19 21.72
N GLY D 359 -2.52 46.07 23.02
CA GLY D 359 -2.51 47.23 23.89
C GLY D 359 -1.59 48.34 23.44
C1 PGE E . -19.27 -5.83 -23.58
O1 PGE E . -19.03 -5.41 -24.96
C2 PGE E . -18.77 -7.22 -23.37
O2 PGE E . -17.97 -7.40 -22.14
C3 PGE E . -17.82 -8.72 -22.31
C4 PGE E . -16.91 -9.42 -21.36
O4 PGE E . -14.55 -9.56 -24.45
C6 PGE E . -14.55 -10.79 -23.74
C5 PGE E . -15.05 -10.64 -22.29
O3 PGE E . -16.14 -9.84 -22.49
#